data_7LHH
#
_entry.id   7LHH
#
loop_
_entity.id
_entity.type
_entity.pdbx_description
1 polymer 'P fimbrial usher protein PapC'
2 polymer 'Chaperone protein PapD'
3 polymer 'Fimbrial adapter PapK'
4 polymer 'P fimbria tip G-adhesin PapG-II'
#
loop_
_entity_poly.entity_id
_entity_poly.type
_entity_poly.pdbx_seq_one_letter_code
_entity_poly.pdbx_strand_id
1 'polypeptide(L)'
;VEFNTDVLDAADKKNIDFTRFSEAGYVLPGQYLLDVIVNGQSISPASLQISFVEPQSSGDKAEKKLPQACLTSDMVRLMG
LTAESLDKVVYWHDGQCADFHGLPGVDIRPDTGAGVLRINMPQARLEYSDATWLPPSRWDDGIPGLMLDYNLNGTVSRNY
QGGDSHQFSYNGTVGGNLGPWRLRADYQGSQEQSRYNGEKTTNRNFTWSRFYLFRAIPRWRANLTLGENNINSDIFRSWS
YTGASLESDDRMLPPRLRGYAPQITGIAETNARVVVSQQGRVLYDSMVPAGPFSIQDLDSSVRGRLDVEVIEQNGRKKTF
QVDTASVPYLTRPGQVRYKLVSGRSRGYGHETEGPVFATGEASWGLSNQWSLYGGAVLAGDYNALAAGAGWDLGVPGTLS
ADITQSVARIEGERTFQGKSWRLSYSKRFDNADADITFAGYRFSERNYMTMEQYLNARYRNDYSSREKEMYTVTLNKNVA
DWNTSFNLQYSRQTYWDIRKTDYYTVSVNRYFNVFGLQGVAVGLSASRSKYLGRDNDSAYLRISVPLGTGTASYSGSMSN
DRYVNMAGYTDTFNDGLDSYSLNAGLNSGGGLTSQRQINAYYSHRSPLANLSANIASLQKGYTSFGVSASGGATITGKDA
ALHAGGMSGGTRLLVDTDGVGGVPVDGGQVVTNRWGTGVVTDISSYYRNTTSVDLKRLPDDVEATRSVVESALTEGAIGY
RKFSVLKGKRLFAILRLADGSQPPFGASVTSEKGRELGMVADEGLAWLSGVTPGETLSVNWDGKIQCQVNVPETAISDQQ
LLLPCTPQK
;
C
2 'polypeptide(L)'
;AVSLDRTRAVFDGSEKSMTLDISNDNKQLPYLAQAWIENENQEKIITGPVIATPPVQRLEPGAKSMVRLSTTPDISKLPQ
DRESLFYFNLREIPPRSEKANVLQIALQTKIKLFYRPAAIKTRPNEVWQDQLILNKVSGGYRIENPTPYYVTVIGLGGSE
KQAEEGEFETVMLSPRSEQTVKSANYNTPYLSYINDYGGRPVLSFICNGSRCSVKKEK
;
D
3 'polypeptide(L)'
;MIKSTGALLLFAALSAGQAIASDVAFRGNLLDRPCHVSGDSLNKHVVFKTRASRDFWYPPGRSPTESFVIRLENCHATAV
GKIVTLTFKGTEEAALPGHLKVTGVNAGRLGIALLDTDGSSLLKPGTSHNKGQGEKVTGNSLELPFGAYVVATPEALRTK
SVVPGDYEATATFELTYR
;
K
4 'polypeptide(L)'
;MKKWFPALLFSLCVSGESSAWNNIVFYSLGDVNSYQGGNVVITQRPQFITSWRPGIATVTWNQCNGPGFADGFWAYYREY
IAWVVFPKKVMTQNGYPLFIEVHNKGSWSEENTGDNDSYFFLKGYKWDERAFDAGNLCQKPGETTRLTEKFDDIIFKVAL
PADLPLGDYSVKIPYTSGMQRHFASYLGARFKIPYNVAKTLPRENEMLFLFKNIGGCRPSAQSLEIKHGDLSINSANNHY
AAQTLSVSCDVPANIRFMLLRNTTPTYSHGKKFSVGLGHGWDSIVSVNGVDTGETTMRWYKAGTQNLTIGSRLYGESSKI
QPGVLSGSATLLMILP
;
G
#
# COMPACT_ATOMS: atom_id res chain seq x y z
CA VAL A 1 -48.94 6.50 -3.70
C VAL A 1 -49.29 5.25 -4.49
N GLU A 2 -49.87 5.45 -5.68
CA GLU A 2 -50.26 4.34 -6.55
C GLU A 2 -49.48 4.43 -7.85
N PHE A 3 -48.85 3.34 -8.25
CA PHE A 3 -48.08 3.31 -9.47
C PHE A 3 -48.89 2.66 -10.59
N ASN A 4 -48.31 2.61 -11.79
CA ASN A 4 -49.01 2.03 -12.93
C ASN A 4 -48.86 0.51 -12.97
N THR A 5 -49.93 -0.18 -12.57
CA THR A 5 -49.93 -1.63 -12.53
C THR A 5 -50.16 -2.24 -13.92
N ASP A 6 -50.87 -1.53 -14.79
CA ASP A 6 -51.18 -2.04 -16.12
C ASP A 6 -50.07 -2.08 -17.16
N VAL A 7 -49.17 -1.10 -17.12
CA VAL A 7 -48.11 -1.04 -18.13
C VAL A 7 -46.90 -1.90 -17.80
N LEU A 8 -46.91 -3.15 -18.25
CA LEU A 8 -45.85 -4.11 -18.03
C LEU A 8 -45.93 -5.20 -19.09
N ASP A 9 -44.77 -5.69 -19.52
CA ASP A 9 -44.70 -6.77 -20.50
C ASP A 9 -44.95 -8.12 -19.85
N ALA A 10 -46.21 -8.43 -19.51
CA ALA A 10 -46.53 -9.69 -18.88
C ALA A 10 -47.91 -10.16 -19.32
N ALA A 11 -48.01 -11.47 -19.59
CA ALA A 11 -49.27 -12.06 -20.00
C ALA A 11 -50.20 -12.30 -18.81
N ASP A 12 -49.67 -12.28 -17.59
CA ASP A 12 -50.44 -12.53 -16.38
C ASP A 12 -50.59 -11.27 -15.54
N LYS A 13 -51.83 -10.98 -15.13
CA LYS A 13 -52.08 -9.80 -14.32
C LYS A 13 -52.12 -10.09 -12.82
N LYS A 14 -51.01 -10.63 -12.30
CA LYS A 14 -50.83 -10.89 -10.88
C LYS A 14 -49.62 -10.07 -10.43
N ASN A 15 -49.88 -8.83 -10.01
CA ASN A 15 -48.83 -7.90 -9.66
C ASN A 15 -49.00 -7.33 -8.26
N ILE A 16 -49.29 -8.18 -7.27
CA ILE A 16 -49.49 -7.68 -5.91
C ILE A 16 -48.16 -7.39 -5.21
N ASP A 17 -47.04 -7.92 -5.72
CA ASP A 17 -45.77 -7.60 -5.08
C ASP A 17 -45.05 -6.59 -5.94
N PHE A 18 -45.63 -6.21 -7.09
CA PHE A 18 -45.00 -5.22 -7.94
C PHE A 18 -45.29 -3.82 -7.43
N THR A 19 -46.49 -3.62 -6.89
CA THR A 19 -46.84 -2.33 -6.34
C THR A 19 -46.22 -2.27 -4.96
N ARG A 20 -46.19 -3.42 -4.27
CA ARG A 20 -45.65 -3.51 -2.91
C ARG A 20 -44.15 -3.28 -2.74
N PHE A 21 -43.31 -3.83 -3.64
CA PHE A 21 -41.86 -3.65 -3.54
C PHE A 21 -41.45 -2.23 -3.91
N SER A 22 -42.09 -1.68 -4.94
CA SER A 22 -41.95 -0.31 -5.44
C SER A 22 -42.33 0.70 -4.35
N GLU A 23 -43.46 0.44 -3.69
CA GLU A 23 -43.94 1.28 -2.60
C GLU A 23 -43.12 1.06 -1.33
N ALA A 24 -42.57 -0.15 -1.18
CA ALA A 24 -41.76 -0.53 -0.04
C ALA A 24 -40.32 -0.03 -0.14
N GLY A 25 -39.96 0.54 -1.30
CA GLY A 25 -38.62 1.05 -1.56
C GLY A 25 -38.13 2.28 -0.82
N TYR A 26 -38.75 2.70 0.30
CA TYR A 26 -38.27 3.80 1.10
C TYR A 26 -37.16 3.12 1.91
N VAL A 27 -37.54 2.36 2.94
CA VAL A 27 -36.63 1.51 3.66
C VAL A 27 -37.11 0.09 3.41
N LEU A 28 -36.23 -0.76 2.91
CA LEU A 28 -36.64 -2.12 2.62
C LEU A 28 -36.34 -3.00 3.83
N PRO A 29 -37.34 -3.66 4.44
CA PRO A 29 -37.05 -4.54 5.58
C PRO A 29 -36.51 -5.90 5.16
N GLY A 30 -35.27 -5.92 4.68
CA GLY A 30 -34.61 -7.13 4.23
C GLY A 30 -33.20 -7.18 4.75
N GLN A 31 -32.38 -8.09 4.24
CA GLN A 31 -30.99 -8.23 4.67
C GLN A 31 -30.01 -7.98 3.52
N TYR A 32 -29.29 -6.87 3.61
CA TYR A 32 -28.30 -6.50 2.61
C TYR A 32 -26.96 -6.21 3.27
N LEU A 33 -26.00 -5.83 2.46
CA LEU A 33 -24.67 -5.46 2.94
C LEU A 33 -24.50 -3.96 2.67
N LEU A 34 -24.23 -3.21 3.73
CA LEU A 34 -24.06 -1.77 3.65
C LEU A 34 -22.79 -1.38 4.39
N ASP A 35 -22.21 -0.24 4.00
CA ASP A 35 -21.01 0.25 4.64
C ASP A 35 -21.37 1.44 5.52
N VAL A 36 -21.24 1.25 6.83
CA VAL A 36 -21.53 2.29 7.80
C VAL A 36 -20.43 3.36 7.83
N ILE A 37 -20.77 4.58 7.40
CA ILE A 37 -19.83 5.69 7.41
C ILE A 37 -20.29 6.68 8.47
N VAL A 38 -19.39 7.00 9.41
CA VAL A 38 -19.65 7.94 10.48
C VAL A 38 -18.76 9.18 10.31
N ASN A 39 -19.41 10.34 10.11
CA ASN A 39 -18.81 11.66 9.87
C ASN A 39 -17.76 11.76 8.77
N GLY A 40 -17.91 10.95 7.72
CA GLY A 40 -17.02 10.91 6.59
C GLY A 40 -16.13 9.69 6.53
N GLN A 41 -15.60 9.23 7.66
CA GLN A 41 -14.73 8.06 7.69
C GLN A 41 -15.57 6.81 7.92
N SER A 42 -14.95 5.64 7.85
CA SER A 42 -15.65 4.39 8.04
C SER A 42 -15.02 3.50 9.10
N ILE A 43 -15.87 2.84 9.90
CA ILE A 43 -15.38 1.96 10.96
C ILE A 43 -15.19 0.55 10.41
N SER A 44 -15.75 0.26 9.24
CA SER A 44 -15.70 -1.05 8.65
C SER A 44 -15.74 -0.97 7.12
N PRO A 45 -14.68 -1.40 6.43
CA PRO A 45 -14.70 -1.35 4.96
C PRO A 45 -15.47 -2.50 4.33
N ALA A 46 -15.69 -3.58 5.07
CA ALA A 46 -16.39 -4.75 4.56
C ALA A 46 -17.44 -5.27 5.54
N SER A 47 -18.28 -4.37 6.06
CA SER A 47 -19.40 -4.73 6.94
C SER A 47 -20.45 -5.58 6.24
N LEU A 48 -20.55 -6.86 6.61
CA LEU A 48 -21.52 -7.75 5.98
C LEU A 48 -22.88 -7.76 6.68
N GLN A 49 -22.91 -7.79 8.00
CA GLN A 49 -24.16 -7.86 8.76
C GLN A 49 -24.82 -6.50 8.94
N ILE A 50 -25.86 -6.26 8.14
CA ILE A 50 -26.68 -5.05 8.18
C ILE A 50 -28.10 -5.58 8.12
N SER A 51 -28.86 -5.42 9.20
CA SER A 51 -30.22 -5.92 9.24
C SER A 51 -31.29 -4.84 9.30
N PHE A 52 -32.42 -5.11 8.64
CA PHE A 52 -33.57 -4.22 8.59
C PHE A 52 -34.82 -5.02 8.92
N VAL A 53 -35.62 -4.52 9.85
CA VAL A 53 -36.85 -5.19 10.24
C VAL A 53 -37.87 -4.07 10.45
N GLU A 54 -39.15 -4.42 10.38
CA GLU A 54 -40.21 -3.45 10.58
C GLU A 54 -40.42 -3.27 12.07
N PRO A 55 -40.38 -2.03 12.59
CA PRO A 55 -40.56 -1.83 14.04
C PRO A 55 -42.02 -1.91 14.47
N GLN A 56 -42.30 -2.72 15.49
CA GLN A 56 -43.65 -2.84 15.99
C GLN A 56 -43.65 -2.34 17.44
N SER A 57 -42.67 -1.52 17.80
CA SER A 57 -42.62 -0.92 19.13
C SER A 57 -43.68 0.17 19.28
N SER A 58 -43.56 1.23 18.47
CA SER A 58 -44.48 2.35 18.49
C SER A 58 -45.84 2.00 17.90
N GLY A 59 -46.85 1.87 18.77
CA GLY A 59 -48.19 1.57 18.30
C GLY A 59 -48.87 2.84 17.81
N ASP A 60 -49.68 2.69 16.77
CA ASP A 60 -50.37 3.84 16.18
C ASP A 60 -51.72 3.41 15.62
N LYS A 61 -52.45 4.38 15.07
CA LYS A 61 -53.76 4.11 14.48
C LYS A 61 -53.57 3.53 13.09
N ALA A 62 -52.60 4.05 12.32
CA ALA A 62 -52.30 3.62 10.96
C ALA A 62 -51.10 2.68 10.92
N GLU A 63 -50.19 2.86 11.90
CA GLU A 63 -48.93 2.11 12.09
C GLU A 63 -48.00 2.19 10.88
N LYS A 64 -47.98 3.34 10.21
CA LYS A 64 -47.15 3.58 9.05
C LYS A 64 -45.95 4.41 9.49
N LYS A 65 -44.85 3.73 9.81
CA LYS A 65 -43.64 4.38 10.27
C LYS A 65 -42.45 4.02 9.39
N LEU A 66 -41.30 4.53 9.75
CA LEU A 66 -40.11 4.27 8.98
C LEU A 66 -39.21 3.26 9.68
N PRO A 67 -38.81 2.17 9.03
CA PRO A 67 -37.91 1.22 9.67
C PRO A 67 -36.49 1.71 9.60
N GLN A 68 -35.73 1.36 10.63
CA GLN A 68 -34.34 1.76 10.72
C GLN A 68 -33.44 0.53 10.69
N ALA A 69 -32.15 0.76 10.84
CA ALA A 69 -31.16 -0.31 10.83
C ALA A 69 -31.23 -1.08 12.14
N CYS A 70 -31.60 -2.37 12.08
CA CYS A 70 -31.67 -3.21 13.26
C CYS A 70 -30.28 -3.71 13.66
N LEU A 71 -29.45 -2.81 14.18
CA LEU A 71 -28.09 -3.09 14.58
C LEU A 71 -27.92 -4.04 15.76
N THR A 72 -26.87 -4.85 15.71
CA THR A 72 -26.52 -5.76 16.79
C THR A 72 -25.55 -5.01 17.71
N SER A 73 -24.92 -5.70 18.66
CA SER A 73 -24.03 -4.98 19.55
C SER A 73 -22.54 -4.94 19.17
N ASP A 74 -22.10 -5.78 18.21
CA ASP A 74 -20.68 -5.78 17.82
C ASP A 74 -20.22 -4.57 17.03
N MET A 75 -21.02 -4.13 16.04
CA MET A 75 -20.67 -2.96 15.25
C MET A 75 -20.91 -1.65 15.99
N VAL A 76 -21.65 -1.68 17.10
CA VAL A 76 -21.90 -0.47 17.88
C VAL A 76 -20.84 -0.44 18.96
N ARG A 77 -20.16 -1.58 19.23
CA ARG A 77 -19.10 -1.53 20.23
C ARG A 77 -17.75 -1.34 19.56
N LEU A 78 -17.63 -1.65 18.26
CA LEU A 78 -16.36 -1.46 17.57
C LEU A 78 -16.28 -0.08 16.95
N MET A 79 -17.32 0.75 17.10
CA MET A 79 -17.28 2.07 16.49
C MET A 79 -16.56 3.06 17.42
N GLY A 80 -16.52 2.81 18.73
CA GLY A 80 -15.84 3.69 19.65
C GLY A 80 -16.63 4.75 20.39
N LEU A 81 -17.96 4.59 20.55
CA LEU A 81 -18.74 5.55 21.32
C LEU A 81 -18.42 5.48 22.81
N THR A 82 -18.53 6.62 23.49
CA THR A 82 -18.30 6.67 24.93
C THR A 82 -19.56 6.11 25.60
N ALA A 83 -19.58 4.79 25.79
CA ALA A 83 -20.72 4.07 26.35
C ALA A 83 -20.93 4.34 27.84
N GLU A 84 -19.93 4.84 28.58
CA GLU A 84 -20.15 5.10 29.99
C GLU A 84 -20.71 6.49 30.20
N SER A 85 -20.53 7.38 29.23
CA SER A 85 -21.10 8.73 29.30
C SER A 85 -22.58 8.70 29.00
N LEU A 86 -22.96 8.19 27.82
CA LEU A 86 -24.35 8.12 27.38
C LEU A 86 -24.73 6.68 27.12
N ASP A 87 -25.60 6.13 27.98
CA ASP A 87 -26.05 4.74 27.87
C ASP A 87 -27.40 4.60 27.16
N LYS A 88 -27.40 4.83 25.84
CA LYS A 88 -28.63 4.73 25.05
C LYS A 88 -28.62 3.54 24.09
N VAL A 89 -27.52 2.79 24.02
CA VAL A 89 -27.41 1.64 23.14
C VAL A 89 -26.99 0.40 23.91
N VAL A 90 -26.76 0.51 25.21
CA VAL A 90 -26.31 -0.65 25.98
C VAL A 90 -27.52 -1.46 26.45
N TYR A 91 -28.72 -0.86 26.40
CA TYR A 91 -29.95 -1.54 26.80
C TYR A 91 -30.76 -2.04 25.61
N TRP A 92 -30.33 -1.78 24.39
CA TRP A 92 -31.10 -2.21 23.22
C TRP A 92 -30.74 -3.60 22.71
N HIS A 93 -31.76 -4.38 22.39
CA HIS A 93 -31.63 -5.75 21.91
C HIS A 93 -31.69 -5.85 20.38
N ASP A 94 -31.31 -7.01 19.86
CA ASP A 94 -31.31 -7.29 18.43
C ASP A 94 -32.69 -7.61 17.86
N GLY A 95 -33.70 -7.75 18.72
CA GLY A 95 -35.04 -8.07 18.22
C GLY A 95 -35.77 -6.86 17.65
N GLN A 96 -35.62 -5.71 18.28
CA GLN A 96 -36.28 -4.49 17.84
C GLN A 96 -35.32 -3.48 17.23
N CYS A 97 -35.91 -2.52 16.50
CA CYS A 97 -35.18 -1.42 15.87
C CYS A 97 -34.60 -0.48 16.92
N ALA A 98 -33.29 -0.19 16.80
CA ALA A 98 -32.58 0.71 17.70
C ALA A 98 -33.07 2.13 17.47
N ASP A 99 -33.88 2.62 18.40
CA ASP A 99 -34.46 3.95 18.30
C ASP A 99 -33.53 4.99 18.91
N PHE A 100 -33.53 6.17 18.29
CA PHE A 100 -32.69 7.29 18.68
C PHE A 100 -33.46 8.40 19.39
N HIS A 101 -34.44 8.01 20.20
CA HIS A 101 -35.27 8.99 20.91
C HIS A 101 -34.56 9.78 22.01
N GLY A 102 -33.46 9.25 22.54
CA GLY A 102 -32.75 9.94 23.61
C GLY A 102 -31.74 11.00 23.21
N LEU A 103 -31.16 10.96 21.98
CA LEU A 103 -30.17 12.00 21.67
C LEU A 103 -30.54 12.88 20.48
N PRO A 104 -30.27 14.19 20.54
CA PRO A 104 -30.61 15.09 19.43
C PRO A 104 -29.50 15.36 18.40
N GLY A 105 -29.96 15.84 17.24
CA GLY A 105 -29.18 16.28 16.10
C GLY A 105 -28.49 15.28 15.20
N VAL A 106 -28.80 13.99 15.28
CA VAL A 106 -28.17 13.00 14.40
C VAL A 106 -29.21 12.40 13.46
N ASP A 107 -28.94 12.46 12.15
CA ASP A 107 -29.83 11.94 11.12
C ASP A 107 -29.16 10.78 10.38
N ILE A 108 -29.97 9.78 10.01
CA ILE A 108 -29.50 8.59 9.30
C ILE A 108 -30.18 8.42 7.94
N ARG A 109 -29.37 8.28 6.89
CA ARG A 109 -29.90 8.09 5.54
C ARG A 109 -29.48 6.75 4.97
N PRO A 110 -30.29 5.68 5.15
CA PRO A 110 -29.92 4.36 4.60
C PRO A 110 -30.26 4.24 3.13
N ASP A 111 -29.24 4.20 2.29
CA ASP A 111 -29.36 4.05 0.83
C ASP A 111 -28.65 2.78 0.35
N THR A 112 -29.43 1.79 -0.09
CA THR A 112 -28.88 0.51 -0.54
C THR A 112 -28.55 0.61 -2.03
N GLY A 113 -28.92 1.72 -2.68
CA GLY A 113 -28.58 1.91 -4.09
C GLY A 113 -27.12 2.30 -4.24
N ALA A 114 -26.58 3.01 -3.25
CA ALA A 114 -25.19 3.42 -3.24
C ALA A 114 -24.31 2.49 -2.42
N GLY A 115 -24.90 1.59 -1.63
CA GLY A 115 -24.12 0.69 -0.82
C GLY A 115 -23.45 1.33 0.36
N VAL A 116 -24.04 2.39 0.92
CA VAL A 116 -23.43 3.10 2.03
C VAL A 116 -24.50 3.39 3.09
N LEU A 117 -24.07 3.85 4.27
CA LEU A 117 -24.90 4.20 5.42
C LEU A 117 -24.26 5.42 6.06
N ARG A 118 -24.79 6.60 5.74
CA ARG A 118 -24.22 7.82 6.27
C ARG A 118 -24.80 8.28 7.60
N ILE A 119 -23.90 8.59 8.55
CA ILE A 119 -24.26 9.09 9.86
C ILE A 119 -23.47 10.36 10.12
N ASN A 120 -24.18 11.47 10.32
CA ASN A 120 -23.56 12.76 10.60
C ASN A 120 -23.87 13.14 12.04
N MET A 121 -22.83 13.25 12.85
CA MET A 121 -23.03 13.55 14.26
C MET A 121 -21.93 14.42 14.88
N PRO A 122 -22.22 15.14 15.97
CA PRO A 122 -21.18 15.98 16.59
C PRO A 122 -20.13 15.19 17.35
N GLN A 123 -18.98 15.86 17.54
CA GLN A 123 -17.82 15.29 18.23
C GLN A 123 -18.02 15.10 19.73
N ALA A 124 -18.96 15.81 20.34
CA ALA A 124 -19.19 15.74 21.79
C ALA A 124 -19.82 14.43 22.28
N ARG A 125 -20.36 13.59 21.40
CA ARG A 125 -20.97 12.34 21.84
C ARG A 125 -20.00 11.16 21.82
N LEU A 126 -18.94 11.21 21.02
CA LEU A 126 -18.02 10.09 20.88
C LEU A 126 -16.55 10.52 21.05
N GLU A 127 -15.63 9.57 20.91
CA GLU A 127 -14.19 9.75 21.00
C GLU A 127 -13.59 9.96 19.61
N TYR A 128 -12.26 9.94 19.51
CA TYR A 128 -11.66 10.17 18.21
C TYR A 128 -10.69 9.06 17.80
N SER A 129 -10.75 8.66 16.52
CA SER A 129 -9.86 7.66 15.95
C SER A 129 -9.75 7.79 14.44
N ASP A 130 -8.62 7.32 13.90
CA ASP A 130 -8.22 7.37 12.51
C ASP A 130 -7.20 6.27 12.29
N ALA A 131 -6.42 6.38 11.21
CA ALA A 131 -5.30 5.48 10.94
C ALA A 131 -4.22 5.70 12.01
N THR A 132 -4.06 6.94 12.43
CA THR A 132 -3.19 7.31 13.54
C THR A 132 -4.18 7.43 14.70
N TRP A 133 -3.68 7.31 15.94
CA TRP A 133 -4.43 7.38 17.20
C TRP A 133 -5.55 6.35 17.31
N LEU A 134 -5.16 5.09 17.43
CA LEU A 134 -6.04 3.94 17.61
C LEU A 134 -6.66 4.03 19.01
N PRO A 135 -7.85 3.45 19.23
CA PRO A 135 -8.47 3.52 20.55
C PRO A 135 -7.77 2.60 21.53
N PRO A 136 -7.99 2.78 22.85
CA PRO A 136 -7.33 1.88 23.83
C PRO A 136 -7.92 0.48 23.96
N SER A 137 -8.86 0.07 23.12
CA SER A 137 -9.43 -1.27 23.08
C SER A 137 -8.36 -2.27 22.71
N ARG A 138 -8.39 -3.44 23.36
CA ARG A 138 -7.39 -4.45 23.11
C ARG A 138 -7.68 -5.16 21.79
N TRP A 139 -6.63 -5.43 21.04
CA TRP A 139 -6.71 -6.07 19.73
C TRP A 139 -6.60 -7.58 19.85
N ASP A 140 -6.42 -8.24 18.71
CA ASP A 140 -6.34 -9.69 18.68
C ASP A 140 -5.04 -10.24 19.25
N ASP A 141 -5.07 -10.60 20.53
CA ASP A 141 -3.94 -11.21 21.19
C ASP A 141 -4.46 -12.52 21.79
N GLY A 142 -4.46 -13.56 20.98
CA GLY A 142 -4.94 -14.85 21.45
C GLY A 142 -4.15 -15.99 20.85
N ILE A 143 -3.84 -16.96 21.73
CA ILE A 143 -3.02 -18.17 21.52
C ILE A 143 -1.68 -17.86 20.83
N PRO A 144 -0.73 -17.24 21.58
CA PRO A 144 0.56 -16.88 20.97
C PRO A 144 1.43 -18.07 20.61
N GLY A 145 1.56 -19.03 21.50
CA GLY A 145 2.34 -20.21 21.20
C GLY A 145 3.84 -20.02 21.24
N LEU A 146 4.52 -20.49 20.20
CA LEU A 146 5.97 -20.40 20.08
C LEU A 146 6.36 -19.69 18.78
N MET A 147 7.56 -19.10 18.74
CA MET A 147 8.04 -18.37 17.56
C MET A 147 9.53 -18.65 17.36
N LEU A 148 9.86 -19.30 16.25
CA LEU A 148 11.22 -19.64 15.91
C LEU A 148 11.64 -18.92 14.63
N ASP A 149 12.91 -18.55 14.54
CA ASP A 149 13.47 -17.90 13.36
C ASP A 149 14.96 -18.23 13.31
N TYR A 150 15.32 -19.15 12.43
CA TYR A 150 16.69 -19.61 12.28
C TYR A 150 17.45 -18.83 11.23
N ASN A 151 18.76 -18.78 11.41
CA ASN A 151 19.70 -18.14 10.49
C ASN A 151 20.98 -18.97 10.59
N LEU A 152 21.15 -19.88 9.65
CA LEU A 152 22.28 -20.79 9.64
C LEU A 152 22.96 -20.82 8.28
N ASN A 153 24.27 -21.00 8.29
CA ASN A 153 25.06 -21.06 7.07
C ASN A 153 26.00 -22.26 7.08
N GLY A 154 25.93 -23.05 6.03
CA GLY A 154 26.79 -24.20 5.87
C GLY A 154 27.71 -23.91 4.70
N THR A 155 29.01 -24.10 4.92
CA THR A 155 29.96 -23.82 3.85
C THR A 155 31.20 -24.70 3.87
N VAL A 156 31.92 -24.66 2.75
CA VAL A 156 33.13 -25.43 2.55
C VAL A 156 34.30 -24.47 2.52
N SER A 157 35.53 -25.01 2.60
CA SER A 157 36.76 -24.21 2.57
C SER A 157 37.99 -25.01 2.18
N ARG A 158 39.09 -24.29 1.95
CA ARG A 158 40.40 -24.81 1.58
C ARG A 158 41.45 -23.73 1.79
N ASN A 159 42.59 -24.11 2.35
CA ASN A 159 43.67 -23.18 2.60
C ASN A 159 44.80 -23.42 1.61
N TYR A 160 45.92 -22.72 1.82
CA TYR A 160 47.07 -22.88 0.96
C TYR A 160 47.77 -24.18 1.32
N GLN A 161 47.73 -24.55 2.60
CA GLN A 161 48.34 -25.78 3.08
C GLN A 161 47.27 -26.85 3.25
N GLY A 162 46.93 -27.52 2.16
CA GLY A 162 45.93 -28.56 2.19
C GLY A 162 44.51 -28.07 2.14
N GLY A 163 43.56 -28.93 2.55
CA GLY A 163 42.16 -28.57 2.54
C GLY A 163 41.34 -29.19 3.66
N ASP A 164 40.34 -28.44 4.12
CA ASP A 164 39.45 -28.87 5.20
C ASP A 164 38.10 -28.18 5.04
N SER A 165 37.02 -28.97 4.95
CA SER A 165 35.72 -28.32 4.74
C SER A 165 34.52 -28.76 5.59
N HIS A 166 34.38 -28.13 6.76
CA HIS A 166 33.23 -28.37 7.63
C HIS A 166 33.04 -27.11 8.47
N GLN A 167 32.14 -26.22 8.05
CA GLN A 167 31.90 -24.96 8.74
C GLN A 167 30.39 -24.67 8.87
N PHE A 168 29.91 -24.54 10.10
CA PHE A 168 28.49 -24.29 10.34
C PHE A 168 28.16 -23.25 11.42
N SER A 169 27.35 -22.26 11.03
CA SER A 169 26.85 -21.21 11.92
C SER A 169 25.54 -21.65 12.54
N TYR A 170 25.36 -21.37 13.84
CA TYR A 170 24.12 -21.79 14.49
C TYR A 170 23.50 -20.77 15.46
N ASN A 171 22.63 -19.91 14.95
CA ASN A 171 21.96 -18.91 15.79
C ASN A 171 20.44 -18.83 15.55
N GLY A 172 19.73 -18.29 16.54
CA GLY A 172 18.30 -18.12 16.42
C GLY A 172 17.73 -17.62 17.73
N THR A 173 16.56 -16.97 17.65
CA THR A 173 15.87 -16.42 18.83
C THR A 173 14.49 -17.06 19.04
N VAL A 174 14.42 -18.12 19.84
CA VAL A 174 13.15 -18.82 20.01
C VAL A 174 12.63 -18.27 21.35
N GLY A 175 11.38 -18.56 21.67
CA GLY A 175 10.75 -18.05 22.87
C GLY A 175 9.25 -18.17 22.68
N GLY A 176 8.54 -18.24 23.80
CA GLY A 176 7.10 -18.39 23.77
C GLY A 176 6.39 -17.32 24.57
N ASN A 177 5.52 -16.60 23.90
CA ASN A 177 4.76 -15.54 24.53
C ASN A 177 3.53 -16.13 25.22
N LEU A 178 3.13 -15.53 26.34
CA LEU A 178 1.96 -15.97 27.09
C LEU A 178 1.04 -14.79 27.38
N GLY A 179 0.14 -14.50 26.44
CA GLY A 179 -0.78 -13.40 26.56
C GLY A 179 -0.04 -12.10 26.40
N PRO A 180 -0.14 -11.20 27.37
CA PRO A 180 0.61 -9.93 27.26
C PRO A 180 2.08 -10.11 27.63
N TRP A 181 2.41 -11.11 28.44
CA TRP A 181 3.78 -11.39 28.84
C TRP A 181 4.42 -12.15 27.69
N ARG A 182 5.44 -11.56 27.06
CA ARG A 182 6.11 -12.18 25.92
C ARG A 182 7.59 -12.46 26.12
N LEU A 183 8.00 -13.71 25.87
CA LEU A 183 9.36 -14.22 26.05
C LEU A 183 10.11 -14.55 24.76
N ARG A 184 11.42 -14.28 24.74
CA ARG A 184 12.31 -14.62 23.63
C ARG A 184 13.73 -14.88 24.15
N ALA A 185 14.30 -16.03 23.79
CA ALA A 185 15.63 -16.43 24.23
C ALA A 185 16.52 -16.70 23.02
N ASP A 186 17.54 -15.88 22.82
CA ASP A 186 18.45 -16.10 21.69
C ASP A 186 19.65 -16.98 22.04
N TYR A 187 19.77 -18.12 21.37
CA TYR A 187 20.86 -19.05 21.57
C TYR A 187 22.01 -18.68 20.65
N GLN A 188 23.21 -19.14 21.00
CA GLN A 188 24.37 -18.90 20.16
C GLN A 188 25.19 -20.18 20.13
N GLY A 189 25.52 -20.63 18.93
CA GLY A 189 26.30 -21.84 18.78
C GLY A 189 26.96 -21.89 17.43
N SER A 190 27.78 -22.92 17.24
CA SER A 190 28.50 -23.17 16.00
C SER A 190 28.98 -24.62 15.92
N GLN A 191 29.58 -24.95 14.78
CA GLN A 191 30.11 -26.30 14.52
C GLN A 191 31.32 -26.26 13.60
N GLU A 192 32.49 -26.53 14.16
CA GLU A 192 33.73 -26.52 13.41
C GLU A 192 34.43 -27.88 13.47
N GLN A 193 35.08 -28.23 12.35
CA GLN A 193 35.78 -29.49 12.16
C GLN A 193 36.76 -29.32 11.01
N SER A 194 38.01 -29.74 11.22
CA SER A 194 39.02 -29.64 10.17
C SER A 194 39.70 -30.97 9.96
N ARG A 195 39.95 -31.31 8.70
CA ARG A 195 40.54 -32.59 8.33
C ARG A 195 41.82 -32.45 7.50
N TYR A 196 42.96 -32.52 8.15
CA TYR A 196 44.24 -32.45 7.48
C TYR A 196 44.73 -33.89 7.34
N ASN A 197 45.92 -34.07 6.75
CA ASN A 197 46.50 -35.40 6.57
C ASN A 197 46.92 -36.07 7.87
N GLY A 198 47.66 -35.36 8.70
CA GLY A 198 48.10 -35.93 9.95
C GLY A 198 47.28 -35.56 11.16
N GLU A 199 46.20 -34.79 11.00
CA GLU A 199 45.39 -34.38 12.14
C GLU A 199 43.91 -34.19 11.82
N LYS A 200 43.05 -34.75 12.68
CA LYS A 200 41.60 -34.66 12.58
C LYS A 200 41.02 -34.08 13.86
N THR A 201 40.90 -32.76 13.92
CA THR A 201 40.35 -32.12 15.11
C THR A 201 39.02 -31.45 14.82
N THR A 202 38.24 -31.26 15.88
CA THR A 202 36.92 -30.66 15.84
C THR A 202 36.54 -30.14 17.22
N ASN A 203 35.58 -29.21 17.24
CA ASN A 203 35.09 -28.63 18.48
C ASN A 203 33.66 -28.19 18.30
N ARG A 204 32.88 -28.25 19.37
CA ARG A 204 31.49 -27.85 19.34
C ARG A 204 31.21 -26.87 20.47
N ASN A 205 30.49 -25.80 20.16
CA ASN A 205 30.17 -24.83 21.18
C ASN A 205 28.71 -24.42 21.09
N PHE A 206 28.14 -24.16 22.26
CA PHE A 206 26.74 -23.76 22.42
C PHE A 206 26.59 -23.10 23.78
N THR A 207 25.86 -22.00 23.82
CA THR A 207 25.61 -21.30 25.07
C THR A 207 24.32 -20.51 24.98
N TRP A 208 23.78 -20.16 26.15
CA TRP A 208 22.57 -19.36 26.19
C TRP A 208 23.01 -17.93 26.39
N SER A 209 23.13 -17.21 25.28
CA SER A 209 23.54 -15.82 25.26
C SER A 209 22.61 -14.86 25.98
N ARG A 210 21.34 -14.83 25.58
CA ARG A 210 20.40 -13.90 26.16
C ARG A 210 18.98 -14.44 26.17
N PHE A 211 18.39 -14.53 27.35
CA PHE A 211 17.03 -15.01 27.53
C PHE A 211 16.27 -13.89 28.19
N TYR A 212 15.12 -13.54 27.62
CA TYR A 212 14.37 -12.38 28.08
C TYR A 212 12.85 -12.46 27.92
N LEU A 213 12.13 -11.82 28.86
CA LEU A 213 10.67 -11.72 28.90
C LEU A 213 10.22 -10.26 29.09
N PHE A 214 9.08 -9.89 28.48
CA PHE A 214 8.56 -8.52 28.60
C PHE A 214 7.04 -8.38 28.46
N ARG A 215 6.51 -7.27 29.00
CA ARG A 215 5.08 -6.93 28.92
C ARG A 215 4.86 -5.42 28.85
N ALA A 216 4.03 -4.98 27.90
CA ALA A 216 3.75 -3.54 27.76
C ALA A 216 2.46 -3.10 28.47
N ILE A 217 2.47 -1.84 28.93
CA ILE A 217 1.33 -1.22 29.61
C ILE A 217 0.82 -0.01 28.83
N PRO A 218 -0.46 -0.09 28.34
CA PRO A 218 -1.11 1.12 27.70
C PRO A 218 -1.65 2.17 28.67
N ARG A 219 -1.79 1.87 29.96
CA ARG A 219 -2.34 2.84 30.90
C ARG A 219 -1.32 3.89 31.32
N TRP A 220 -0.09 3.47 31.58
CA TRP A 220 0.94 4.40 32.02
C TRP A 220 1.95 4.73 30.94
N ARG A 221 1.78 4.14 29.73
CA ARG A 221 2.63 4.28 28.52
C ARG A 221 4.10 3.93 28.78
N ALA A 222 4.33 2.79 29.44
CA ALA A 222 5.67 2.34 29.78
C ALA A 222 5.73 0.82 29.66
N ASN A 223 6.88 0.34 29.24
CA ASN A 223 7.09 -1.09 29.05
C ASN A 223 7.92 -1.64 30.20
N LEU A 224 7.42 -2.70 30.85
CA LEU A 224 8.17 -3.27 31.94
C LEU A 224 9.20 -4.19 31.31
N THR A 225 10.26 -4.46 32.05
CA THR A 225 11.35 -5.28 31.53
C THR A 225 12.03 -6.05 32.66
N LEU A 226 12.18 -7.37 32.49
CA LEU A 226 12.80 -8.23 33.49
C LEU A 226 13.90 -9.07 32.86
N GLY A 227 15.12 -8.96 33.39
CA GLY A 227 16.23 -9.75 32.89
C GLY A 227 17.53 -9.02 32.62
N GLU A 228 18.31 -9.52 31.66
CA GLU A 228 19.58 -8.92 31.31
C GLU A 228 19.53 -8.15 30.00
N ASN A 229 20.16 -6.97 29.99
CA ASN A 229 20.21 -6.02 28.87
C ASN A 229 21.25 -4.94 29.08
N ASN A 230 21.30 -4.01 28.13
CA ASN A 230 22.19 -2.86 28.16
C ASN A 230 21.39 -1.58 28.02
N ILE A 231 21.90 -0.50 28.60
CA ILE A 231 21.28 0.81 28.53
C ILE A 231 22.11 1.62 27.56
N ASN A 232 21.44 2.42 26.71
CA ASN A 232 22.11 3.27 25.72
C ASN A 232 22.90 4.41 26.38
N SER A 233 23.84 4.96 25.63
CA SER A 233 24.70 6.00 26.19
C SER A 233 24.18 7.42 26.06
N ASP A 234 23.44 7.87 27.07
CA ASP A 234 22.93 9.25 27.08
C ASP A 234 23.98 10.14 27.75
N ILE A 235 24.33 9.84 29.00
CA ILE A 235 25.33 10.58 29.76
C ILE A 235 26.40 9.56 30.14
N PHE A 236 25.99 8.48 30.78
CA PHE A 236 26.83 7.39 31.23
C PHE A 236 27.06 6.47 30.04
N ARG A 237 28.07 5.63 30.12
CA ARG A 237 28.35 4.69 29.05
C ARG A 237 27.43 3.45 29.07
N SER A 238 27.68 2.49 28.19
CA SER A 238 26.85 1.29 28.16
C SER A 238 27.44 0.21 29.08
N TRP A 239 26.55 -0.58 29.67
CA TRP A 239 26.95 -1.59 30.66
C TRP A 239 25.96 -2.74 30.83
N SER A 240 26.50 -3.92 31.16
CA SER A 240 25.68 -5.10 31.39
C SER A 240 25.22 -5.21 32.83
N TYR A 241 24.01 -5.72 33.01
CA TYR A 241 23.40 -5.90 34.32
C TYR A 241 22.31 -6.95 34.21
N THR A 242 21.66 -7.24 35.34
CA THR A 242 20.55 -8.19 35.45
C THR A 242 19.47 -7.64 36.38
N GLY A 243 18.22 -7.64 35.93
CA GLY A 243 17.21 -7.14 36.86
C GLY A 243 16.01 -6.52 36.17
N ALA A 244 15.33 -5.63 36.91
CA ALA A 244 14.12 -4.95 36.47
C ALA A 244 14.42 -3.60 35.80
N SER A 245 13.50 -3.18 34.92
CA SER A 245 13.63 -1.91 34.18
C SER A 245 12.32 -1.31 33.69
N LEU A 246 12.11 -0.01 33.96
CA LEU A 246 10.90 0.68 33.52
C LEU A 246 11.31 1.72 32.49
N GLU A 247 11.11 1.39 31.21
CA GLU A 247 11.52 2.26 30.11
C GLU A 247 10.39 2.79 29.24
N SER A 248 10.78 3.61 28.26
CA SER A 248 9.88 4.34 27.36
C SER A 248 9.23 3.65 26.17
N ASP A 249 8.03 4.11 25.84
CA ASP A 249 7.24 3.68 24.69
C ASP A 249 6.32 4.84 24.38
N ASP A 250 6.54 5.54 23.26
CA ASP A 250 5.72 6.68 22.86
C ASP A 250 5.08 6.39 21.51
N ARG A 251 4.57 5.17 21.34
CA ARG A 251 3.93 4.82 20.08
C ARG A 251 2.43 5.16 20.07
N MET A 252 1.79 5.10 21.24
CA MET A 252 0.34 5.36 21.33
C MET A 252 -0.14 6.79 21.08
N LEU A 253 0.64 7.78 21.48
CA LEU A 253 0.25 9.19 21.37
C LEU A 253 0.16 9.71 19.93
N PRO A 254 -0.83 10.55 19.61
CA PRO A 254 -0.98 11.09 18.25
C PRO A 254 0.07 12.15 17.97
N PRO A 255 0.38 12.44 16.68
CA PRO A 255 1.36 13.50 16.37
C PRO A 255 0.89 14.91 16.68
N ARG A 256 -0.42 15.13 16.83
CA ARG A 256 -0.91 16.45 17.20
C ARG A 256 -0.67 16.62 18.69
N LEU A 257 -0.73 15.50 19.44
CA LEU A 257 -0.46 15.58 20.87
C LEU A 257 1.04 15.46 21.11
N ARG A 258 1.76 14.78 20.21
CA ARG A 258 3.20 14.68 20.38
C ARG A 258 3.89 15.93 19.88
N GLY A 259 3.79 16.19 18.58
CA GLY A 259 4.42 17.37 18.04
C GLY A 259 3.57 18.60 18.23
N TYR A 260 4.24 19.73 18.36
CA TYR A 260 3.57 21.01 18.52
C TYR A 260 4.27 22.05 17.66
N ALA A 261 3.55 22.63 16.73
CA ALA A 261 4.16 23.63 15.88
C ALA A 261 3.98 25.00 16.50
N PRO A 262 4.93 25.93 16.31
CA PRO A 262 4.75 27.30 16.82
C PRO A 262 3.68 28.04 16.01
N GLN A 263 2.87 28.81 16.72
CA GLN A 263 1.75 29.51 16.12
C GLN A 263 2.00 31.01 16.01
N ILE A 264 0.95 31.70 15.56
CA ILE A 264 1.00 33.14 15.37
C ILE A 264 0.94 33.82 16.72
N THR A 265 1.91 34.71 16.98
CA THR A 265 1.99 35.46 18.22
C THR A 265 1.43 36.86 18.05
N GLY A 266 0.47 37.03 17.14
CA GLY A 266 -0.15 38.31 16.94
C GLY A 266 -1.19 38.59 18.03
N ILE A 267 -1.06 39.76 18.64
CA ILE A 267 -1.93 40.21 19.72
C ILE A 267 -2.62 41.48 19.24
N ALA A 268 -3.82 41.35 18.64
CA ALA A 268 -4.46 42.59 18.18
C ALA A 268 -5.41 43.25 19.18
N GLU A 269 -6.59 42.63 19.44
CA GLU A 269 -7.45 43.28 20.44
C GLU A 269 -8.25 42.44 21.44
N THR A 270 -8.78 41.28 21.05
CA THR A 270 -9.72 40.48 21.87
C THR A 270 -9.86 39.00 21.51
N ASN A 271 -10.90 38.34 22.06
CA ASN A 271 -11.27 36.95 21.79
C ASN A 271 -11.86 36.85 20.39
N ALA A 272 -10.99 36.75 19.39
CA ALA A 272 -11.44 36.68 18.02
C ALA A 272 -11.73 35.25 17.56
N ARG A 273 -12.20 35.15 16.32
CA ARG A 273 -12.52 33.89 15.67
C ARG A 273 -11.62 33.69 14.46
N VAL A 274 -10.73 32.70 14.53
CA VAL A 274 -9.81 32.43 13.43
C VAL A 274 -10.43 31.53 12.36
N VAL A 275 -10.09 31.79 11.10
CA VAL A 275 -10.56 31.02 9.95
C VAL A 275 -9.32 30.83 9.09
N VAL A 276 -8.91 29.58 8.89
CA VAL A 276 -7.74 29.22 8.11
C VAL A 276 -8.19 28.20 7.07
N SER A 277 -7.92 28.46 5.80
CA SER A 277 -8.28 27.58 4.71
C SER A 277 -7.06 27.22 3.88
N GLN A 278 -7.07 26.02 3.30
CA GLN A 278 -5.93 25.58 2.50
C GLN A 278 -6.26 25.59 1.00
N GLN A 279 -7.34 24.92 0.61
CA GLN A 279 -7.74 24.83 -0.79
C GLN A 279 -9.20 25.22 -0.96
N GLY A 280 -9.81 25.76 0.10
CA GLY A 280 -11.21 26.10 0.08
C GLY A 280 -11.92 25.22 1.09
N ARG A 281 -11.20 24.89 2.16
CA ARG A 281 -11.70 24.05 3.24
C ARG A 281 -11.14 24.55 4.55
N VAL A 282 -12.03 24.94 5.47
CA VAL A 282 -11.61 25.44 6.77
C VAL A 282 -11.12 24.30 7.65
N LEU A 283 -9.85 24.36 8.05
CA LEU A 283 -9.26 23.33 8.88
C LEU A 283 -9.44 23.68 10.35
N TYR A 284 -9.63 24.97 10.66
CA TYR A 284 -9.81 25.40 12.04
C TYR A 284 -10.68 26.63 12.15
N ASP A 285 -11.74 26.51 12.97
CA ASP A 285 -12.67 27.62 13.21
C ASP A 285 -13.09 27.58 14.68
N SER A 286 -12.40 28.37 15.50
CA SER A 286 -12.68 28.41 16.93
C SER A 286 -12.48 29.80 17.52
N MET A 287 -12.87 29.94 18.79
CA MET A 287 -12.71 31.18 19.53
C MET A 287 -11.42 31.17 20.35
N VAL A 288 -10.52 32.09 20.01
CA VAL A 288 -9.23 32.21 20.70
C VAL A 288 -9.47 33.03 21.97
N PRO A 289 -8.57 33.01 22.96
CA PRO A 289 -8.78 33.85 24.16
C PRO A 289 -8.48 35.32 23.90
N ALA A 290 -8.75 36.12 24.92
CA ALA A 290 -8.54 37.57 24.86
C ALA A 290 -7.06 37.94 24.86
N GLY A 291 -6.70 38.84 23.96
CA GLY A 291 -5.34 39.30 23.86
C GLY A 291 -4.44 38.33 23.11
N PRO A 292 -3.39 37.87 23.77
CA PRO A 292 -2.46 36.94 23.09
C PRO A 292 -3.01 35.53 23.02
N PHE A 293 -2.71 34.88 21.90
CA PHE A 293 -3.16 33.51 21.66
C PHE A 293 -2.07 32.72 20.97
N SER A 294 -2.12 31.40 21.12
CA SER A 294 -1.17 30.51 20.48
C SER A 294 -1.81 29.13 20.32
N ILE A 295 -2.13 28.78 19.09
CA ILE A 295 -2.77 27.50 18.78
C ILE A 295 -1.72 26.44 18.47
N GLN A 296 -1.44 25.58 19.45
CA GLN A 296 -0.47 24.51 19.26
C GLN A 296 -1.21 23.20 19.06
N ASP A 297 -2.52 23.27 18.85
CA ASP A 297 -3.36 22.11 18.61
C ASP A 297 -3.37 21.70 17.14
N LEU A 298 -2.76 22.50 16.26
CA LEU A 298 -2.74 22.20 14.84
C LEU A 298 -1.33 21.94 14.32
N ASP A 299 -1.06 20.66 14.01
CA ASP A 299 0.24 20.25 13.48
C ASP A 299 -0.01 19.30 12.33
N SER A 300 -0.96 19.63 11.45
CA SER A 300 -1.30 18.78 10.32
C SER A 300 -0.35 18.99 9.14
N SER A 301 -0.64 18.35 8.02
CA SER A 301 0.22 18.45 6.84
C SER A 301 -0.21 19.61 5.96
N VAL A 302 0.74 20.51 5.69
CA VAL A 302 0.50 21.68 4.85
C VAL A 302 1.57 21.68 3.76
N ARG A 303 1.17 22.01 2.54
CA ARG A 303 2.09 22.04 1.40
C ARG A 303 1.78 23.27 0.56
N GLY A 304 1.45 24.39 1.20
CA GLY A 304 1.13 25.56 0.40
C GLY A 304 0.76 26.81 1.16
N ARG A 305 -0.05 27.63 0.51
CA ARG A 305 -0.51 28.86 1.13
C ARG A 305 -1.74 28.58 1.97
N LEU A 306 -1.81 29.21 3.12
CA LEU A 306 -2.92 29.07 4.05
C LEU A 306 -3.25 30.48 4.51
N ASP A 307 -4.42 30.97 4.09
CA ASP A 307 -4.82 32.34 4.41
C ASP A 307 -5.42 32.46 5.80
N VAL A 308 -4.60 32.91 6.74
CA VAL A 308 -5.04 33.13 8.11
C VAL A 308 -5.95 34.36 8.14
N GLU A 309 -7.25 34.12 8.23
CA GLU A 309 -8.24 35.18 8.28
C GLU A 309 -8.83 35.24 9.66
N VAL A 310 -8.75 36.41 10.28
CA VAL A 310 -9.25 36.59 11.62
C VAL A 310 -10.58 37.35 11.59
N ILE A 311 -11.51 36.92 12.43
CA ILE A 311 -12.81 37.56 12.55
C ILE A 311 -12.87 38.03 13.99
N GLU A 312 -12.77 39.33 14.20
CA GLU A 312 -12.79 39.87 15.55
C GLU A 312 -14.22 40.06 16.07
N GLN A 313 -14.35 40.57 17.30
CA GLN A 313 -15.67 40.77 17.89
C GLN A 313 -16.36 41.99 17.30
N ASN A 314 -15.59 43.03 16.96
CA ASN A 314 -16.19 44.23 16.38
C ASN A 314 -16.34 44.02 14.88
N GLY A 315 -15.55 43.14 14.28
CA GLY A 315 -15.65 42.88 12.86
C GLY A 315 -14.41 43.26 12.07
N ARG A 316 -13.29 43.47 12.76
CA ARG A 316 -12.05 43.84 12.10
C ARG A 316 -11.37 42.63 11.47
N LYS A 317 -10.62 42.88 10.40
CA LYS A 317 -9.92 41.83 9.69
C LYS A 317 -8.50 42.22 9.29
N LYS A 318 -7.63 41.22 9.16
CA LYS A 318 -6.25 41.42 8.76
C LYS A 318 -5.73 40.16 8.08
N THR A 319 -5.06 40.34 6.94
CA THR A 319 -4.51 39.23 6.16
C THR A 319 -3.01 39.40 6.01
N PHE A 320 -2.26 38.34 6.29
CA PHE A 320 -0.82 38.34 6.18
C PHE A 320 -0.42 36.94 5.73
N GLN A 321 0.76 36.85 5.12
CA GLN A 321 1.24 35.59 4.59
C GLN A 321 2.11 34.84 5.58
N VAL A 322 1.67 33.64 5.94
CA VAL A 322 2.41 32.77 6.84
C VAL A 322 3.09 31.74 5.91
N ASP A 323 4.22 31.21 6.36
CA ASP A 323 4.93 30.23 5.56
C ASP A 323 4.38 28.82 5.74
N THR A 324 4.96 27.88 4.99
CA THR A 324 4.53 26.48 5.09
C THR A 324 5.45 25.85 6.13
N ALA A 325 6.66 26.37 6.27
CA ALA A 325 7.63 25.91 7.26
C ALA A 325 7.23 26.46 8.62
N SER A 326 6.55 25.64 9.43
CA SER A 326 6.10 26.11 10.73
C SER A 326 6.98 25.73 11.90
N VAL A 327 8.25 25.41 11.62
CA VAL A 327 9.40 25.07 12.49
C VAL A 327 9.19 24.31 13.82
N PRO A 328 8.69 23.06 13.79
CA PRO A 328 8.46 22.32 15.05
C PRO A 328 9.75 21.86 15.71
N TYR A 329 9.84 22.13 17.01
CA TYR A 329 11.01 21.78 17.82
C TYR A 329 11.03 20.33 18.27
N LEU A 330 12.19 19.90 18.80
CA LEU A 330 12.32 18.53 19.26
C LEU A 330 12.04 18.42 20.76
N THR A 331 12.10 19.56 21.47
CA THR A 331 11.79 19.61 22.90
C THR A 331 10.30 19.37 23.17
N ARG A 332 9.99 18.62 24.24
CA ARG A 332 8.57 18.38 24.51
C ARG A 332 8.10 18.84 25.89
N PRO A 333 7.49 20.03 25.98
CA PRO A 333 6.96 20.52 27.25
C PRO A 333 5.69 19.84 27.71
N GLY A 334 5.58 19.54 29.00
CA GLY A 334 4.42 18.90 29.59
C GLY A 334 4.57 17.41 29.71
N GLN A 335 5.40 16.81 28.87
CA GLN A 335 5.63 15.39 28.89
C GLN A 335 6.97 15.12 29.57
N VAL A 336 7.01 14.06 30.37
CA VAL A 336 8.21 13.68 31.08
C VAL A 336 8.65 12.35 30.52
N ARG A 337 9.86 11.93 30.88
CA ARG A 337 10.32 10.64 30.42
C ARG A 337 11.16 10.07 31.53
N TYR A 338 11.11 8.76 31.71
CA TYR A 338 11.81 8.16 32.82
C TYR A 338 12.41 6.78 32.62
N LYS A 339 13.42 6.47 33.46
CA LYS A 339 14.08 5.18 33.50
C LYS A 339 14.18 4.71 34.94
N LEU A 340 13.38 3.72 35.30
CA LEU A 340 13.38 3.16 36.65
C LEU A 340 13.90 1.74 36.53
N VAL A 341 15.20 1.60 36.74
CA VAL A 341 15.95 0.37 36.57
C VAL A 341 16.55 -0.01 37.94
N SER A 342 16.62 -1.31 38.24
CA SER A 342 17.21 -1.86 39.46
C SER A 342 17.64 -3.30 39.22
N GLY A 343 18.33 -3.88 40.19
CA GLY A 343 18.80 -5.25 40.04
C GLY A 343 20.26 -5.51 40.36
N ARG A 344 20.85 -6.53 39.74
CA ARG A 344 22.25 -6.92 39.95
C ARG A 344 23.12 -6.75 38.72
N SER A 345 24.43 -6.75 38.89
CA SER A 345 25.31 -6.55 37.75
C SER A 345 25.75 -7.86 37.11
N ARG A 346 25.82 -7.85 35.80
CA ARG A 346 26.23 -9.02 35.03
C ARG A 346 27.65 -8.82 34.55
N GLY A 347 28.53 -9.80 34.80
CA GLY A 347 29.90 -9.66 34.35
C GLY A 347 30.10 -10.19 32.94
N TYR A 348 31.08 -11.07 32.76
CA TYR A 348 31.35 -11.62 31.43
C TYR A 348 30.81 -13.03 31.29
N GLY A 349 30.79 -13.78 32.38
CA GLY A 349 30.26 -15.13 32.32
C GLY A 349 28.74 -15.13 32.39
N HIS A 350 28.18 -16.33 32.21
CA HIS A 350 26.74 -16.49 32.25
C HIS A 350 26.17 -16.44 33.66
N GLU A 351 26.91 -16.95 34.64
CA GLU A 351 26.45 -16.95 36.02
C GLU A 351 27.13 -15.85 36.83
N THR A 352 27.69 -14.84 36.17
CA THR A 352 28.36 -13.75 36.89
C THR A 352 27.43 -12.70 37.47
N GLU A 353 27.40 -12.65 38.80
CA GLU A 353 26.61 -11.72 39.59
C GLU A 353 27.42 -10.54 40.09
N GLY A 354 26.82 -9.72 40.96
CA GLY A 354 27.49 -8.56 41.51
C GLY A 354 26.69 -7.86 42.59
N PRO A 355 26.90 -6.55 42.76
CA PRO A 355 26.15 -5.82 43.79
C PRO A 355 24.74 -5.45 43.34
N VAL A 356 23.93 -5.04 44.32
CA VAL A 356 22.55 -4.65 44.10
C VAL A 356 22.43 -3.12 44.05
N PHE A 357 21.69 -2.62 43.06
CA PHE A 357 21.50 -1.19 42.86
C PHE A 357 20.03 -0.77 42.78
N ALA A 358 19.83 0.55 42.67
CA ALA A 358 18.50 1.16 42.55
C ALA A 358 18.76 2.46 41.81
N THR A 359 18.41 2.52 40.53
CA THR A 359 18.68 3.70 39.69
C THR A 359 17.45 4.43 39.18
N GLY A 360 17.49 5.75 39.25
CA GLY A 360 16.41 6.60 38.78
C GLY A 360 16.95 7.66 37.83
N GLU A 361 16.44 7.64 36.60
CA GLU A 361 16.84 8.61 35.57
C GLU A 361 15.57 9.20 35.00
N ALA A 362 15.44 10.53 35.07
CA ALA A 362 14.25 11.21 34.59
C ALA A 362 14.58 12.54 33.92
N SER A 363 13.61 13.06 33.17
CA SER A 363 13.73 14.35 32.50
C SER A 363 12.40 15.08 32.52
N TRP A 364 12.44 16.40 32.64
CA TRP A 364 11.24 17.21 32.70
C TRP A 364 11.40 18.52 31.94
N GLY A 365 10.41 18.82 31.10
CA GLY A 365 10.39 20.06 30.33
C GLY A 365 9.34 20.99 30.89
N LEU A 366 9.69 22.27 30.98
CA LEU A 366 8.78 23.29 31.47
C LEU A 366 8.21 23.87 30.19
N SER A 367 7.12 24.66 30.26
CA SER A 367 6.62 25.12 28.98
C SER A 367 7.06 26.50 28.51
N ASN A 368 8.36 26.71 28.43
CA ASN A 368 8.94 27.99 28.08
C ASN A 368 10.11 27.58 27.22
N GLN A 369 9.92 26.52 26.44
CA GLN A 369 10.94 25.72 25.73
C GLN A 369 12.31 25.55 26.43
N TRP A 370 12.27 25.21 27.74
CA TRP A 370 13.42 24.89 28.59
C TRP A 370 13.15 23.47 29.08
N SER A 371 14.21 22.68 29.30
CA SER A 371 14.01 21.31 29.78
C SER A 371 15.13 20.75 30.65
N LEU A 372 14.78 20.33 31.86
CA LEU A 372 15.71 19.76 32.83
C LEU A 372 15.76 18.24 32.73
N TYR A 373 16.82 17.65 33.29
CA TYR A 373 17.01 16.21 33.30
C TYR A 373 17.94 15.85 34.46
N GLY A 374 17.48 14.92 35.29
CA GLY A 374 18.25 14.50 36.45
C GLY A 374 18.33 12.99 36.58
N GLY A 375 19.50 12.53 36.98
CA GLY A 375 19.74 11.11 37.15
C GLY A 375 20.30 10.78 38.51
N ALA A 376 19.75 9.74 39.12
CA ALA A 376 20.19 9.30 40.45
C ALA A 376 20.47 7.81 40.44
N VAL A 377 21.71 7.44 40.13
CA VAL A 377 22.14 6.04 40.14
C VAL A 377 22.62 5.73 41.55
N LEU A 378 22.00 4.76 42.23
CA LEU A 378 22.38 4.41 43.59
C LEU A 378 22.59 2.91 43.79
N ALA A 379 23.82 2.52 44.11
CA ALA A 379 24.17 1.13 44.36
C ALA A 379 24.51 0.97 45.84
N GLY A 380 24.91 -0.24 46.21
CA GLY A 380 25.25 -0.53 47.58
C GLY A 380 26.58 0.05 48.05
N ASP A 381 27.49 0.33 47.12
CA ASP A 381 28.78 0.89 47.47
C ASP A 381 29.22 1.96 46.48
N TYR A 382 28.33 2.40 45.60
CA TYR A 382 28.68 3.41 44.61
C TYR A 382 27.50 4.31 44.28
N ASN A 383 27.69 5.62 44.49
CA ASN A 383 26.65 6.62 44.24
C ASN A 383 27.10 7.74 43.34
N ALA A 384 26.23 8.14 42.42
CA ALA A 384 26.56 9.24 41.50
C ALA A 384 25.30 10.05 41.28
N LEU A 385 25.36 11.35 41.53
CA LEU A 385 24.18 12.18 41.35
C LEU A 385 24.36 13.09 40.14
N ALA A 386 23.38 13.07 39.24
CA ALA A 386 23.41 13.85 38.01
C ALA A 386 22.21 14.79 37.92
N ALA A 387 22.46 15.99 37.39
CA ALA A 387 21.43 17.00 37.21
C ALA A 387 21.87 17.92 36.07
N GLY A 388 20.89 18.45 35.33
CA GLY A 388 21.19 19.33 34.23
C GLY A 388 20.02 19.76 33.38
N ALA A 389 20.15 20.91 32.71
CA ALA A 389 19.09 21.46 31.88
C ALA A 389 19.54 21.66 30.42
N GLY A 390 18.55 21.95 29.57
CA GLY A 390 18.75 22.17 28.15
C GLY A 390 17.69 23.10 27.57
N TRP A 391 18.10 24.03 26.72
CA TRP A 391 17.17 24.99 26.13
C TRP A 391 17.58 25.49 24.76
N ASP A 392 16.59 25.85 23.96
CA ASP A 392 16.83 26.41 22.63
C ASP A 392 16.66 27.91 22.71
N LEU A 393 17.70 28.65 22.33
CA LEU A 393 17.63 30.11 22.39
C LEU A 393 17.08 30.72 21.11
N GLY A 394 16.76 29.90 20.11
CA GLY A 394 16.24 30.42 18.86
C GLY A 394 17.28 30.71 17.81
N VAL A 395 17.56 31.99 17.59
CA VAL A 395 18.55 32.41 16.58
C VAL A 395 20.04 32.09 16.86
N PRO A 396 20.60 31.95 18.10
CA PRO A 396 22.02 31.53 18.15
C PRO A 396 22.20 30.02 18.17
N GLY A 397 21.12 29.24 18.17
CA GLY A 397 21.19 27.79 18.20
C GLY A 397 20.51 27.24 19.44
N THR A 398 21.13 26.21 20.02
CA THR A 398 20.61 25.57 21.22
C THR A 398 21.79 25.09 22.07
N LEU A 399 21.57 24.98 23.37
CA LEU A 399 22.59 24.55 24.30
C LEU A 399 21.96 23.65 25.35
N SER A 400 22.81 22.87 26.02
CA SER A 400 22.44 21.95 27.10
C SER A 400 23.70 21.62 27.87
N ALA A 401 23.55 21.48 29.19
CA ALA A 401 24.69 21.20 30.06
C ALA A 401 24.21 20.46 31.29
N ASP A 402 25.11 19.67 31.87
CA ASP A 402 24.81 18.89 33.07
C ASP A 402 26.02 18.60 33.93
N ILE A 403 25.78 18.45 35.23
CA ILE A 403 26.83 18.13 36.18
C ILE A 403 26.60 16.75 36.76
N THR A 404 27.70 16.05 37.09
CA THR A 404 27.58 14.69 37.64
C THR A 404 28.48 14.57 38.88
N GLN A 405 27.85 14.62 40.03
CA GLN A 405 28.53 14.49 41.32
C GLN A 405 28.61 13.01 41.70
N SER A 406 29.80 12.44 41.60
CA SER A 406 30.00 11.03 41.92
C SER A 406 30.96 10.77 43.07
N VAL A 407 30.57 9.85 43.94
CA VAL A 407 31.38 9.44 45.09
C VAL A 407 31.68 7.96 44.82
N ALA A 408 32.89 7.52 45.15
CA ALA A 408 33.25 6.12 44.89
C ALA A 408 34.08 5.60 46.05
N ARG A 409 33.48 4.72 46.85
CA ARG A 409 34.15 4.10 47.99
C ARG A 409 34.44 2.64 47.65
N ILE A 410 35.65 2.39 47.17
CA ILE A 410 36.11 1.04 46.79
C ILE A 410 36.37 0.16 48.01
N GLU A 411 36.55 -1.15 47.75
CA GLU A 411 36.84 -2.13 48.79
C GLU A 411 38.22 -1.96 49.44
N GLY A 412 39.16 -1.31 48.74
CA GLY A 412 40.50 -1.05 49.23
C GLY A 412 40.69 0.24 50.00
N GLU A 413 39.58 0.81 50.53
CA GLU A 413 39.51 2.05 51.32
C GLU A 413 40.10 3.28 50.62
N ARG A 414 39.50 3.65 49.49
CA ARG A 414 39.93 4.82 48.72
C ARG A 414 38.71 5.58 48.21
N THR A 415 38.31 6.61 48.95
CA THR A 415 37.16 7.42 48.59
C THR A 415 37.51 8.53 47.60
N PHE A 416 36.88 8.50 46.43
CA PHE A 416 37.09 9.49 45.37
C PHE A 416 35.81 10.25 45.05
N GLN A 417 35.87 11.57 45.10
CA GLN A 417 34.73 12.44 44.87
C GLN A 417 34.91 13.47 43.76
N GLY A 418 34.02 13.44 42.75
CA GLY A 418 34.11 14.39 41.66
C GLY A 418 32.84 14.94 41.02
N LYS A 419 32.83 16.25 40.70
CA LYS A 419 31.71 16.93 40.03
C LYS A 419 32.17 17.37 38.64
N SER A 420 31.74 16.63 37.60
CA SER A 420 32.15 16.90 36.23
C SER A 420 31.07 17.52 35.37
N TRP A 421 31.43 18.53 34.59
CA TRP A 421 30.45 19.19 33.73
C TRP A 421 30.72 19.01 32.25
N ARG A 422 29.68 18.65 31.52
CA ARG A 422 29.74 18.45 30.08
C ARG A 422 28.69 19.34 29.43
N LEU A 423 29.05 20.03 28.35
CA LEU A 423 28.11 20.90 27.66
C LEU A 423 27.95 20.51 26.19
N SER A 424 26.71 20.53 25.71
CA SER A 424 26.38 20.19 24.33
C SER A 424 25.82 21.43 23.63
N TYR A 425 26.22 21.62 22.37
CA TYR A 425 25.78 22.76 21.59
C TYR A 425 25.44 22.33 20.17
N SER A 426 24.47 23.01 19.57
CA SER A 426 24.09 22.72 18.20
C SER A 426 23.61 23.97 17.46
N LYS A 427 23.07 23.79 16.26
CA LYS A 427 22.65 24.91 15.41
C LYS A 427 21.46 24.54 14.53
N ARG A 428 20.55 25.50 14.37
CA ARG A 428 19.36 25.37 13.53
C ARG A 428 19.70 25.42 12.03
N PHE A 429 18.69 25.21 11.18
CA PHE A 429 18.83 25.26 9.73
C PHE A 429 19.04 26.69 9.26
N ASP A 430 20.29 27.03 8.90
CA ASP A 430 20.60 28.39 8.46
C ASP A 430 20.32 28.67 6.99
N ASN A 431 20.70 29.89 6.55
CA ASN A 431 20.47 30.30 5.17
C ASN A 431 21.43 29.64 4.18
N ALA A 432 22.73 29.63 4.49
CA ALA A 432 23.74 29.03 3.65
C ALA A 432 24.09 27.61 4.08
N ASP A 433 23.11 26.92 4.69
CA ASP A 433 23.16 25.56 5.23
C ASP A 433 24.27 25.41 6.28
N ALA A 434 24.37 26.38 7.19
CA ALA A 434 25.34 26.27 8.26
C ALA A 434 24.66 25.41 9.31
N ASP A 435 25.20 24.21 9.54
CA ASP A 435 24.57 23.30 10.48
C ASP A 435 25.51 22.57 11.43
N ILE A 436 25.70 23.13 12.61
CA ILE A 436 26.48 22.48 13.66
C ILE A 436 25.42 21.60 14.31
N THR A 437 25.53 20.29 14.10
CA THR A 437 24.50 19.43 14.68
C THR A 437 24.88 18.99 16.09
N PHE A 438 26.17 19.04 16.42
CA PHE A 438 26.66 18.69 17.74
C PHE A 438 27.98 19.39 18.02
N ALA A 439 28.15 19.82 19.27
CA ALA A 439 29.38 20.47 19.71
C ALA A 439 29.49 20.17 21.20
N GLY A 440 30.34 19.20 21.55
CA GLY A 440 30.52 18.79 22.92
C GLY A 440 31.82 19.26 23.57
N TYR A 441 31.79 19.30 24.90
CA TYR A 441 32.93 19.73 25.70
C TYR A 441 32.86 19.07 27.08
N ARG A 442 33.64 18.01 27.28
CA ARG A 442 33.64 17.23 28.53
C ARG A 442 34.79 17.48 29.49
N PHE A 443 34.49 18.16 30.59
CA PHE A 443 35.49 18.45 31.63
C PHE A 443 35.65 17.31 32.63
N SER A 444 36.85 16.76 32.73
CA SER A 444 37.10 15.72 33.72
C SER A 444 38.37 15.97 34.54
N GLU A 445 38.63 15.10 35.51
CA GLU A 445 39.74 15.13 36.44
C GLU A 445 40.30 13.68 36.49
N ARG A 446 41.46 13.50 37.13
CA ARG A 446 42.11 12.21 37.30
C ARG A 446 41.42 11.36 38.38
N ASN A 447 40.58 11.98 39.21
CA ASN A 447 39.89 11.35 40.33
C ASN A 447 38.54 10.72 39.99
N TYR A 448 38.32 10.32 38.75
CA TYR A 448 37.02 9.75 38.39
C TYR A 448 36.89 8.24 38.39
N MET A 449 35.63 7.81 38.47
CA MET A 449 35.27 6.40 38.51
C MET A 449 33.84 6.26 38.01
N THR A 450 33.65 5.64 36.84
CA THR A 450 32.31 5.40 36.34
C THR A 450 31.91 4.04 36.87
N MET A 451 30.64 3.64 36.62
CA MET A 451 30.10 2.35 37.08
C MET A 451 30.83 1.14 36.49
N GLU A 452 31.16 1.21 35.19
CA GLU A 452 31.94 0.17 34.52
C GLU A 452 33.36 0.20 35.08
N GLN A 453 33.88 1.41 35.37
CA GLN A 453 35.21 1.57 35.94
C GLN A 453 35.24 1.10 37.37
N TYR A 454 34.11 1.25 38.09
CA TYR A 454 34.01 0.80 39.47
C TYR A 454 33.99 -0.71 39.52
N LEU A 455 33.31 -1.34 38.55
CA LEU A 455 33.27 -2.79 38.54
C LEU A 455 34.55 -3.43 38.02
N ASN A 456 35.28 -2.73 37.13
CA ASN A 456 36.57 -3.32 36.71
C ASN A 456 37.66 -3.06 37.74
N ALA A 457 37.68 -1.91 38.42
CA ALA A 457 38.73 -1.66 39.38
C ALA A 457 38.45 -2.35 40.70
N ARG A 458 37.19 -2.71 40.97
CA ARG A 458 36.86 -3.39 42.20
C ARG A 458 37.26 -4.86 42.17
N TYR A 459 37.09 -5.52 41.04
CA TYR A 459 37.42 -6.95 40.98
C TYR A 459 38.59 -7.34 40.09
N ARG A 460 38.79 -6.65 38.96
CA ARG A 460 39.88 -6.99 38.06
C ARG A 460 41.07 -6.07 38.32
N ASN A 461 40.87 -5.04 39.15
CA ASN A 461 41.89 -4.05 39.58
C ASN A 461 42.74 -3.30 38.57
N ASP A 462 42.15 -2.80 37.49
CA ASP A 462 42.88 -2.02 36.50
C ASP A 462 42.84 -0.54 36.87
N TYR A 463 43.99 0.12 36.81
CA TYR A 463 44.08 1.53 37.17
C TYR A 463 44.53 2.44 36.03
N SER A 464 44.01 2.23 34.83
CA SER A 464 44.36 3.01 33.65
C SER A 464 43.15 3.72 33.03
N SER A 465 43.37 4.23 31.80
CA SER A 465 42.41 5.01 30.98
C SER A 465 41.76 6.23 31.63
N ARG A 466 42.57 7.24 31.95
CA ARG A 466 42.07 8.46 32.54
C ARG A 466 42.08 9.59 31.51
N GLU A 467 40.92 10.24 31.33
CA GLU A 467 40.71 11.31 30.36
C GLU A 467 40.71 12.69 31.02
N LYS A 468 41.40 13.67 30.40
CA LYS A 468 41.46 14.99 31.02
C LYS A 468 40.40 16.03 30.61
N GLU A 469 40.43 16.48 29.34
CA GLU A 469 39.52 17.50 28.78
C GLU A 469 39.59 17.60 27.25
N MET A 470 38.41 17.69 26.57
CA MET A 470 38.38 17.90 25.11
C MET A 470 37.14 18.54 24.53
N TYR A 471 37.21 18.80 23.21
CA TYR A 471 36.16 19.45 22.46
C TYR A 471 36.02 18.85 21.07
N THR A 472 34.78 18.88 20.53
CA THR A 472 34.44 18.39 19.21
C THR A 472 33.35 19.31 18.67
N VAL A 473 33.13 19.28 17.34
CA VAL A 473 32.12 20.08 16.67
C VAL A 473 31.74 19.28 15.41
N THR A 474 30.51 19.45 14.88
CA THR A 474 30.05 18.72 13.68
C THR A 474 29.42 19.67 12.65
N LEU A 475 30.23 20.30 11.79
CA LEU A 475 29.67 21.21 10.79
C LEU A 475 29.52 20.58 9.40
N ASN A 476 28.35 20.79 8.76
CA ASN A 476 28.03 20.24 7.45
C ASN A 476 27.35 21.32 6.61
N LYS A 477 27.88 21.60 5.41
CA LYS A 477 27.33 22.65 4.55
C LYS A 477 27.24 22.31 3.06
N ASN A 478 26.04 22.38 2.50
CA ASN A 478 25.85 22.16 1.07
C ASN A 478 25.72 23.45 0.29
N VAL A 479 25.90 23.36 -1.02
CA VAL A 479 25.80 24.52 -1.91
C VAL A 479 24.87 24.11 -3.05
N ALA A 480 24.14 25.09 -3.60
CA ALA A 480 23.11 24.81 -4.61
C ALA A 480 23.61 24.84 -6.06
N ASP A 481 24.67 24.07 -6.30
CA ASP A 481 25.31 23.81 -7.60
C ASP A 481 26.26 22.68 -7.26
N TRP A 482 26.47 21.77 -8.23
CA TRP A 482 27.34 20.57 -8.22
C TRP A 482 26.95 19.44 -7.26
N ASN A 483 25.84 19.62 -6.51
CA ASN A 483 25.28 18.72 -5.48
C ASN A 483 26.25 18.20 -4.41
N THR A 484 27.07 19.11 -3.88
CA THR A 484 28.09 18.77 -2.90
C THR A 484 27.87 19.32 -1.50
N SER A 485 27.66 18.41 -0.53
CA SER A 485 27.48 18.74 0.88
C SER A 485 28.81 18.66 1.63
N PHE A 486 29.53 19.79 1.71
CA PHE A 486 30.83 19.84 2.35
C PHE A 486 30.75 19.65 3.85
N ASN A 487 31.59 18.75 4.35
CA ASN A 487 31.60 18.40 5.75
C ASN A 487 33.09 18.25 6.05
N LEU A 488 33.68 19.33 6.52
CA LEU A 488 35.08 19.40 6.87
C LEU A 488 34.98 19.16 8.36
N GLN A 489 35.86 18.32 8.89
CA GLN A 489 35.78 18.03 10.32
C GLN A 489 37.08 17.92 11.07
N TYR A 490 36.98 18.04 12.38
CA TYR A 490 38.12 18.00 13.29
C TYR A 490 37.68 17.53 14.66
N SER A 491 38.35 16.50 15.15
CA SER A 491 38.09 15.98 16.48
C SER A 491 39.43 15.81 17.17
N ARG A 492 39.44 16.06 18.47
CA ARG A 492 40.66 16.06 19.27
C ARG A 492 40.53 15.34 20.62
N GLN A 493 41.44 14.42 20.88
CA GLN A 493 41.44 13.72 22.16
C GLN A 493 42.76 13.95 22.88
N THR A 494 42.78 13.61 24.19
CA THR A 494 43.94 13.64 25.12
C THR A 494 43.65 12.93 26.44
N TYR A 495 44.59 12.10 26.88
CA TYR A 495 44.44 11.38 28.13
C TYR A 495 45.29 11.99 29.24
N TRP A 496 45.13 11.47 30.46
CA TRP A 496 45.95 11.92 31.57
C TRP A 496 47.30 11.25 31.41
N ASP A 497 48.36 12.08 31.29
CA ASP A 497 49.79 11.72 31.08
C ASP A 497 50.12 10.67 29.98
N ILE A 498 49.26 10.59 28.96
CA ILE A 498 49.38 9.71 27.80
C ILE A 498 49.11 10.75 26.71
N ARG A 499 49.67 10.55 25.52
CA ARG A 499 49.57 11.52 24.43
C ARG A 499 48.18 11.75 23.82
N LYS A 500 48.10 12.70 22.88
CA LYS A 500 46.84 13.12 22.29
C LYS A 500 46.08 12.25 21.27
N THR A 501 46.71 11.96 20.12
CA THR A 501 46.21 11.23 18.94
C THR A 501 45.03 12.00 18.32
N ASP A 502 45.33 13.26 18.00
CA ASP A 502 44.36 14.19 17.42
C ASP A 502 43.98 13.81 15.99
N TYR A 503 42.68 13.83 15.69
CA TYR A 503 42.19 13.45 14.36
C TYR A 503 41.87 14.58 13.39
N TYR A 504 41.93 14.27 12.10
CA TYR A 504 41.64 15.18 11.00
C TYR A 504 40.92 14.42 9.89
N THR A 505 39.62 14.67 9.72
CA THR A 505 38.83 13.99 8.68
C THR A 505 38.05 14.97 7.82
N VAL A 506 38.18 14.86 6.49
CA VAL A 506 37.50 15.75 5.55
C VAL A 506 36.59 14.95 4.60
N SER A 507 35.68 15.66 3.90
CA SER A 507 34.79 15.05 2.92
C SER A 507 34.21 15.99 1.87
N VAL A 508 33.93 15.42 0.68
CA VAL A 508 33.41 16.09 -0.53
C VAL A 508 32.57 15.07 -1.31
N ASN A 509 31.29 15.38 -1.57
CA ASN A 509 30.42 14.49 -2.37
C ASN A 509 29.90 14.97 -3.74
N ARG A 510 30.65 14.64 -4.79
CA ARG A 510 30.26 15.03 -6.15
C ARG A 510 29.10 14.19 -6.68
N TYR A 511 28.22 14.82 -7.47
CA TYR A 511 27.09 14.12 -8.07
C TYR A 511 26.71 14.81 -9.38
N PHE A 512 26.92 14.10 -10.49
CA PHE A 512 26.68 14.56 -11.87
C PHE A 512 26.69 13.39 -12.85
N ASN A 513 26.56 13.69 -14.14
CA ASN A 513 26.60 12.68 -15.19
C ASN A 513 27.18 13.21 -16.51
N VAL A 514 28.10 12.44 -17.09
CA VAL A 514 28.73 12.73 -18.37
C VAL A 514 28.75 11.40 -19.09
N PHE A 515 28.16 11.36 -20.30
CA PHE A 515 28.00 10.19 -21.19
C PHE A 515 27.26 9.04 -20.52
N GLY A 516 26.27 9.37 -19.68
CA GLY A 516 25.49 8.38 -18.97
C GLY A 516 24.32 9.03 -18.26
N LEU A 517 23.54 8.18 -17.59
CA LEU A 517 22.37 8.64 -16.85
C LEU A 517 22.77 9.25 -15.51
N GLN A 518 21.90 10.11 -14.99
CA GLN A 518 22.13 10.76 -13.70
C GLN A 518 21.86 9.76 -12.58
N GLY A 519 22.71 9.77 -11.55
CA GLY A 519 22.57 8.84 -10.44
C GLY A 519 23.94 8.38 -9.99
N VAL A 520 24.97 8.89 -10.64
CA VAL A 520 26.34 8.57 -10.30
C VAL A 520 26.74 9.35 -9.06
N ALA A 521 26.91 8.66 -7.94
CA ALA A 521 27.27 9.31 -6.69
C ALA A 521 28.74 9.09 -6.36
N VAL A 522 29.48 10.20 -6.24
CA VAL A 522 30.90 10.17 -5.92
C VAL A 522 31.12 10.92 -4.61
N GLY A 523 31.21 10.19 -3.52
CA GLY A 523 31.50 10.75 -2.23
C GLY A 523 32.94 10.39 -1.95
N LEU A 524 33.71 11.37 -1.51
CA LEU A 524 35.11 11.14 -1.24
C LEU A 524 35.46 11.63 0.15
N SER A 525 36.32 10.87 0.82
CA SER A 525 36.75 11.13 2.17
C SER A 525 38.26 10.94 2.28
N ALA A 526 38.85 11.63 3.25
CA ALA A 526 40.28 11.55 3.51
C ALA A 526 40.45 11.76 5.01
N SER A 527 41.21 10.89 5.68
CA SER A 527 41.42 11.00 7.11
C SER A 527 42.89 11.06 7.52
N ARG A 528 43.13 11.66 8.68
CA ARG A 528 44.48 11.83 9.25
C ARG A 528 44.46 11.75 10.76
N SER A 529 45.31 10.91 11.34
CA SER A 529 45.42 10.76 12.78
C SER A 529 46.77 11.29 13.22
N LYS A 530 46.79 12.49 13.77
CA LYS A 530 48.01 13.18 14.18
C LYS A 530 48.53 12.83 15.57
N TYR A 531 49.67 12.15 15.62
CA TYR A 531 50.40 11.83 16.83
C TYR A 531 51.51 12.88 16.87
N LEU A 532 52.46 12.75 17.80
CA LEU A 532 53.58 13.67 17.91
C LEU A 532 54.55 13.45 16.75
N GLY A 533 54.66 12.21 16.29
CA GLY A 533 55.53 11.89 15.19
C GLY A 533 54.88 11.22 13.99
N ARG A 534 53.69 10.63 14.17
CA ARG A 534 53.03 9.91 13.10
C ARG A 534 51.71 10.54 12.67
N ASP A 535 51.46 10.59 11.37
CA ASP A 535 50.21 11.11 10.80
C ASP A 535 49.75 10.17 9.68
N ASN A 536 48.88 9.22 10.03
CA ASN A 536 48.36 8.23 9.09
C ASN A 536 47.31 8.79 8.12
N ASP A 537 47.72 9.04 6.88
CA ASP A 537 46.84 9.58 5.84
C ASP A 537 46.05 8.52 5.04
N SER A 538 44.83 8.26 5.48
CA SER A 538 44.00 7.29 4.76
C SER A 538 42.97 7.98 3.87
N ALA A 539 42.57 7.31 2.78
CA ALA A 539 41.63 7.86 1.81
C ALA A 539 40.92 6.74 1.05
N TYR A 540 39.61 6.88 0.85
CA TYR A 540 38.80 5.92 0.12
C TYR A 540 38.39 6.44 -1.25
N LEU A 541 38.39 5.56 -2.26
CA LEU A 541 38.05 5.90 -3.65
C LEU A 541 37.07 4.88 -4.23
N ARG A 542 36.18 5.35 -5.13
CA ARG A 542 35.20 4.49 -5.80
C ARG A 542 34.68 5.06 -7.09
N ILE A 543 34.29 4.16 -7.99
CA ILE A 543 33.66 4.48 -9.26
C ILE A 543 32.38 3.65 -9.27
N SER A 544 31.22 4.32 -9.24
CA SER A 544 29.93 3.64 -9.24
C SER A 544 28.92 4.30 -10.16
N VAL A 545 28.62 3.63 -11.28
CA VAL A 545 27.66 4.13 -12.28
C VAL A 545 26.59 3.08 -12.49
N PRO A 546 25.33 3.35 -12.13
CA PRO A 546 24.27 2.34 -12.35
C PRO A 546 23.54 2.54 -13.67
N LEU A 547 22.95 1.43 -14.15
CA LEU A 547 22.14 1.47 -15.36
C LEU A 547 20.92 0.60 -15.14
N GLY A 548 20.52 0.43 -13.89
CA GLY A 548 19.34 -0.36 -13.56
C GLY A 548 19.56 -1.84 -13.31
N THR A 549 19.93 -2.58 -14.36
CA THR A 549 20.16 -4.03 -14.19
C THR A 549 21.68 -4.21 -14.25
N GLY A 550 22.42 -3.14 -14.34
CA GLY A 550 23.87 -3.21 -14.33
C GLY A 550 24.41 -2.04 -13.56
N THR A 551 25.51 -2.25 -12.87
CA THR A 551 26.14 -1.20 -12.07
C THR A 551 27.64 -1.51 -12.00
N ALA A 552 28.43 -0.68 -12.68
CA ALA A 552 29.87 -0.90 -12.66
C ALA A 552 30.41 -0.35 -11.34
N SER A 553 30.89 -1.25 -10.50
CA SER A 553 31.40 -0.86 -9.20
C SER A 553 32.91 -1.08 -9.14
N TYR A 554 33.58 -0.16 -8.46
CA TYR A 554 35.02 -0.14 -8.26
C TYR A 554 35.24 0.38 -6.86
N SER A 555 36.30 -0.07 -6.18
CA SER A 555 36.61 0.43 -4.85
C SER A 555 38.11 0.53 -4.56
N GLY A 556 38.57 1.74 -4.26
CA GLY A 556 39.97 2.01 -3.95
C GLY A 556 40.12 2.41 -2.49
N SER A 557 41.11 1.82 -1.82
CA SER A 557 41.38 2.13 -0.42
C SER A 557 42.83 1.94 -0.02
N MET A 558 43.36 2.93 0.71
CA MET A 558 44.75 2.88 1.18
C MET A 558 44.90 3.52 2.55
N SER A 559 44.99 2.67 3.58
CA SER A 559 45.17 3.15 4.95
C SER A 559 46.60 3.67 5.15
N ASN A 560 47.58 2.78 5.01
CA ASN A 560 48.99 3.15 5.17
C ASN A 560 49.78 2.21 4.27
N ASP A 561 50.17 2.73 3.10
CA ASP A 561 50.94 2.04 2.04
C ASP A 561 50.37 0.73 1.51
N ARG A 562 49.05 0.54 1.61
CA ARG A 562 48.37 -0.67 1.14
C ARG A 562 47.17 -0.30 0.27
N TYR A 563 47.40 -0.10 -1.03
CA TYR A 563 46.34 0.27 -1.94
C TYR A 563 45.63 -0.99 -2.43
N VAL A 564 44.32 -1.02 -2.22
CA VAL A 564 43.46 -2.15 -2.55
C VAL A 564 42.53 -1.70 -3.68
N ASN A 565 42.27 -2.59 -4.65
CA ASN A 565 41.41 -2.29 -5.78
C ASN A 565 40.30 -3.33 -5.91
N MET A 566 39.16 -2.91 -6.46
CA MET A 566 38.02 -3.79 -6.62
C MET A 566 37.35 -3.50 -7.96
N ALA A 567 36.60 -4.48 -8.49
CA ALA A 567 35.94 -4.31 -9.78
C ALA A 567 34.68 -5.15 -9.82
N GLY A 568 33.51 -4.53 -9.99
CA GLY A 568 32.28 -5.33 -10.02
C GLY A 568 31.14 -4.94 -10.94
N TYR A 569 30.16 -5.84 -11.05
CA TYR A 569 28.97 -5.69 -11.89
C TYR A 569 27.72 -6.14 -11.14
N THR A 570 27.55 -5.67 -9.91
CA THR A 570 26.48 -6.09 -9.03
C THR A 570 25.17 -5.31 -9.19
N ASP A 571 24.08 -6.04 -9.44
CA ASP A 571 22.68 -5.60 -9.51
C ASP A 571 21.65 -6.72 -9.48
N THR A 572 20.38 -6.31 -9.52
CA THR A 572 19.20 -7.16 -9.45
C THR A 572 18.85 -7.83 -10.78
N PHE A 573 17.74 -8.56 -10.76
CA PHE A 573 17.21 -9.28 -11.91
C PHE A 573 16.14 -8.36 -12.53
N ASN A 574 15.46 -8.82 -13.59
CA ASN A 574 14.44 -8.07 -14.31
C ASN A 574 13.16 -7.83 -13.50
N ASP A 575 12.88 -8.67 -12.52
CA ASP A 575 11.68 -8.50 -11.70
C ASP A 575 11.97 -7.43 -10.65
N GLY A 576 13.23 -7.23 -10.31
CA GLY A 576 13.67 -6.27 -9.33
C GLY A 576 13.76 -6.79 -7.91
N LEU A 577 13.08 -7.89 -7.60
CA LEU A 577 13.09 -8.45 -6.26
C LEU A 577 14.17 -9.53 -6.07
N ASP A 578 14.63 -10.15 -7.15
CA ASP A 578 15.68 -11.16 -7.11
C ASP A 578 17.02 -10.46 -7.30
N SER A 579 18.08 -11.02 -6.72
CA SER A 579 19.40 -10.40 -6.84
C SER A 579 20.61 -11.32 -6.78
N TYR A 580 21.73 -10.78 -7.26
CA TYR A 580 23.03 -11.44 -7.37
C TYR A 580 24.14 -10.41 -7.22
N SER A 581 25.25 -10.79 -6.58
CA SER A 581 26.37 -9.87 -6.47
C SER A 581 27.59 -10.47 -7.15
N LEU A 582 28.19 -9.72 -8.08
CA LEU A 582 29.36 -10.19 -8.82
C LEU A 582 30.46 -9.15 -8.83
N ASN A 583 31.61 -9.50 -8.24
CA ASN A 583 32.76 -8.60 -8.18
C ASN A 583 34.14 -9.26 -8.03
N ALA A 584 35.15 -8.65 -8.65
CA ALA A 584 36.53 -9.09 -8.58
C ALA A 584 37.32 -8.06 -7.76
N GLY A 585 38.57 -8.39 -7.42
CA GLY A 585 39.34 -7.44 -6.64
C GLY A 585 40.84 -7.65 -6.71
N LEU A 586 41.57 -6.58 -6.37
CA LEU A 586 43.03 -6.55 -6.37
C LEU A 586 43.60 -6.00 -5.06
N ASN A 587 44.48 -6.76 -4.43
CA ASN A 587 45.09 -6.36 -3.16
C ASN A 587 46.60 -6.25 -3.19
N SER A 588 47.12 -5.07 -2.89
CA SER A 588 48.55 -4.85 -2.84
C SER A 588 48.93 -4.51 -1.41
N GLY A 589 49.70 -5.39 -0.78
CA GLY A 589 50.11 -5.16 0.60
C GLY A 589 51.45 -4.48 0.69
N GLY A 590 51.80 -4.01 1.89
CA GLY A 590 53.05 -3.33 2.12
C GLY A 590 54.25 -4.28 2.14
N GLY A 591 54.00 -5.54 2.48
CA GLY A 591 55.07 -6.53 2.54
C GLY A 591 55.34 -7.31 1.28
N LEU A 592 55.63 -6.57 0.18
CA LEU A 592 55.96 -7.06 -1.19
C LEU A 592 55.10 -8.17 -1.79
N THR A 593 53.81 -8.20 -1.46
CA THR A 593 52.92 -9.23 -1.98
C THR A 593 51.69 -8.64 -2.65
N SER A 594 51.30 -9.22 -3.78
CA SER A 594 50.13 -8.79 -4.54
C SER A 594 49.12 -9.92 -4.48
N GLN A 595 47.97 -9.63 -3.91
CA GLN A 595 46.91 -10.60 -3.68
C GLN A 595 45.73 -10.27 -4.60
N ARG A 596 44.90 -11.28 -4.90
CA ARG A 596 43.74 -11.12 -5.76
C ARG A 596 42.55 -11.94 -5.28
N GLN A 597 41.35 -11.35 -5.35
CA GLN A 597 40.16 -12.08 -4.93
C GLN A 597 39.04 -11.98 -5.98
N ILE A 598 38.21 -13.03 -6.05
CA ILE A 598 37.08 -13.13 -6.98
C ILE A 598 35.92 -13.73 -6.18
N ASN A 599 34.83 -12.99 -6.03
CA ASN A 599 33.68 -13.50 -5.29
C ASN A 599 32.36 -13.41 -6.06
N ALA A 600 31.59 -14.52 -6.05
CA ALA A 600 30.31 -14.62 -6.73
C ALA A 600 29.22 -14.99 -5.73
N TYR A 601 28.00 -14.51 -6.01
CA TYR A 601 26.85 -14.72 -5.12
C TYR A 601 25.52 -14.63 -5.86
N TYR A 602 24.51 -15.34 -5.32
CA TYR A 602 23.16 -15.34 -5.88
C TYR A 602 22.13 -15.66 -4.79
N SER A 603 21.08 -14.86 -4.72
CA SER A 603 20.05 -15.10 -3.72
C SER A 603 18.68 -15.48 -4.28
N HIS A 604 17.80 -15.97 -3.41
CA HIS A 604 16.46 -16.37 -3.83
C HIS A 604 15.46 -16.26 -2.67
N ARG A 605 14.53 -15.32 -2.80
CA ARG A 605 13.50 -15.04 -1.80
C ARG A 605 12.28 -16.00 -1.86
N SER A 606 12.50 -17.23 -1.37
CA SER A 606 11.40 -18.19 -1.36
C SER A 606 10.48 -17.84 -0.18
N PRO A 607 9.16 -18.02 -0.33
CA PRO A 607 8.23 -17.65 0.76
C PRO A 607 8.28 -18.56 1.99
N LEU A 608 8.85 -19.75 1.89
CA LEU A 608 8.93 -20.62 3.05
C LEU A 608 10.09 -20.15 3.94
N ALA A 609 11.24 -19.86 3.32
CA ALA A 609 12.47 -19.39 3.96
C ALA A 609 13.36 -18.82 2.87
N ASN A 610 14.13 -17.79 3.21
CA ASN A 610 15.02 -17.20 2.21
C ASN A 610 16.29 -18.03 2.10
N LEU A 611 16.73 -18.26 0.87
CA LEU A 611 17.92 -19.05 0.61
C LEU A 611 18.86 -18.34 -0.37
N SER A 612 20.15 -18.66 -0.24
CA SER A 612 21.16 -18.10 -1.13
C SER A 612 22.40 -18.97 -1.24
N ALA A 613 23.28 -18.59 -2.16
CA ALA A 613 24.52 -19.28 -2.43
C ALA A 613 25.62 -18.28 -2.66
N ASN A 614 26.86 -18.67 -2.33
CA ASN A 614 28.01 -17.79 -2.50
C ASN A 614 29.22 -18.60 -2.94
N ILE A 615 30.06 -17.95 -3.74
CA ILE A 615 31.31 -18.52 -4.24
C ILE A 615 32.38 -17.52 -3.83
N ALA A 616 33.38 -17.97 -3.10
CA ALA A 616 34.46 -17.08 -2.68
C ALA A 616 35.78 -17.77 -2.90
N SER A 617 36.68 -17.10 -3.63
CA SER A 617 38.00 -17.64 -3.91
C SER A 617 39.00 -16.51 -4.05
N LEU A 618 40.01 -16.55 -3.21
CA LEU A 618 41.06 -15.55 -3.19
C LEU A 618 42.43 -16.20 -3.38
N GLN A 619 43.46 -15.38 -3.29
CA GLN A 619 44.82 -15.89 -3.37
C GLN A 619 45.15 -16.34 -1.95
N LYS A 620 45.68 -17.58 -1.85
CA LYS A 620 46.10 -18.40 -0.69
C LYS A 620 44.96 -18.93 0.19
N GLY A 621 43.72 -18.53 -0.08
CA GLY A 621 42.53 -19.00 0.60
C GLY A 621 41.64 -19.51 -0.52
N TYR A 622 41.38 -20.80 -0.57
CA TYR A 622 40.62 -21.33 -1.70
C TYR A 622 39.24 -21.95 -1.52
N THR A 623 38.48 -21.96 -2.64
CA THR A 623 37.18 -22.55 -2.99
C THR A 623 36.11 -22.49 -1.89
N SER A 624 36.01 -21.35 -1.21
CA SER A 624 35.03 -21.23 -0.14
C SER A 624 33.65 -20.98 -0.74
N PHE A 625 32.93 -22.08 -0.94
CA PHE A 625 31.58 -22.04 -1.49
C PHE A 625 30.63 -22.17 -0.33
N GLY A 626 29.53 -21.41 -0.35
CA GLY A 626 28.58 -21.46 0.73
C GLY A 626 27.15 -21.53 0.26
N VAL A 627 26.28 -21.74 1.25
CA VAL A 627 24.84 -21.82 1.08
C VAL A 627 24.23 -21.36 2.40
N SER A 628 23.13 -20.62 2.34
CA SER A 628 22.50 -20.08 3.53
C SER A 628 21.02 -20.41 3.65
N ALA A 629 20.58 -20.66 4.88
CA ALA A 629 19.20 -20.95 5.19
C ALA A 629 18.73 -19.99 6.26
N SER A 630 17.71 -19.21 5.95
CA SER A 630 17.15 -18.26 6.89
C SER A 630 15.66 -18.11 6.66
N GLY A 631 14.91 -18.08 7.75
CA GLY A 631 13.48 -17.98 7.66
C GLY A 631 12.88 -17.96 9.05
N GLY A 632 11.62 -18.35 9.12
CA GLY A 632 10.96 -18.36 10.42
C GLY A 632 9.77 -19.28 10.45
N ALA A 633 9.32 -19.61 11.67
CA ALA A 633 8.20 -20.50 11.90
C ALA A 633 7.45 -20.13 13.17
N THR A 634 6.16 -20.50 13.20
CA THR A 634 5.27 -20.28 14.35
C THR A 634 4.44 -21.53 14.60
N ILE A 635 4.66 -22.18 15.75
CA ILE A 635 4.00 -23.43 16.10
C ILE A 635 3.07 -23.15 17.28
N THR A 636 2.03 -23.99 17.44
CA THR A 636 1.00 -24.00 18.50
C THR A 636 0.22 -22.69 18.63
N GLY A 637 -0.20 -22.15 17.50
CA GLY A 637 -1.03 -20.97 17.44
C GLY A 637 -2.34 -21.54 16.97
N LYS A 638 -2.86 -21.06 15.84
CA LYS A 638 -4.09 -21.66 15.31
C LYS A 638 -3.68 -22.83 14.43
N ASP A 639 -2.58 -22.66 13.70
CA ASP A 639 -1.99 -23.65 12.80
C ASP A 639 -0.52 -23.33 12.61
N ALA A 640 0.28 -24.35 12.29
CA ALA A 640 1.71 -24.16 12.08
C ALA A 640 1.95 -23.53 10.71
N ALA A 641 3.03 -22.75 10.61
CA ALA A 641 3.36 -22.09 9.36
C ALA A 641 4.87 -21.94 9.24
N LEU A 642 5.28 -21.41 8.08
CA LEU A 642 6.67 -21.18 7.75
C LEU A 642 6.74 -19.84 7.02
N HIS A 643 7.70 -19.00 7.42
CA HIS A 643 7.82 -17.67 6.81
C HIS A 643 9.25 -17.16 6.74
N ALA A 644 9.39 -15.92 6.25
CA ALA A 644 10.66 -15.23 6.11
C ALA A 644 10.80 -14.27 7.30
N MET A 647 12.09 -14.08 7.80
CA MET A 647 12.53 -13.44 9.11
C MET A 647 11.79 -12.20 9.65
N SER A 648 11.28 -12.31 10.89
CA SER A 648 10.56 -11.24 11.55
C SER A 648 11.42 -10.49 12.55
N GLY A 649 10.96 -9.30 12.92
CA GLY A 649 11.67 -8.47 13.87
C GLY A 649 10.79 -8.04 15.02
N GLY A 650 9.64 -8.69 15.17
CA GLY A 650 8.75 -8.35 16.27
C GLY A 650 7.24 -8.37 16.05
N THR A 651 6.76 -8.40 14.81
CA THR A 651 5.33 -8.44 14.57
C THR A 651 4.97 -9.24 13.31
N ARG A 652 3.91 -10.05 13.43
CA ARG A 652 3.43 -10.91 12.35
C ARG A 652 1.93 -11.06 12.43
N LEU A 653 1.26 -10.96 11.29
CA LEU A 653 -0.19 -11.11 11.24
C LEU A 653 -0.48 -12.43 10.54
N LEU A 654 -1.51 -13.13 11.01
CA LEU A 654 -1.88 -14.45 10.48
C LEU A 654 -3.10 -14.45 9.57
N VAL A 655 -2.86 -14.47 8.26
CA VAL A 655 -3.92 -14.55 7.27
C VAL A 655 -4.39 -15.99 7.13
N ASP A 656 -5.68 -16.23 7.34
CA ASP A 656 -6.25 -17.58 7.27
C ASP A 656 -7.12 -17.85 6.05
N THR A 657 -6.54 -18.49 5.04
CA THR A 657 -7.22 -18.90 3.80
C THR A 657 -7.14 -20.42 3.73
N ASP A 658 -8.10 -21.10 4.36
CA ASP A 658 -8.11 -22.55 4.41
C ASP A 658 -8.46 -23.25 3.10
N GLY A 659 -7.73 -24.34 2.82
CA GLY A 659 -7.94 -25.17 1.66
C GLY A 659 -7.11 -24.80 0.45
N VAL A 660 -6.93 -23.52 0.19
CA VAL A 660 -6.18 -23.06 -0.98
C VAL A 660 -4.68 -23.00 -0.69
N GLY A 661 -3.91 -23.72 -1.51
CA GLY A 661 -2.47 -23.78 -1.39
C GLY A 661 -1.71 -22.72 -2.15
N GLY A 662 -2.32 -22.15 -3.18
CA GLY A 662 -1.61 -21.18 -3.98
C GLY A 662 -2.13 -19.75 -4.10
N VAL A 663 -2.70 -19.19 -3.04
CA VAL A 663 -3.18 -17.81 -3.16
C VAL A 663 -2.09 -16.78 -2.84
N PRO A 664 -1.81 -15.83 -3.73
CA PRO A 664 -0.80 -14.81 -3.42
C PRO A 664 -1.40 -13.60 -2.72
N VAL A 665 -0.80 -13.25 -1.60
CA VAL A 665 -1.26 -12.10 -0.82
C VAL A 665 -0.25 -10.99 -1.08
N ASP A 666 -0.60 -9.77 -0.67
CA ASP A 666 0.30 -8.65 -0.87
C ASP A 666 1.26 -8.48 0.31
N GLY A 667 2.00 -7.38 0.33
CA GLY A 667 2.98 -7.11 1.36
C GLY A 667 4.34 -7.71 1.10
N GLY A 668 4.46 -9.02 1.24
CA GLY A 668 5.72 -9.68 1.02
C GLY A 668 5.63 -10.84 0.06
N GLN A 669 4.48 -10.94 -0.62
CA GLN A 669 4.13 -11.97 -1.62
C GLN A 669 4.25 -13.42 -1.15
N VAL A 670 3.92 -13.65 0.13
CA VAL A 670 3.96 -14.99 0.71
C VAL A 670 2.77 -15.77 0.14
N VAL A 671 2.96 -17.05 -0.12
CA VAL A 671 1.93 -17.91 -0.68
C VAL A 671 1.63 -18.83 0.51
N THR A 672 0.46 -19.48 0.52
CA THR A 672 0.05 -20.34 1.62
C THR A 672 0.52 -21.79 1.46
N ASN A 673 0.02 -22.69 2.28
CA ASN A 673 0.42 -24.09 2.28
C ASN A 673 -0.75 -25.07 2.05
N ARG A 674 -0.44 -26.37 2.20
CA ARG A 674 -1.44 -27.43 2.03
C ARG A 674 -2.47 -27.46 3.15
N TRP A 675 -2.14 -26.91 4.32
CA TRP A 675 -3.07 -26.84 5.43
C TRP A 675 -3.94 -25.61 5.27
N GLY A 676 -3.49 -24.64 4.48
CA GLY A 676 -4.27 -23.44 4.26
C GLY A 676 -4.10 -22.33 5.28
N THR A 677 -2.87 -21.94 5.59
CA THR A 677 -2.62 -20.87 6.56
C THR A 677 -1.46 -20.07 5.97
N GLY A 678 -1.36 -18.80 6.35
CA GLY A 678 -0.31 -17.92 5.86
C GLY A 678 0.01 -16.87 6.90
N VAL A 679 1.16 -16.23 6.73
CA VAL A 679 1.62 -15.18 7.65
C VAL A 679 2.48 -14.12 6.96
N VAL A 680 2.10 -12.85 7.12
CA VAL A 680 2.82 -11.74 6.52
C VAL A 680 3.83 -11.24 7.54
N THR A 681 4.90 -10.60 7.07
CA THR A 681 5.98 -10.18 7.95
C THR A 681 6.18 -8.68 8.02
N ASP A 682 6.19 -7.98 6.89
CA ASP A 682 6.46 -6.54 6.89
C ASP A 682 5.22 -5.69 7.22
N ILE A 683 5.04 -5.47 8.52
CA ILE A 683 3.97 -4.68 9.12
C ILE A 683 4.58 -3.93 10.29
N SER A 684 3.87 -2.94 10.79
CA SER A 684 4.33 -2.16 11.93
C SER A 684 3.22 -1.95 12.95
N SER A 685 3.61 -1.62 14.16
CA SER A 685 2.69 -1.38 15.26
C SER A 685 1.83 -0.13 15.09
N TYR A 686 0.57 -0.23 15.58
CA TYR A 686 -0.46 0.82 15.60
C TYR A 686 -0.79 1.50 14.28
N TYR A 687 -0.75 0.78 13.16
CA TYR A 687 -1.03 1.37 11.87
C TYR A 687 -2.26 0.76 11.22
N ARG A 688 -2.73 1.42 10.16
CA ARG A 688 -3.86 0.93 9.39
C ARG A 688 -3.32 -0.13 8.46
N ASN A 689 -3.67 -1.38 8.72
CA ASN A 689 -3.17 -2.52 7.93
C ASN A 689 -4.25 -3.11 7.03
N THR A 690 -4.21 -2.75 5.75
CA THR A 690 -5.18 -3.23 4.78
C THR A 690 -4.63 -4.45 4.05
N THR A 691 -5.07 -5.62 4.49
CA THR A 691 -4.66 -6.90 3.94
C THR A 691 -5.51 -7.35 2.76
N SER A 692 -5.08 -7.03 1.55
CA SER A 692 -5.80 -7.44 0.36
C SER A 692 -4.93 -8.39 -0.44
N VAL A 693 -5.56 -9.40 -1.03
CA VAL A 693 -4.83 -10.39 -1.81
C VAL A 693 -4.61 -9.88 -3.23
N ASP A 694 -3.66 -10.49 -3.93
CA ASP A 694 -3.36 -10.15 -5.32
C ASP A 694 -4.48 -10.67 -6.20
N LEU A 695 -5.57 -9.88 -6.31
CA LEU A 695 -6.81 -10.18 -7.04
C LEU A 695 -6.67 -10.55 -8.52
N LYS A 696 -5.64 -10.06 -9.20
CA LYS A 696 -5.43 -10.38 -10.60
C LYS A 696 -4.41 -11.50 -10.77
N ARG A 697 -3.78 -11.92 -9.67
CA ARG A 697 -2.81 -13.01 -9.71
C ARG A 697 -3.41 -14.31 -9.18
N LEU A 698 -4.74 -14.41 -9.15
CA LEU A 698 -5.40 -15.62 -8.68
C LEU A 698 -5.32 -16.77 -9.69
N PRO A 699 -5.21 -18.01 -9.21
CA PRO A 699 -5.22 -19.14 -10.13
C PRO A 699 -6.64 -19.44 -10.55
N ASP A 700 -6.78 -20.27 -11.59
CA ASP A 700 -8.13 -20.56 -12.08
C ASP A 700 -8.89 -21.63 -11.32
N ASP A 701 -8.30 -22.25 -10.29
CA ASP A 701 -9.04 -23.21 -9.49
C ASP A 701 -9.93 -22.53 -8.45
N VAL A 702 -9.45 -21.45 -7.83
CA VAL A 702 -10.17 -20.73 -6.79
C VAL A 702 -10.64 -19.35 -7.25
N GLU A 703 -11.55 -18.77 -6.48
CA GLU A 703 -12.07 -17.42 -6.74
C GLU A 703 -12.12 -16.66 -5.43
N ALA A 704 -12.37 -15.36 -5.52
CA ALA A 704 -12.43 -14.50 -4.34
C ALA A 704 -13.72 -13.68 -4.32
N THR A 705 -14.43 -13.76 -3.19
CA THR A 705 -15.67 -12.99 -3.02
C THR A 705 -15.33 -11.58 -2.56
N ARG A 706 -14.63 -11.47 -1.42
CA ARG A 706 -14.21 -10.18 -0.88
C ARG A 706 -12.77 -10.30 -0.38
N SER A 707 -12.05 -9.17 -0.36
CA SER A 707 -10.64 -9.19 0.02
C SER A 707 -10.21 -8.31 1.20
N VAL A 708 -10.77 -7.11 1.31
CA VAL A 708 -10.36 -6.13 2.32
C VAL A 708 -10.89 -6.39 3.73
N VAL A 709 -9.96 -6.67 4.66
CA VAL A 709 -10.25 -6.88 6.08
C VAL A 709 -9.31 -5.88 6.75
N GLU A 710 -9.76 -5.26 7.84
CA GLU A 710 -8.97 -4.24 8.53
C GLU A 710 -8.79 -4.48 10.03
N SER A 711 -7.56 -4.32 10.51
CA SER A 711 -7.15 -4.48 11.90
C SER A 711 -5.82 -3.78 12.15
N ALA A 712 -5.56 -3.43 13.41
CA ALA A 712 -4.31 -2.79 13.81
C ALA A 712 -3.62 -3.63 14.88
N LEU A 713 -2.44 -4.13 14.55
CA LEU A 713 -1.64 -4.97 15.42
C LEU A 713 -0.57 -4.18 16.17
N THR A 714 -0.07 -4.75 17.28
CA THR A 714 1.00 -4.21 18.08
C THR A 714 2.21 -5.13 17.95
N GLU A 715 3.26 -4.85 18.72
CA GLU A 715 4.49 -5.63 18.67
C GLU A 715 4.43 -6.89 19.55
N GLY A 716 4.64 -8.04 18.93
CA GLY A 716 4.62 -9.30 19.65
C GLY A 716 3.30 -10.01 19.65
N ALA A 717 2.27 -9.43 19.06
CA ALA A 717 0.95 -10.04 19.00
C ALA A 717 0.76 -10.67 17.62
N ILE A 718 -0.19 -11.62 17.56
CA ILE A 718 -0.53 -12.32 16.33
C ILE A 718 -2.02 -12.10 16.09
N GLY A 719 -2.36 -11.52 14.95
CA GLY A 719 -3.74 -11.21 14.60
C GLY A 719 -4.34 -12.26 13.69
N TYR A 720 -5.44 -12.84 14.14
CA TYR A 720 -6.15 -13.86 13.38
C TYR A 720 -7.19 -13.19 12.47
N ARG A 721 -7.17 -13.57 11.18
CA ARG A 721 -8.09 -13.00 10.20
C ARG A 721 -8.87 -14.09 9.45
N LYS A 722 -10.13 -14.27 9.85
CA LYS A 722 -10.98 -15.28 9.22
C LYS A 722 -11.45 -14.81 7.85
N PHE A 723 -11.36 -15.70 6.87
CA PHE A 723 -11.81 -15.40 5.52
C PHE A 723 -13.09 -16.19 5.20
N SER A 724 -14.16 -15.47 4.88
CA SER A 724 -15.47 -16.02 4.57
C SER A 724 -15.67 -16.31 3.08
N VAL A 725 -14.59 -16.51 2.33
CA VAL A 725 -14.73 -16.73 0.90
C VAL A 725 -15.12 -18.17 0.62
N LEU A 726 -16.27 -18.36 -0.03
CA LEU A 726 -16.81 -19.66 -0.36
C LEU A 726 -17.39 -19.56 -1.76
N LYS A 727 -17.72 -20.69 -2.34
CA LYS A 727 -18.29 -20.73 -3.68
C LYS A 727 -19.80 -20.55 -3.58
N GLY A 728 -20.48 -20.24 -4.73
CA GLY A 728 -21.98 -20.23 -4.84
C GLY A 728 -22.55 -20.88 -6.08
N LYS A 729 -23.48 -21.82 -5.86
CA LYS A 729 -24.12 -22.50 -6.98
C LYS A 729 -25.23 -21.63 -7.55
N ARG A 730 -25.35 -21.60 -8.87
CA ARG A 730 -26.39 -20.83 -9.55
C ARG A 730 -27.32 -21.81 -10.25
N LEU A 731 -28.63 -21.59 -10.13
CA LEU A 731 -29.60 -22.50 -10.74
C LEU A 731 -30.91 -21.78 -11.08
N PHE A 732 -31.68 -22.41 -11.97
CA PHE A 732 -32.98 -21.93 -12.41
C PHE A 732 -34.00 -22.92 -11.82
N ALA A 733 -34.87 -22.42 -10.93
CA ALA A 733 -35.85 -23.28 -10.26
C ALA A 733 -37.28 -22.85 -10.59
N ILE A 734 -38.07 -23.78 -11.13
CA ILE A 734 -39.46 -23.52 -11.48
C ILE A 734 -40.31 -23.86 -10.27
N LEU A 735 -40.71 -22.85 -9.50
CA LEU A 735 -41.57 -23.05 -8.34
C LEU A 735 -43.04 -23.18 -8.72
N ARG A 736 -43.66 -24.28 -8.30
CA ARG A 736 -45.06 -24.54 -8.56
C ARG A 736 -45.83 -24.69 -7.25
N LEU A 737 -47.01 -24.05 -7.18
CA LEU A 737 -47.81 -24.09 -5.97
C LEU A 737 -48.60 -25.39 -5.76
N ALA A 738 -49.42 -25.42 -4.71
CA ALA A 738 -50.21 -26.62 -4.40
C ALA A 738 -51.39 -26.79 -5.34
N ASP A 739 -52.05 -25.68 -5.72
CA ASP A 739 -53.20 -25.79 -6.60
C ASP A 739 -52.77 -25.99 -8.06
N GLY A 740 -51.57 -25.57 -8.41
CA GLY A 740 -51.07 -25.73 -9.76
C GLY A 740 -50.72 -24.39 -10.37
N SER A 741 -51.39 -23.34 -9.88
CA SER A 741 -51.18 -21.96 -10.32
C SER A 741 -49.80 -21.40 -9.95
N GLN A 742 -49.46 -20.28 -10.54
CA GLN A 742 -48.19 -19.66 -10.24
C GLN A 742 -48.38 -18.53 -9.23
N PRO A 743 -47.41 -18.28 -8.35
CA PRO A 743 -47.53 -17.16 -7.41
C PRO A 743 -47.22 -15.86 -8.13
N PRO A 744 -47.64 -14.70 -7.59
CA PRO A 744 -47.34 -13.41 -8.26
C PRO A 744 -45.86 -13.08 -8.20
N PHE A 745 -45.29 -12.94 -9.39
CA PHE A 745 -43.87 -12.69 -9.51
C PHE A 745 -43.43 -11.28 -9.17
N GLY A 746 -42.22 -11.18 -8.65
CA GLY A 746 -41.61 -9.97 -8.14
C GLY A 746 -41.33 -10.07 -6.67
N ALA A 747 -41.70 -11.19 -6.07
CA ALA A 747 -41.52 -11.48 -4.64
C ALA A 747 -40.09 -11.93 -4.37
N SER A 748 -39.49 -11.35 -3.34
CA SER A 748 -38.12 -11.73 -3.04
C SER A 748 -38.00 -12.95 -2.11
N VAL A 749 -36.89 -13.67 -2.26
CA VAL A 749 -36.62 -14.88 -1.51
C VAL A 749 -35.53 -14.66 -0.46
N THR A 750 -35.90 -14.87 0.80
CA THR A 750 -34.98 -14.71 1.92
C THR A 750 -34.51 -16.09 2.34
N SER A 751 -33.30 -16.16 2.87
CA SER A 751 -32.77 -17.45 3.30
C SER A 751 -33.13 -17.73 4.75
N GLU A 752 -32.50 -18.76 5.32
CA GLU A 752 -32.81 -19.20 6.66
C GLU A 752 -31.98 -18.45 7.69
N LYS A 753 -30.84 -17.92 7.26
CA LYS A 753 -29.95 -17.14 8.11
C LYS A 753 -30.10 -15.65 7.92
N GLY A 754 -31.20 -15.19 7.32
CA GLY A 754 -31.39 -13.77 7.07
C GLY A 754 -30.51 -13.33 5.92
N ARG A 755 -30.82 -13.81 4.71
CA ARG A 755 -30.03 -13.50 3.53
C ARG A 755 -30.92 -13.41 2.29
N GLU A 756 -31.02 -12.20 1.74
CA GLU A 756 -31.81 -11.94 0.54
C GLU A 756 -31.00 -12.28 -0.71
N LEU A 757 -31.55 -13.13 -1.59
CA LEU A 757 -30.83 -13.54 -2.79
C LEU A 757 -31.34 -13.11 -4.16
N GLY A 758 -32.63 -12.89 -4.34
CA GLY A 758 -33.13 -12.51 -5.66
C GLY A 758 -34.64 -12.61 -5.72
N MET A 759 -35.19 -12.82 -6.92
CA MET A 759 -36.64 -12.93 -7.06
C MET A 759 -37.16 -13.82 -8.20
N VAL A 760 -38.45 -14.18 -8.08
CA VAL A 760 -39.20 -15.01 -9.01
C VAL A 760 -39.57 -14.28 -10.31
N ALA A 761 -39.34 -14.91 -11.48
CA ALA A 761 -39.67 -14.35 -12.78
C ALA A 761 -41.07 -14.83 -13.19
N ASP A 762 -41.53 -14.37 -14.37
CA ASP A 762 -42.86 -14.65 -14.94
C ASP A 762 -43.55 -16.02 -14.92
N GLU A 763 -42.91 -17.09 -15.46
CA GLU A 763 -43.59 -18.40 -15.49
C GLU A 763 -43.30 -19.28 -14.26
N GLY A 764 -43.41 -18.68 -13.06
CA GLY A 764 -43.12 -19.31 -11.79
C GLY A 764 -41.70 -19.84 -11.66
N LEU A 765 -40.75 -19.18 -12.33
CA LEU A 765 -39.35 -19.54 -12.39
C LEU A 765 -38.58 -18.54 -11.55
N ALA A 766 -37.51 -18.99 -10.91
CA ALA A 766 -36.68 -18.11 -10.10
C ALA A 766 -35.23 -18.51 -10.26
N TRP A 767 -34.47 -17.68 -10.98
CA TRP A 767 -33.04 -17.94 -11.14
C TRP A 767 -32.40 -17.48 -9.85
N LEU A 768 -31.72 -18.39 -9.16
CA LEU A 768 -31.09 -18.01 -7.92
C LEU A 768 -29.64 -18.48 -7.90
N SER A 769 -28.79 -17.67 -7.31
CA SER A 769 -27.38 -17.98 -7.20
C SER A 769 -26.96 -18.06 -5.74
N GLY A 770 -25.92 -18.87 -5.47
CA GLY A 770 -25.45 -19.02 -4.11
C GLY A 770 -26.28 -19.96 -3.26
N VAL A 771 -26.96 -20.92 -3.87
CA VAL A 771 -27.80 -21.85 -3.12
C VAL A 771 -27.02 -23.01 -2.47
N THR A 772 -27.24 -23.20 -1.18
CA THR A 772 -26.61 -24.29 -0.45
C THR A 772 -27.53 -25.51 -0.59
N PRO A 773 -27.02 -26.67 -1.00
CA PRO A 773 -27.90 -27.84 -1.15
C PRO A 773 -28.21 -28.52 0.18
N GLY A 774 -29.50 -28.80 0.41
CA GLY A 774 -29.97 -29.47 1.61
C GLY A 774 -30.90 -28.66 2.49
N GLU A 775 -30.90 -27.34 2.37
CA GLU A 775 -31.74 -26.48 3.18
C GLU A 775 -33.21 -26.41 2.74
N THR A 776 -33.99 -25.60 3.45
CA THR A 776 -35.39 -25.35 3.15
C THR A 776 -35.61 -23.85 2.97
N LEU A 777 -35.80 -23.41 1.72
CA LEU A 777 -35.92 -21.98 1.45
C LEU A 777 -37.25 -21.35 1.82
N SER A 778 -37.27 -20.02 1.79
CA SER A 778 -38.43 -19.19 2.14
C SER A 778 -38.72 -18.12 1.09
N VAL A 779 -39.96 -18.08 0.60
CA VAL A 779 -40.39 -17.07 -0.38
C VAL A 779 -41.33 -16.12 0.37
N ASN A 780 -41.16 -14.82 0.15
CA ASN A 780 -41.94 -13.80 0.85
C ASN A 780 -42.73 -12.85 -0.02
N TRP A 781 -44.05 -12.85 0.16
CA TRP A 781 -44.94 -11.92 -0.53
C TRP A 781 -46.07 -11.62 0.43
N ASP A 782 -46.74 -10.49 0.18
CA ASP A 782 -47.85 -9.84 0.91
C ASP A 782 -47.50 -9.49 2.37
N GLY A 783 -46.21 -9.34 2.68
CA GLY A 783 -45.76 -9.01 4.02
C GLY A 783 -45.51 -10.17 4.97
N LYS A 784 -45.52 -11.41 4.49
CA LYS A 784 -45.27 -12.54 5.39
C LYS A 784 -44.65 -13.69 4.62
N ILE A 785 -44.36 -14.76 5.35
CA ILE A 785 -43.78 -15.95 4.72
C ILE A 785 -44.96 -16.75 4.16
N GLN A 786 -44.85 -17.17 2.91
CA GLN A 786 -45.93 -17.88 2.26
C GLN A 786 -45.66 -19.35 1.95
N CYS A 787 -44.46 -19.70 1.49
CA CYS A 787 -44.17 -21.09 1.18
C CYS A 787 -42.72 -21.52 1.41
N GLN A 788 -42.53 -22.84 1.50
CA GLN A 788 -41.23 -23.46 1.70
C GLN A 788 -41.04 -24.62 0.73
N VAL A 789 -39.82 -24.73 0.19
CA VAL A 789 -39.42 -25.80 -0.72
C VAL A 789 -38.13 -26.35 -0.13
N ASN A 790 -37.88 -27.65 -0.31
CA ASN A 790 -36.70 -28.33 0.20
C ASN A 790 -35.78 -28.78 -0.93
N VAL A 791 -34.71 -28.01 -1.16
CA VAL A 791 -33.69 -28.30 -2.17
C VAL A 791 -32.90 -29.55 -1.80
N PRO A 792 -32.79 -30.55 -2.69
CA PRO A 792 -32.02 -31.75 -2.35
C PRO A 792 -30.52 -31.51 -2.42
N GLU A 793 -29.78 -32.46 -1.84
CA GLU A 793 -28.33 -32.35 -1.79
C GLU A 793 -27.63 -32.78 -3.07
N THR A 794 -28.37 -33.43 -3.99
CA THR A 794 -27.78 -33.90 -5.25
C THR A 794 -27.70 -32.81 -6.31
N ALA A 795 -28.24 -31.63 -6.03
CA ALA A 795 -28.22 -30.52 -6.99
C ALA A 795 -26.84 -29.89 -7.10
N ILE A 796 -26.46 -29.56 -8.33
CA ILE A 796 -25.20 -28.92 -8.67
C ILE A 796 -25.58 -27.63 -9.39
N SER A 797 -24.59 -26.88 -9.85
CA SER A 797 -24.89 -25.61 -10.50
C SER A 797 -25.39 -25.75 -11.94
N ASP A 798 -26.10 -24.71 -12.39
CA ASP A 798 -26.72 -24.56 -13.73
C ASP A 798 -27.64 -25.69 -14.19
N GLN A 799 -28.74 -25.88 -13.46
CA GLN A 799 -29.72 -26.92 -13.76
C GLN A 799 -31.13 -26.37 -13.81
N GLN A 800 -32.04 -27.14 -14.41
CA GLN A 800 -33.44 -26.76 -14.52
C GLN A 800 -34.25 -27.68 -13.62
N LEU A 801 -34.76 -27.13 -12.52
CA LEU A 801 -35.51 -27.91 -11.54
C LEU A 801 -36.94 -27.47 -11.30
N LEU A 802 -37.87 -28.41 -11.42
CA LEU A 802 -39.29 -28.15 -11.18
C LEU A 802 -39.52 -28.32 -9.68
N LEU A 803 -39.94 -27.26 -8.99
CA LEU A 803 -40.10 -27.32 -7.55
C LEU A 803 -41.51 -27.17 -7.00
N PRO A 804 -41.96 -28.10 -6.12
CA PRO A 804 -43.31 -27.99 -5.54
C PRO A 804 -43.37 -27.18 -4.24
N CYS A 805 -44.40 -26.37 -4.06
CA CYS A 805 -44.54 -25.57 -2.86
C CYS A 805 -45.32 -26.21 -1.72
N THR A 806 -44.76 -26.12 -0.51
CA THR A 806 -45.32 -26.64 0.72
C THR A 806 -45.48 -25.48 1.70
N PRO A 807 -46.65 -25.33 2.33
CA PRO A 807 -46.84 -24.22 3.27
C PRO A 807 -46.19 -24.48 4.62
N GLN A 808 -45.88 -23.39 5.32
CA GLN A 808 -45.27 -23.47 6.63
C GLN A 808 -46.32 -23.79 7.69
N ALA B 1 -35.31 13.79 -18.28
CA ALA B 1 -35.02 12.70 -19.20
C ALA B 1 -34.18 11.63 -18.51
N VAL B 2 -33.65 10.68 -19.27
CA VAL B 2 -32.80 9.62 -18.75
C VAL B 2 -31.52 9.59 -19.56
N SER B 3 -30.38 9.75 -18.89
CA SER B 3 -29.09 9.74 -19.56
C SER B 3 -28.64 8.35 -19.96
N LEU B 4 -28.34 8.16 -21.24
CA LEU B 4 -27.85 6.89 -21.75
C LEU B 4 -26.50 7.09 -22.43
N ASP B 5 -25.45 6.66 -21.74
CA ASP B 5 -24.05 6.79 -22.16
C ASP B 5 -23.55 5.83 -23.23
N ARG B 6 -24.12 4.63 -23.30
CA ARG B 6 -23.64 3.64 -24.25
C ARG B 6 -24.09 3.86 -25.69
N THR B 7 -23.13 3.70 -26.60
CA THR B 7 -23.33 3.80 -28.04
C THR B 7 -23.59 2.37 -28.51
N ARG B 8 -22.76 1.43 -28.05
CA ARG B 8 -22.90 0.02 -28.39
C ARG B 8 -22.43 -0.81 -27.19
N ALA B 9 -23.25 -1.75 -26.75
CA ALA B 9 -22.84 -2.57 -25.62
C ALA B 9 -21.99 -3.73 -26.14
N VAL B 10 -20.71 -3.73 -25.78
CA VAL B 10 -19.78 -4.77 -26.23
C VAL B 10 -19.34 -5.59 -25.03
N PHE B 11 -19.61 -6.89 -25.09
CA PHE B 11 -19.23 -7.83 -24.04
C PHE B 11 -18.08 -8.69 -24.50
N ASP B 12 -17.16 -9.00 -23.59
CA ASP B 12 -16.02 -9.83 -23.95
C ASP B 12 -16.13 -11.23 -23.38
N GLY B 13 -15.36 -12.17 -23.95
CA GLY B 13 -15.40 -13.54 -23.50
C GLY B 13 -14.65 -13.81 -22.21
N SER B 14 -13.68 -12.96 -21.88
CA SER B 14 -12.91 -13.16 -20.65
C SER B 14 -13.71 -12.77 -19.42
N GLU B 15 -14.40 -11.63 -19.47
CA GLU B 15 -15.21 -11.15 -18.37
C GLU B 15 -16.51 -11.94 -18.33
N LYS B 16 -17.01 -12.20 -17.12
CA LYS B 16 -18.25 -12.93 -16.95
C LYS B 16 -19.44 -12.00 -16.78
N SER B 17 -19.20 -10.76 -16.32
CA SER B 17 -20.26 -9.77 -16.15
C SER B 17 -19.66 -8.37 -16.16
N MET B 18 -20.25 -7.47 -16.94
CA MET B 18 -19.79 -6.10 -17.02
C MET B 18 -20.72 -5.20 -16.18
N THR B 19 -20.47 -3.89 -16.20
CA THR B 19 -21.26 -2.98 -15.37
C THR B 19 -21.70 -1.77 -16.20
N LEU B 20 -22.77 -1.12 -15.75
CA LEU B 20 -23.31 0.08 -16.41
C LEU B 20 -24.11 0.95 -15.46
N ASP B 21 -23.76 2.24 -15.42
CA ASP B 21 -24.47 3.21 -14.58
C ASP B 21 -25.35 4.07 -15.47
N ILE B 22 -26.61 4.26 -15.04
CA ILE B 22 -27.59 5.07 -15.74
C ILE B 22 -28.01 6.11 -14.72
N SER B 23 -28.21 7.36 -15.16
CA SER B 23 -28.62 8.44 -14.27
C SER B 23 -29.82 9.24 -14.75
N ASN B 24 -30.32 10.09 -13.86
CA ASN B 24 -31.50 10.92 -14.14
C ASN B 24 -31.18 12.33 -14.59
N ASP B 25 -31.88 12.78 -15.64
CA ASP B 25 -31.71 14.14 -16.15
C ASP B 25 -32.77 15.06 -15.57
N ASN B 26 -33.87 14.51 -15.09
CA ASN B 26 -34.94 15.31 -14.51
C ASN B 26 -34.62 15.60 -13.05
N LYS B 27 -34.94 16.83 -12.62
CA LYS B 27 -34.68 17.25 -11.25
C LYS B 27 -35.98 17.69 -10.60
N GLN B 28 -37.13 17.42 -11.21
CA GLN B 28 -38.40 17.85 -10.64
C GLN B 28 -39.26 16.69 -10.15
N LEU B 29 -39.02 15.47 -10.65
CA LEU B 29 -39.83 14.33 -10.23
C LEU B 29 -39.04 13.03 -10.29
N PRO B 30 -39.26 12.12 -9.33
CA PRO B 30 -38.54 10.84 -9.36
C PRO B 30 -39.10 9.90 -10.41
N TYR B 31 -38.36 8.82 -10.66
CA TYR B 31 -38.77 7.85 -11.67
C TYR B 31 -38.57 6.38 -11.32
N LEU B 32 -39.07 5.53 -12.20
CA LEU B 32 -39.01 4.07 -12.12
C LEU B 32 -38.71 3.55 -13.51
N ALA B 33 -38.09 2.38 -13.62
CA ALA B 33 -37.75 1.83 -14.91
C ALA B 33 -37.73 0.30 -14.89
N GLN B 34 -38.05 -0.28 -16.05
CA GLN B 34 -38.04 -1.73 -16.23
C GLN B 34 -37.34 -2.07 -17.54
N ALA B 35 -36.68 -3.22 -17.59
CA ALA B 35 -35.96 -3.56 -18.81
C ALA B 35 -36.04 -5.05 -19.10
N TRP B 36 -35.68 -5.40 -20.32
CA TRP B 36 -35.66 -6.77 -20.81
C TRP B 36 -34.69 -6.82 -21.99
N ILE B 37 -34.37 -8.05 -22.41
CA ILE B 37 -33.43 -8.32 -23.48
C ILE B 37 -34.14 -9.16 -24.53
N GLU B 38 -34.03 -8.77 -25.79
CA GLU B 38 -34.61 -9.50 -26.90
C GLU B 38 -33.53 -10.16 -27.76
N ASN B 39 -33.95 -10.72 -28.88
CA ASN B 39 -33.05 -11.41 -29.79
C ASN B 39 -33.29 -11.09 -31.27
N GLU B 40 -32.65 -11.90 -32.14
CA GLU B 40 -32.76 -11.76 -33.60
C GLU B 40 -34.16 -11.89 -34.17
N ASN B 41 -35.01 -12.70 -33.56
CA ASN B 41 -36.37 -12.89 -34.02
C ASN B 41 -37.33 -11.99 -33.25
N GLN B 42 -36.77 -11.09 -32.43
CA GLN B 42 -37.47 -10.06 -31.63
C GLN B 42 -38.57 -10.50 -30.67
N GLU B 43 -38.19 -11.31 -29.68
CA GLU B 43 -39.11 -11.74 -28.64
C GLU B 43 -38.46 -11.60 -27.27
N LYS B 44 -39.28 -11.48 -26.24
CA LYS B 44 -38.76 -11.28 -24.89
C LYS B 44 -38.15 -12.54 -24.29
N ILE B 45 -36.86 -12.77 -24.56
CA ILE B 45 -36.16 -13.90 -23.98
C ILE B 45 -35.81 -13.59 -22.52
N ILE B 46 -36.67 -14.04 -21.60
CA ILE B 46 -36.44 -13.81 -20.18
C ILE B 46 -35.56 -14.92 -19.62
N THR B 47 -35.30 -15.97 -20.40
CA THR B 47 -34.44 -17.08 -20.04
C THR B 47 -33.35 -17.06 -21.10
N GLY B 48 -32.82 -15.87 -21.35
CA GLY B 48 -31.78 -15.64 -22.30
C GLY B 48 -30.39 -15.99 -21.82
N PRO B 49 -29.37 -15.62 -22.60
CA PRO B 49 -28.01 -15.94 -22.20
C PRO B 49 -27.43 -15.05 -21.11
N VAL B 50 -27.74 -13.76 -21.13
CA VAL B 50 -27.24 -12.84 -20.13
C VAL B 50 -28.45 -12.40 -19.32
N ILE B 51 -28.32 -12.40 -18.00
CA ILE B 51 -29.40 -12.04 -17.10
C ILE B 51 -29.09 -10.78 -16.31
N ALA B 52 -29.82 -9.70 -16.58
CA ALA B 52 -29.63 -8.46 -15.85
C ALA B 52 -30.31 -8.62 -14.49
N THR B 53 -29.50 -8.59 -13.42
CA THR B 53 -30.01 -8.78 -12.06
C THR B 53 -31.06 -7.82 -11.48
N PRO B 54 -30.98 -6.46 -11.58
CA PRO B 54 -32.09 -5.64 -11.01
C PRO B 54 -33.19 -5.44 -12.03
N PRO B 55 -34.41 -5.90 -11.77
CA PRO B 55 -35.48 -5.69 -12.76
C PRO B 55 -36.11 -4.30 -12.70
N VAL B 56 -36.30 -3.76 -11.50
CA VAL B 56 -36.93 -2.46 -11.30
C VAL B 56 -36.35 -1.82 -10.05
N GLN B 57 -35.99 -0.55 -10.16
CA GLN B 57 -35.43 0.19 -9.05
C GLN B 57 -35.90 1.63 -9.17
N ARG B 58 -36.05 2.29 -8.02
CA ARG B 58 -36.53 3.66 -7.99
C ARG B 58 -35.39 4.65 -8.20
N LEU B 59 -35.61 5.60 -9.09
CA LEU B 59 -34.64 6.62 -9.40
C LEU B 59 -35.10 7.95 -8.83
N GLU B 60 -34.20 8.62 -8.13
CA GLU B 60 -34.40 9.90 -7.48
C GLU B 60 -34.18 11.01 -8.51
N PRO B 61 -34.67 12.28 -8.27
CA PRO B 61 -34.43 13.35 -9.25
C PRO B 61 -32.98 13.81 -9.34
N GLY B 62 -32.34 13.49 -10.46
CA GLY B 62 -30.95 13.82 -10.71
C GLY B 62 -29.94 12.81 -10.21
N ALA B 63 -30.37 11.72 -9.57
CA ALA B 63 -29.46 10.72 -9.06
C ALA B 63 -29.16 9.66 -10.12
N LYS B 64 -28.53 8.56 -9.72
CA LYS B 64 -28.15 7.48 -10.61
C LYS B 64 -28.57 6.11 -10.10
N SER B 65 -28.56 5.13 -11.01
CA SER B 65 -28.94 3.76 -10.68
C SER B 65 -28.06 2.75 -11.40
N MET B 66 -27.76 1.64 -10.72
CA MET B 66 -26.89 0.59 -11.21
C MET B 66 -27.62 -0.66 -11.70
N VAL B 67 -26.94 -1.43 -12.55
CA VAL B 67 -27.44 -2.69 -13.08
C VAL B 67 -26.31 -3.67 -13.42
N ARG B 68 -26.37 -4.87 -12.84
CA ARG B 68 -25.36 -5.90 -13.10
C ARG B 68 -25.96 -6.97 -14.00
N LEU B 69 -25.14 -7.51 -14.90
CA LEU B 69 -25.56 -8.49 -15.91
C LEU B 69 -24.87 -9.88 -15.87
N SER B 70 -25.42 -10.78 -15.04
CA SER B 70 -24.92 -12.15 -14.91
C SER B 70 -25.03 -13.00 -16.19
N THR B 71 -24.09 -13.94 -16.36
CA THR B 71 -24.07 -14.83 -17.52
C THR B 71 -23.92 -16.29 -17.10
N THR B 72 -24.74 -17.25 -17.84
CA THR B 72 -25.19 -18.64 -18.03
C THR B 72 -24.37 -19.48 -19.04
N PRO B 73 -24.33 -20.82 -18.90
CA PRO B 73 -23.57 -21.69 -19.83
C PRO B 73 -24.05 -21.77 -21.28
N ASP B 74 -25.20 -21.18 -21.66
CA ASP B 74 -25.68 -21.21 -23.05
C ASP B 74 -24.78 -20.42 -24.02
N ILE B 75 -24.01 -19.46 -23.47
CA ILE B 75 -23.02 -18.69 -24.22
C ILE B 75 -21.90 -19.65 -24.59
N SER B 76 -21.47 -20.49 -23.63
CA SER B 76 -20.45 -21.51 -23.83
C SER B 76 -20.88 -22.58 -24.83
N LYS B 77 -22.15 -23.02 -24.78
CA LYS B 77 -22.60 -24.04 -25.73
C LYS B 77 -22.79 -23.49 -27.15
N LEU B 78 -22.91 -22.16 -27.29
CA LEU B 78 -23.06 -21.49 -28.57
C LEU B 78 -21.68 -21.45 -29.23
N PRO B 79 -21.61 -21.35 -30.59
CA PRO B 79 -20.29 -21.30 -31.25
C PRO B 79 -19.53 -20.00 -31.03
N GLN B 80 -18.29 -20.15 -30.55
CA GLN B 80 -17.39 -19.05 -30.21
C GLN B 80 -16.59 -18.54 -31.40
N ASP B 81 -16.89 -19.00 -32.63
CA ASP B 81 -16.17 -18.53 -33.81
C ASP B 81 -16.77 -17.24 -34.32
N ARG B 82 -17.97 -16.89 -33.86
CA ARG B 82 -18.66 -15.67 -34.26
C ARG B 82 -19.29 -14.98 -33.05
N GLU B 83 -19.65 -13.73 -33.24
CA GLU B 83 -20.26 -12.98 -32.15
C GLU B 83 -21.77 -13.27 -32.06
N SER B 84 -22.38 -12.83 -30.96
CA SER B 84 -23.80 -13.04 -30.70
C SER B 84 -24.51 -11.71 -30.47
N LEU B 85 -25.16 -11.21 -31.51
CA LEU B 85 -25.87 -9.93 -31.44
C LEU B 85 -27.22 -10.14 -30.75
N PHE B 86 -27.61 -9.15 -29.94
CA PHE B 86 -28.89 -9.17 -29.22
C PHE B 86 -29.42 -7.74 -29.05
N TYR B 87 -30.68 -7.63 -28.60
CA TYR B 87 -31.32 -6.32 -28.41
C TYR B 87 -31.92 -6.10 -27.02
N PHE B 88 -31.23 -5.38 -26.15
CA PHE B 88 -31.82 -5.14 -24.84
C PHE B 88 -32.63 -3.85 -24.93
N ASN B 89 -33.76 -3.82 -24.24
CA ASN B 89 -34.71 -2.72 -24.31
C ASN B 89 -35.07 -2.09 -22.99
N LEU B 90 -35.08 -0.77 -22.96
CA LEU B 90 -35.38 0.01 -21.76
C LEU B 90 -36.72 0.72 -21.85
N ARG B 91 -37.41 0.78 -20.71
CA ARG B 91 -38.70 1.43 -20.60
C ARG B 91 -38.80 2.06 -19.21
N GLU B 92 -39.18 3.32 -19.14
CA GLU B 92 -39.28 4.00 -17.86
C GLU B 92 -40.74 4.05 -17.43
N ILE B 93 -40.96 4.12 -16.12
CA ILE B 93 -42.30 4.20 -15.54
C ILE B 93 -42.42 5.54 -14.82
N PRO B 94 -43.17 6.51 -15.35
CA PRO B 94 -43.30 7.79 -14.68
C PRO B 94 -44.43 7.76 -13.67
N PRO B 95 -44.46 8.71 -12.71
CA PRO B 95 -45.59 8.73 -11.76
C PRO B 95 -46.83 9.29 -12.43
N ARG B 96 -47.91 8.52 -12.36
CA ARG B 96 -49.18 8.88 -12.99
C ARG B 96 -49.87 10.06 -12.30
N SER B 97 -50.21 11.08 -13.09
CA SER B 97 -50.86 12.28 -12.59
C SER B 97 -52.36 12.06 -12.37
N GLU B 98 -53.04 13.11 -11.90
CA GLU B 98 -54.47 13.01 -11.60
C GLU B 98 -55.35 13.93 -12.44
N LYS B 99 -54.79 14.64 -13.41
CA LYS B 99 -55.60 15.52 -14.24
C LYS B 99 -56.32 14.71 -15.32
N ALA B 100 -57.31 15.32 -15.96
CA ALA B 100 -58.10 14.66 -16.99
C ALA B 100 -57.46 14.76 -18.37
N ASN B 101 -57.63 13.67 -19.15
CA ASN B 101 -57.16 13.49 -20.53
C ASN B 101 -55.67 13.76 -20.79
N VAL B 102 -54.82 13.41 -19.81
CA VAL B 102 -53.39 13.63 -19.90
C VAL B 102 -52.71 12.70 -20.91
N LEU B 103 -52.08 13.29 -21.91
CA LEU B 103 -51.36 12.53 -22.93
C LEU B 103 -49.89 12.48 -22.54
N GLN B 104 -49.54 11.51 -21.70
CA GLN B 104 -48.17 11.37 -21.27
C GLN B 104 -47.39 10.67 -22.38
N ILE B 105 -46.13 11.05 -22.54
CA ILE B 105 -45.27 10.48 -23.56
C ILE B 105 -44.42 9.37 -22.96
N ALA B 106 -44.58 8.16 -23.50
CA ALA B 106 -43.83 7.01 -23.04
C ALA B 106 -42.65 6.84 -23.98
N LEU B 107 -41.46 6.65 -23.41
CA LEU B 107 -40.24 6.51 -24.19
C LEU B 107 -39.69 5.11 -24.13
N GLN B 108 -39.35 4.58 -25.31
CA GLN B 108 -38.79 3.25 -25.47
C GLN B 108 -37.55 3.39 -26.33
N THR B 109 -36.44 2.86 -25.85
CA THR B 109 -35.19 2.96 -26.60
C THR B 109 -34.50 1.62 -26.76
N LYS B 110 -34.01 1.36 -27.96
CA LYS B 110 -33.29 0.14 -28.25
C LYS B 110 -31.86 0.52 -28.58
N ILE B 111 -30.92 -0.25 -28.06
CA ILE B 111 -29.51 -0.02 -28.28
C ILE B 111 -28.86 -1.41 -28.30
N LYS B 112 -27.93 -1.61 -29.22
CA LYS B 112 -27.32 -2.91 -29.48
C LYS B 112 -26.34 -3.57 -28.51
N LEU B 113 -26.43 -4.91 -28.44
CA LEU B 113 -25.57 -5.80 -27.66
C LEU B 113 -24.56 -6.53 -28.52
N PHE B 114 -23.38 -6.80 -27.95
CA PHE B 114 -22.31 -7.51 -28.67
C PHE B 114 -21.38 -8.38 -27.83
N TYR B 115 -21.66 -9.67 -27.75
CA TYR B 115 -20.75 -10.53 -27.01
C TYR B 115 -19.63 -10.97 -27.95
N ARG B 116 -18.41 -10.70 -27.56
CA ARG B 116 -17.28 -11.14 -28.37
C ARG B 116 -16.58 -12.26 -27.61
N PRO B 117 -16.33 -13.42 -28.23
CA PRO B 117 -15.65 -14.51 -27.52
C PRO B 117 -14.15 -14.23 -27.36
N ALA B 118 -13.55 -14.96 -26.43
CA ALA B 118 -12.13 -14.82 -26.14
C ALA B 118 -11.23 -15.45 -27.19
N ALA B 119 -11.76 -16.34 -28.02
CA ALA B 119 -10.94 -16.96 -29.07
C ALA B 119 -10.72 -16.00 -30.22
N ILE B 120 -11.65 -15.08 -30.45
CA ILE B 120 -11.56 -14.10 -31.51
C ILE B 120 -11.48 -12.70 -30.90
N LYS B 121 -10.84 -12.62 -29.72
CA LYS B 121 -10.65 -11.38 -28.96
C LYS B 121 -9.85 -10.34 -29.75
N THR B 122 -10.17 -9.06 -29.53
CA THR B 122 -9.60 -7.93 -30.23
C THR B 122 -8.65 -7.13 -29.33
N ARG B 123 -7.48 -6.81 -29.86
CA ARG B 123 -6.49 -6.00 -29.17
C ARG B 123 -7.00 -4.55 -29.11
N PRO B 124 -6.60 -3.75 -28.06
CA PRO B 124 -7.05 -2.34 -27.95
C PRO B 124 -6.75 -1.34 -29.07
N ASN B 125 -5.92 -1.69 -30.04
CA ASN B 125 -5.62 -0.81 -31.16
C ASN B 125 -5.68 -1.62 -32.44
N GLU B 126 -6.49 -2.68 -32.44
CA GLU B 126 -6.62 -3.56 -33.60
C GLU B 126 -7.76 -3.11 -34.52
N VAL B 127 -7.43 -2.91 -35.79
CA VAL B 127 -8.40 -2.49 -36.81
C VAL B 127 -8.53 -3.59 -37.85
N TRP B 128 -9.72 -4.16 -37.97
CA TRP B 128 -9.99 -5.23 -38.92
C TRP B 128 -10.90 -4.71 -40.03
N GLN B 129 -11.25 -3.43 -39.99
CA GLN B 129 -12.14 -2.82 -40.98
C GLN B 129 -11.44 -2.52 -42.30
N ASP B 130 -10.10 -2.56 -42.33
CA ASP B 130 -9.33 -2.32 -43.55
C ASP B 130 -9.17 -3.64 -44.29
N GLN B 131 -9.49 -4.76 -43.65
CA GLN B 131 -9.38 -6.08 -44.24
C GLN B 131 -10.53 -6.36 -45.21
N LEU B 132 -11.61 -5.59 -45.11
CA LEU B 132 -12.80 -5.78 -45.94
C LEU B 132 -12.61 -5.48 -47.42
N ILE B 133 -12.93 -6.47 -48.26
CA ILE B 133 -12.81 -6.38 -49.70
C ILE B 133 -14.18 -6.06 -50.30
N LEU B 134 -14.23 -5.09 -51.21
CA LEU B 134 -15.48 -4.67 -51.85
C LEU B 134 -15.41 -4.83 -53.35
N ASN B 135 -16.41 -5.50 -53.92
CA ASN B 135 -16.49 -5.73 -55.36
C ASN B 135 -17.65 -4.93 -55.95
N LYS B 136 -17.78 -4.97 -57.28
CA LYS B 136 -18.79 -4.18 -57.99
C LYS B 136 -19.57 -4.93 -59.08
N VAL B 137 -20.90 -4.93 -58.95
CA VAL B 137 -21.78 -5.51 -59.96
C VAL B 137 -22.16 -4.25 -60.71
N SER B 138 -22.57 -4.38 -61.98
CA SER B 138 -22.95 -3.19 -62.75
C SER B 138 -24.32 -2.69 -62.30
N GLY B 139 -24.29 -1.69 -61.43
CA GLY B 139 -25.46 -1.10 -60.83
C GLY B 139 -25.46 -1.13 -59.32
N GLY B 140 -24.43 -1.68 -58.71
CA GLY B 140 -24.34 -1.75 -57.26
C GLY B 140 -23.11 -2.48 -56.76
N TYR B 141 -22.50 -1.94 -55.71
CA TYR B 141 -21.30 -2.55 -55.13
C TYR B 141 -21.66 -3.68 -54.17
N ARG B 142 -21.16 -4.88 -54.43
CA ARG B 142 -21.43 -6.01 -53.55
C ARG B 142 -20.36 -6.08 -52.46
N ILE B 143 -20.78 -6.38 -51.25
CA ILE B 143 -19.89 -6.43 -50.10
C ILE B 143 -19.50 -7.86 -49.70
N GLU B 144 -18.20 -8.12 -49.62
CA GLU B 144 -17.64 -9.40 -49.23
C GLU B 144 -17.07 -9.30 -47.81
N ASN B 145 -17.59 -10.13 -46.91
CA ASN B 145 -17.14 -10.09 -45.52
C ASN B 145 -16.37 -11.33 -45.10
N PRO B 146 -15.04 -11.25 -44.95
CA PRO B 146 -14.31 -12.43 -44.48
C PRO B 146 -14.06 -12.39 -42.98
N THR B 147 -14.42 -11.29 -42.34
CA THR B 147 -14.22 -11.12 -40.92
C THR B 147 -15.22 -11.92 -40.07
N PRO B 148 -14.79 -12.39 -38.86
CA PRO B 148 -15.73 -13.13 -38.00
C PRO B 148 -16.61 -12.27 -37.11
N TYR B 149 -16.69 -10.96 -37.38
CA TYR B 149 -17.48 -10.03 -36.59
C TYR B 149 -18.55 -9.34 -37.42
N TYR B 150 -19.49 -8.68 -36.74
CA TYR B 150 -20.55 -7.96 -37.43
C TYR B 150 -20.06 -6.59 -37.93
N VAL B 151 -20.38 -6.28 -39.18
CA VAL B 151 -19.99 -5.00 -39.79
C VAL B 151 -21.20 -4.10 -39.98
N THR B 152 -20.97 -2.78 -39.90
CA THR B 152 -22.02 -1.78 -40.05
C THR B 152 -21.46 -0.55 -40.75
N VAL B 153 -22.10 -0.12 -41.84
CA VAL B 153 -21.67 1.05 -42.61
C VAL B 153 -22.86 1.98 -42.78
N ILE B 154 -22.58 3.29 -42.85
CA ILE B 154 -23.64 4.28 -42.99
C ILE B 154 -23.30 5.30 -44.10
N GLY B 155 -22.07 5.31 -44.61
CA GLY B 155 -21.76 6.28 -45.65
C GLY B 155 -20.81 5.81 -46.75
N LEU B 156 -21.00 6.43 -47.91
CA LEU B 156 -20.22 6.19 -49.12
C LEU B 156 -20.31 7.42 -50.04
N GLY B 157 -19.18 7.85 -50.58
CA GLY B 157 -19.20 8.99 -51.46
C GLY B 157 -17.89 9.14 -52.20
N GLY B 158 -17.91 9.71 -53.41
CA GLY B 158 -16.71 9.92 -54.20
C GLY B 158 -15.77 10.96 -53.61
N SER B 159 -16.30 11.87 -52.83
CA SER B 159 -15.61 12.94 -52.12
C SER B 159 -16.21 12.95 -50.72
N GLU B 160 -15.76 13.89 -49.89
CA GLU B 160 -16.33 14.00 -48.56
C GLU B 160 -17.61 14.82 -48.56
N LYS B 161 -17.89 15.50 -49.68
CA LYS B 161 -19.10 16.31 -49.81
C LYS B 161 -20.33 15.42 -50.00
N GLN B 162 -20.13 14.21 -50.52
CA GLN B 162 -21.24 13.28 -50.72
C GLN B 162 -21.05 12.04 -49.85
N ALA B 163 -20.16 12.11 -48.86
CA ALA B 163 -19.91 10.99 -47.96
C ALA B 163 -20.83 11.04 -46.74
N GLU B 164 -20.75 12.12 -45.96
CA GLU B 164 -21.59 12.28 -44.78
C GLU B 164 -22.84 13.08 -45.07
N GLU B 165 -22.95 13.63 -46.27
CA GLU B 165 -24.11 14.40 -46.68
C GLU B 165 -24.90 13.64 -47.73
N GLY B 166 -24.27 12.68 -48.39
CA GLY B 166 -24.96 11.89 -49.40
C GLY B 166 -25.87 10.85 -48.76
N GLU B 167 -27.00 10.61 -49.40
CA GLU B 167 -28.00 9.67 -48.88
C GLU B 167 -27.62 8.20 -49.11
N PHE B 168 -27.54 7.44 -48.02
CA PHE B 168 -27.25 6.02 -48.06
C PHE B 168 -27.94 5.32 -46.90
N GLU B 169 -28.67 4.25 -47.22
CA GLU B 169 -29.39 3.44 -46.25
C GLU B 169 -28.45 2.64 -45.37
N THR B 170 -28.88 2.32 -44.14
CA THR B 170 -28.04 1.59 -43.21
C THR B 170 -27.97 0.13 -43.62
N VAL B 171 -26.75 -0.36 -43.86
CA VAL B 171 -26.53 -1.74 -44.27
C VAL B 171 -25.67 -2.46 -43.24
N MET B 172 -26.22 -3.50 -42.65
CA MET B 172 -25.52 -4.33 -41.69
C MET B 172 -25.37 -5.71 -42.29
N LEU B 173 -24.48 -6.50 -41.71
CA LEU B 173 -24.25 -7.86 -42.16
C LEU B 173 -24.04 -8.77 -40.97
N SER B 174 -23.67 -10.00 -41.25
CA SER B 174 -23.41 -11.04 -40.26
C SER B 174 -21.99 -11.51 -40.51
N PRO B 175 -21.38 -12.30 -39.60
CA PRO B 175 -20.03 -12.83 -39.84
C PRO B 175 -20.02 -13.85 -40.98
N ARG B 176 -18.91 -13.83 -41.74
CA ARG B 176 -18.61 -14.62 -42.96
C ARG B 176 -19.73 -14.70 -44.02
N SER B 177 -20.46 -13.59 -44.17
CA SER B 177 -21.56 -13.48 -45.11
C SER B 177 -21.17 -12.68 -46.36
N GLU B 178 -22.12 -12.54 -47.29
CA GLU B 178 -21.96 -11.83 -48.55
C GLU B 178 -23.29 -11.44 -49.14
N GLN B 179 -23.39 -10.20 -49.62
CA GLN B 179 -24.60 -9.68 -50.24
C GLN B 179 -24.28 -8.52 -51.17
N THR B 180 -25.25 -8.17 -52.01
CA THR B 180 -25.12 -7.09 -52.98
C THR B 180 -25.96 -5.88 -52.58
N VAL B 181 -25.32 -4.72 -52.49
CA VAL B 181 -25.97 -3.47 -52.13
C VAL B 181 -25.99 -2.56 -53.35
N LYS B 182 -27.17 -1.98 -53.64
CA LYS B 182 -27.30 -1.09 -54.78
C LYS B 182 -26.69 0.26 -54.45
N SER B 183 -25.74 0.69 -55.28
CA SER B 183 -25.00 1.94 -55.12
C SER B 183 -24.43 2.41 -56.44
N ALA B 184 -24.21 3.73 -56.53
CA ALA B 184 -23.63 4.30 -57.73
C ALA B 184 -22.12 4.06 -57.77
N ASN B 185 -21.55 4.22 -58.96
CA ASN B 185 -20.12 4.02 -59.15
C ASN B 185 -19.30 5.25 -58.78
N TYR B 186 -18.33 5.07 -57.90
CA TYR B 186 -17.43 6.12 -57.45
C TYR B 186 -15.98 5.74 -57.66
N ASN B 187 -15.15 6.74 -57.97
CA ASN B 187 -13.73 6.49 -58.20
C ASN B 187 -13.02 6.24 -56.87
N THR B 188 -13.26 7.09 -55.88
CA THR B 188 -12.65 6.95 -54.56
C THR B 188 -13.77 6.97 -53.53
N PRO B 189 -14.28 5.80 -53.13
CA PRO B 189 -15.38 5.76 -52.15
C PRO B 189 -14.91 6.08 -50.74
N TYR B 190 -15.51 7.12 -50.17
CA TYR B 190 -15.20 7.56 -48.81
C TYR B 190 -16.11 6.84 -47.84
N LEU B 191 -15.67 5.67 -47.39
CA LEU B 191 -16.41 4.86 -46.43
C LEU B 191 -16.43 5.52 -45.07
N SER B 192 -17.51 6.22 -44.76
CA SER B 192 -17.64 6.87 -43.46
C SER B 192 -18.59 5.99 -42.68
N TYR B 193 -18.06 5.31 -41.69
CA TYR B 193 -18.80 4.40 -40.85
C TYR B 193 -18.65 4.84 -39.40
N ILE B 194 -19.24 4.08 -38.47
CA ILE B 194 -19.15 4.37 -37.05
C ILE B 194 -18.44 3.19 -36.43
N ASN B 195 -17.31 3.48 -35.78
CA ASN B 195 -16.49 2.46 -35.15
C ASN B 195 -16.98 2.05 -33.77
N ASP B 196 -16.12 1.34 -33.04
CA ASP B 196 -16.44 0.93 -31.69
C ASP B 196 -16.38 2.09 -30.71
N TYR B 197 -15.68 3.16 -31.05
CA TYR B 197 -15.65 4.28 -30.13
C TYR B 197 -16.89 5.12 -30.35
N GLY B 198 -17.40 5.15 -31.57
CA GLY B 198 -18.55 5.95 -31.93
C GLY B 198 -18.20 7.07 -32.88
N GLY B 199 -16.90 7.27 -33.13
CA GLY B 199 -16.46 8.31 -34.05
C GLY B 199 -16.64 7.91 -35.51
N ARG B 200 -16.24 8.80 -36.41
CA ARG B 200 -16.35 8.52 -37.84
C ARG B 200 -15.03 8.35 -38.57
N PRO B 201 -14.46 7.12 -38.64
CA PRO B 201 -13.22 6.92 -39.39
C PRO B 201 -13.59 6.83 -40.86
N VAL B 202 -13.28 7.88 -41.61
CA VAL B 202 -13.62 7.90 -43.03
C VAL B 202 -12.50 7.22 -43.79
N LEU B 203 -12.60 5.90 -43.93
CA LEU B 203 -11.61 5.10 -44.63
C LEU B 203 -11.77 5.28 -46.13
N SER B 204 -10.88 6.08 -46.71
CA SER B 204 -10.90 6.37 -48.14
C SER B 204 -10.30 5.22 -48.93
N PHE B 205 -11.12 4.55 -49.74
CA PHE B 205 -10.66 3.41 -50.51
C PHE B 205 -9.66 3.63 -51.63
N ILE B 206 -9.02 2.52 -51.99
CA ILE B 206 -8.09 2.46 -53.10
C ILE B 206 -8.73 1.32 -53.87
N CYS B 207 -9.50 1.67 -54.90
CA CYS B 207 -10.21 0.64 -55.64
C CYS B 207 -9.66 0.35 -57.02
N ASN B 208 -10.10 -0.77 -57.59
CA ASN B 208 -9.68 -1.27 -58.89
C ASN B 208 -10.90 -1.65 -59.72
N GLY B 209 -11.95 -0.84 -59.67
CA GLY B 209 -13.17 -1.12 -60.40
C GLY B 209 -14.09 -2.02 -59.60
N SER B 210 -13.74 -3.30 -59.47
CA SER B 210 -14.52 -4.25 -58.69
C SER B 210 -13.62 -4.96 -57.69
N ARG B 211 -12.66 -4.23 -57.13
CA ARG B 211 -11.75 -4.72 -56.10
C ARG B 211 -11.33 -3.48 -55.33
N CYS B 212 -11.98 -3.24 -54.19
CA CYS B 212 -11.71 -2.06 -53.38
C CYS B 212 -11.14 -2.43 -52.02
N SER B 213 -9.98 -1.89 -51.69
CA SER B 213 -9.35 -2.12 -50.39
C SER B 213 -8.46 -0.96 -49.96
N VAL B 214 -7.74 -1.15 -48.86
CA VAL B 214 -6.87 -0.12 -48.32
C VAL B 214 -5.43 -0.59 -48.55
N LYS B 215 -4.53 0.35 -48.80
CA LYS B 215 -3.11 0.03 -49.04
C LYS B 215 -2.39 -0.39 -47.75
N SER C 22 8.93 3.49 -7.09
CA SER C 22 9.61 2.76 -8.15
C SER C 22 8.66 1.78 -8.84
N ASP C 23 7.54 2.29 -9.33
CA ASP C 23 6.57 1.45 -10.01
C ASP C 23 5.94 2.25 -11.14
N VAL C 24 5.19 1.56 -12.01
CA VAL C 24 4.53 2.18 -13.15
C VAL C 24 3.32 3.02 -12.69
N ALA C 25 3.36 4.31 -13.00
CA ALA C 25 2.28 5.23 -12.65
C ALA C 25 1.41 5.33 -13.89
N PHE C 26 0.35 4.54 -13.93
CA PHE C 26 -0.53 4.51 -15.08
C PHE C 26 -2.00 4.45 -14.69
N ARG C 27 -2.84 4.93 -15.60
CA ARG C 27 -4.28 4.90 -15.44
C ARG C 27 -4.92 4.45 -16.74
N GLY C 28 -5.66 3.34 -16.68
CA GLY C 28 -6.34 2.81 -17.85
C GLY C 28 -7.71 3.42 -17.92
N ASN C 29 -7.98 4.15 -19.00
CA ASN C 29 -9.25 4.82 -19.16
C ASN C 29 -9.97 4.54 -20.46
N LEU C 30 -11.26 4.83 -20.48
CA LEU C 30 -12.14 4.67 -21.62
C LEU C 30 -13.23 5.70 -21.44
N LEU C 31 -13.97 5.98 -22.51
CA LEU C 31 -15.03 6.97 -22.49
C LEU C 31 -16.03 6.57 -23.57
N ASP C 32 -17.16 7.28 -23.65
CA ASP C 32 -18.19 7.01 -24.65
C ASP C 32 -18.98 8.28 -24.94
N ARG C 33 -19.70 8.28 -26.06
CA ARG C 33 -20.51 9.41 -26.49
C ARG C 33 -21.87 9.38 -25.79
N PRO C 34 -22.27 10.45 -25.10
CA PRO C 34 -23.59 10.44 -24.43
C PRO C 34 -24.75 10.84 -25.36
N CYS C 35 -25.19 9.85 -26.14
CA CYS C 35 -26.34 10.00 -27.03
C CYS C 35 -27.61 10.16 -26.20
N HIS C 36 -28.27 11.31 -26.32
CA HIS C 36 -29.46 11.54 -25.51
C HIS C 36 -30.57 12.36 -26.14
N VAL C 37 -31.65 12.51 -25.38
CA VAL C 37 -32.85 13.25 -25.77
C VAL C 37 -32.78 14.53 -24.93
N SER C 38 -33.32 15.63 -25.45
CA SER C 38 -33.31 16.89 -24.73
C SER C 38 -34.30 16.88 -23.57
N GLY C 39 -33.93 17.53 -22.46
CA GLY C 39 -34.75 17.59 -21.27
C GLY C 39 -35.76 18.73 -21.27
N ASP C 40 -35.86 19.49 -22.38
CA ASP C 40 -36.80 20.59 -22.46
C ASP C 40 -38.24 20.11 -22.60
N SER C 41 -38.43 18.90 -23.14
CA SER C 41 -39.76 18.34 -23.31
C SER C 41 -40.08 17.42 -22.12
N LEU C 42 -40.15 18.01 -20.94
CA LEU C 42 -40.46 17.28 -19.71
C LEU C 42 -41.92 17.52 -19.37
N ASN C 43 -42.44 18.71 -19.69
CA ASN C 43 -43.83 19.04 -19.43
C ASN C 43 -44.72 18.76 -20.63
N LYS C 44 -44.65 17.54 -21.16
CA LYS C 44 -45.47 17.18 -22.31
C LYS C 44 -46.79 16.53 -21.90
N HIS C 45 -47.53 17.16 -21.00
CA HIS C 45 -48.84 16.66 -20.59
C HIS C 45 -49.89 17.48 -21.31
N VAL C 46 -50.11 17.19 -22.57
CA VAL C 46 -51.10 17.93 -23.34
C VAL C 46 -52.43 17.26 -23.02
N VAL C 47 -53.49 18.05 -22.90
CA VAL C 47 -54.79 17.50 -22.55
C VAL C 47 -55.82 17.68 -23.65
N PHE C 48 -56.97 17.03 -23.49
CA PHE C 48 -58.07 17.11 -24.44
C PHE C 48 -59.30 17.63 -23.71
N LYS C 49 -59.41 18.95 -23.62
CA LYS C 49 -60.54 19.57 -22.94
C LYS C 49 -61.67 19.86 -23.92
N THR C 50 -62.26 18.78 -24.44
CA THR C 50 -63.36 18.86 -25.39
C THR C 50 -64.55 18.13 -24.77
N ARG C 51 -65.74 18.41 -25.30
CA ARG C 51 -66.95 17.80 -24.79
C ARG C 51 -67.24 16.51 -25.54
N ALA C 52 -67.56 15.46 -24.78
CA ALA C 52 -67.85 14.16 -25.38
C ALA C 52 -69.31 14.05 -25.85
N SER C 53 -70.15 15.02 -25.52
CA SER C 53 -71.54 15.00 -25.96
C SER C 53 -71.80 16.07 -26.99
N ARG C 54 -70.76 16.81 -27.39
CA ARG C 54 -70.86 17.85 -28.41
C ARG C 54 -69.97 17.52 -29.60
N ASP C 55 -68.73 17.10 -29.34
CA ASP C 55 -67.77 16.78 -30.38
C ASP C 55 -67.59 15.29 -30.61
N PHE C 56 -68.32 14.44 -29.88
CA PHE C 56 -68.20 13.00 -30.05
C PHE C 56 -69.53 12.27 -30.15
N TRP C 57 -70.66 12.97 -30.10
CA TRP C 57 -71.97 12.32 -30.22
C TRP C 57 -72.59 12.62 -31.58
N TYR C 58 -72.39 13.83 -32.07
CA TYR C 58 -72.85 14.41 -33.33
C TYR C 58 -71.97 13.75 -34.38
N PRO C 59 -72.44 13.53 -35.61
CA PRO C 59 -71.61 12.80 -36.60
C PRO C 59 -70.42 13.56 -37.21
N PRO C 60 -69.93 14.72 -36.69
CA PRO C 60 -68.54 14.98 -36.94
C PRO C 60 -67.90 14.32 -35.71
N GLY C 61 -67.23 13.19 -35.88
CA GLY C 61 -66.64 12.54 -34.73
C GLY C 61 -65.21 12.94 -34.46
N ARG C 62 -64.97 14.18 -34.06
CA ARG C 62 -63.60 14.63 -33.82
C ARG C 62 -63.46 15.75 -32.80
N SER C 63 -62.31 15.77 -32.19
CA SER C 63 -61.77 16.69 -31.19
C SER C 63 -60.77 17.61 -31.89
N PRO C 64 -60.50 18.81 -31.35
CA PRO C 64 -59.49 19.68 -31.98
C PRO C 64 -58.09 19.17 -31.70
N THR C 65 -57.28 19.11 -32.76
CA THR C 65 -55.92 18.56 -32.69
C THR C 65 -54.92 19.32 -31.83
N GLU C 66 -54.00 18.55 -31.23
CA GLU C 66 -52.96 19.07 -30.37
C GLU C 66 -51.60 18.90 -31.04
N SER C 67 -50.80 19.96 -31.03
CA SER C 67 -49.47 19.92 -31.63
C SER C 67 -48.40 19.78 -30.57
N PHE C 68 -47.31 19.11 -30.93
CA PHE C 68 -46.20 18.86 -30.00
C PHE C 68 -44.90 18.67 -30.76
N VAL C 69 -43.87 19.40 -30.34
CA VAL C 69 -42.56 19.33 -30.96
C VAL C 69 -41.61 18.64 -29.98
N ILE C 70 -40.80 17.71 -30.48
CA ILE C 70 -39.87 16.94 -29.65
C ILE C 70 -38.43 17.22 -30.05
N ARG C 71 -37.66 17.76 -29.11
CA ARG C 71 -36.25 18.09 -29.31
C ARG C 71 -35.35 16.98 -28.79
N LEU C 72 -34.23 16.77 -29.48
CA LEU C 72 -33.22 15.79 -29.05
C LEU C 72 -31.81 16.34 -29.31
N GLU C 73 -31.12 16.67 -28.22
CA GLU C 73 -29.78 17.22 -28.29
C GLU C 73 -28.72 16.23 -28.76
N ASN C 74 -27.74 16.74 -29.50
CA ASN C 74 -26.65 15.91 -30.01
C ASN C 74 -25.33 16.67 -30.09
N CYS C 75 -24.35 16.04 -30.74
CA CYS C 75 -23.02 16.60 -30.93
C CYS C 75 -22.92 16.86 -32.42
N HIS C 76 -23.53 16.00 -33.24
CA HIS C 76 -23.50 16.12 -34.68
C HIS C 76 -24.86 15.80 -35.25
N ALA C 77 -25.29 16.59 -36.23
CA ALA C 77 -26.60 16.38 -36.83
C ALA C 77 -26.58 16.44 -38.35
N THR C 78 -25.60 15.79 -39.00
CA THR C 78 -25.54 15.80 -40.45
C THR C 78 -26.58 14.83 -41.01
N ALA C 79 -26.97 13.83 -40.23
CA ALA C 79 -28.00 12.85 -40.55
C ALA C 79 -29.01 12.86 -39.42
N VAL C 80 -30.25 12.48 -39.73
CA VAL C 80 -31.30 12.47 -38.71
C VAL C 80 -31.78 11.05 -38.47
N GLY C 81 -32.33 10.42 -39.51
CA GLY C 81 -32.85 9.07 -39.39
C GLY C 81 -31.81 7.98 -39.40
N LYS C 82 -30.56 8.32 -39.72
CA LYS C 82 -29.49 7.33 -39.78
C LYS C 82 -28.87 7.04 -38.42
N ILE C 83 -29.32 7.71 -37.36
CA ILE C 83 -28.80 7.49 -36.03
C ILE C 83 -29.92 6.88 -35.21
N VAL C 84 -31.06 7.58 -35.06
CA VAL C 84 -32.21 7.09 -34.31
C VAL C 84 -33.43 7.08 -35.23
N THR C 85 -34.12 5.95 -35.29
CA THR C 85 -35.32 5.80 -36.09
C THR C 85 -36.54 5.85 -35.16
N LEU C 86 -37.55 6.65 -35.54
CA LEU C 86 -38.75 6.77 -34.72
C LEU C 86 -39.86 5.89 -35.29
N THR C 87 -40.53 5.16 -34.39
CA THR C 87 -41.64 4.25 -34.67
C THR C 87 -42.42 4.27 -33.36
N PHE C 88 -43.74 4.20 -33.45
CA PHE C 88 -44.62 4.21 -32.28
C PHE C 88 -45.51 2.97 -32.28
N LYS C 89 -46.02 2.63 -31.10
CA LYS C 89 -46.92 1.51 -30.91
C LYS C 89 -47.89 1.76 -29.76
N GLY C 90 -48.58 0.72 -29.33
CA GLY C 90 -49.52 0.84 -28.23
C GLY C 90 -50.71 -0.07 -28.42
N THR C 91 -51.62 0.00 -27.46
CA THR C 91 -52.86 -0.77 -27.48
C THR C 91 -53.81 -0.28 -28.57
N GLU C 92 -53.79 -0.96 -29.72
CA GLU C 92 -54.63 -0.59 -30.85
C GLU C 92 -56.11 -0.89 -30.61
N GLU C 93 -56.97 -0.03 -31.14
CA GLU C 93 -58.41 -0.21 -31.01
C GLU C 93 -58.86 -1.34 -31.92
N ALA C 94 -59.73 -2.22 -31.40
CA ALA C 94 -60.20 -3.37 -32.17
C ALA C 94 -61.18 -2.94 -33.27
N ALA C 95 -62.06 -1.99 -32.98
CA ALA C 95 -63.04 -1.51 -33.95
C ALA C 95 -62.54 -0.33 -34.77
N LEU C 96 -61.26 0.01 -34.68
CA LEU C 96 -60.69 1.12 -35.43
C LEU C 96 -59.26 0.87 -35.88
N PRO C 97 -59.04 0.66 -37.18
CA PRO C 97 -57.66 0.44 -37.67
C PRO C 97 -56.94 1.77 -37.78
N GLY C 98 -55.73 1.81 -37.25
CA GLY C 98 -54.94 3.02 -37.26
C GLY C 98 -55.15 3.90 -36.07
N HIS C 99 -56.02 3.50 -35.14
CA HIS C 99 -56.32 4.25 -33.94
C HIS C 99 -56.12 3.37 -32.72
N LEU C 100 -55.75 3.99 -31.61
CA LEU C 100 -55.49 3.26 -30.38
C LEU C 100 -56.66 3.20 -29.40
N LYS C 101 -56.64 2.19 -28.54
CA LYS C 101 -57.67 2.00 -27.53
C LYS C 101 -57.43 2.94 -26.35
N VAL C 102 -58.47 3.64 -25.92
CA VAL C 102 -58.38 4.59 -24.82
C VAL C 102 -58.99 3.95 -23.57
N THR C 103 -58.46 4.31 -22.40
CA THR C 103 -58.93 3.81 -21.12
C THR C 103 -59.94 4.80 -20.52
N GLY C 104 -60.31 4.59 -19.25
CA GLY C 104 -61.25 5.50 -18.61
C GLY C 104 -62.69 5.03 -18.73
N VAL C 105 -63.60 6.02 -18.82
CA VAL C 105 -65.02 5.72 -18.94
C VAL C 105 -65.40 5.32 -20.35
N ASN C 106 -64.55 5.62 -21.33
CA ASN C 106 -64.81 5.26 -22.73
C ASN C 106 -64.04 4.00 -23.09
N ALA C 107 -64.58 2.85 -22.71
CA ALA C 107 -63.96 1.55 -22.97
C ALA C 107 -64.17 1.19 -24.43
N GLY C 108 -63.20 1.55 -25.28
CA GLY C 108 -63.28 1.27 -26.69
C GLY C 108 -64.28 2.09 -27.47
N ARG C 109 -64.62 3.28 -26.98
CA ARG C 109 -65.58 4.14 -27.65
C ARG C 109 -64.90 5.26 -28.43
N LEU C 110 -63.61 5.48 -28.23
CA LEU C 110 -62.85 6.51 -28.92
C LEU C 110 -61.58 5.96 -29.54
N GLY C 111 -61.02 6.71 -30.49
CA GLY C 111 -59.80 6.31 -31.17
C GLY C 111 -58.87 7.48 -31.42
N ILE C 112 -57.60 7.34 -31.05
CA ILE C 112 -56.62 8.41 -31.23
C ILE C 112 -56.00 8.34 -32.61
N ALA C 113 -56.22 9.38 -33.41
CA ALA C 113 -55.67 9.47 -34.76
C ALA C 113 -54.45 10.38 -34.73
N LEU C 114 -53.27 9.80 -34.92
CA LEU C 114 -52.02 10.55 -34.91
C LEU C 114 -51.57 10.90 -36.32
N LEU C 115 -51.30 12.19 -36.54
CA LEU C 115 -50.84 12.69 -37.82
C LEU C 115 -49.32 12.74 -37.78
N ASP C 116 -48.70 12.73 -38.96
CA ASP C 116 -47.24 12.79 -39.04
C ASP C 116 -46.71 14.22 -38.98
N THR C 117 -45.42 14.39 -39.30
CA THR C 117 -44.80 15.71 -39.27
C THR C 117 -45.26 16.59 -40.42
N ASP C 118 -45.76 15.98 -41.51
CA ASP C 118 -46.28 16.75 -42.63
C ASP C 118 -47.77 16.95 -42.38
N GLY C 119 -48.35 16.15 -41.47
CA GLY C 119 -49.74 16.27 -41.11
C GLY C 119 -50.74 15.72 -42.13
N SER C 120 -50.32 14.81 -42.98
CA SER C 120 -51.23 14.28 -43.99
C SER C 120 -51.55 12.80 -43.77
N SER C 121 -50.54 11.97 -43.62
CA SER C 121 -50.70 10.53 -43.47
C SER C 121 -51.22 10.05 -42.12
N LEU C 122 -52.31 9.27 -42.16
CA LEU C 122 -52.88 8.67 -40.95
C LEU C 122 -52.29 7.27 -40.86
N LEU C 123 -51.01 7.21 -40.51
CA LEU C 123 -50.26 5.96 -40.42
C LEU C 123 -50.68 5.08 -39.24
N LYS C 124 -50.31 3.80 -39.33
CA LYS C 124 -50.57 2.68 -38.44
C LYS C 124 -49.72 2.62 -37.16
N PRO C 125 -50.27 2.07 -36.05
CA PRO C 125 -49.48 1.93 -34.81
C PRO C 125 -48.50 0.79 -34.90
N GLY C 126 -47.33 1.05 -35.48
CA GLY C 126 -46.32 0.00 -35.63
C GLY C 126 -45.55 0.15 -36.91
N THR C 127 -45.98 1.06 -37.78
CA THR C 127 -45.26 1.33 -39.02
C THR C 127 -44.40 2.54 -38.72
N SER C 128 -43.37 2.75 -39.53
CA SER C 128 -42.49 3.89 -39.28
C SER C 128 -42.71 5.00 -40.29
N HIS C 129 -42.30 6.21 -39.90
CA HIS C 129 -42.45 7.38 -40.76
C HIS C 129 -41.31 7.40 -41.76
N ASN C 130 -41.61 7.80 -43.00
CA ASN C 130 -40.60 7.88 -44.05
C ASN C 130 -39.67 9.07 -43.77
N LYS C 131 -38.40 8.76 -43.54
CA LYS C 131 -37.39 9.76 -43.21
C LYS C 131 -36.98 10.60 -44.41
N GLY C 132 -36.46 11.79 -44.12
CA GLY C 132 -36.00 12.73 -45.12
C GLY C 132 -36.80 14.01 -45.16
N GLN C 133 -38.05 13.98 -44.70
CA GLN C 133 -38.92 15.14 -44.69
C GLN C 133 -39.49 15.45 -43.31
N GLY C 134 -39.76 16.73 -43.06
CA GLY C 134 -40.32 17.21 -41.81
C GLY C 134 -39.41 17.16 -40.59
N GLU C 135 -38.12 16.92 -40.78
CA GLU C 135 -37.16 16.84 -39.69
C GLU C 135 -36.35 18.12 -39.58
N LYS C 136 -36.70 18.97 -38.62
CA LYS C 136 -36.04 20.26 -38.41
C LYS C 136 -34.65 20.15 -37.81
N VAL C 137 -33.62 20.33 -38.63
CA VAL C 137 -32.24 20.26 -38.16
C VAL C 137 -31.84 21.64 -37.65
N THR C 138 -32.10 21.92 -36.38
CA THR C 138 -31.77 23.19 -35.75
C THR C 138 -30.46 23.10 -35.00
N GLY C 139 -29.35 23.07 -35.75
CA GLY C 139 -28.04 22.97 -35.14
C GLY C 139 -27.75 21.55 -34.69
N ASN C 140 -27.73 21.31 -33.38
CA ASN C 140 -27.48 20.00 -32.83
C ASN C 140 -28.74 19.42 -32.20
N SER C 141 -29.82 20.18 -32.18
CA SER C 141 -31.09 19.73 -31.63
C SER C 141 -32.07 19.53 -32.79
N LEU C 142 -32.63 18.35 -32.87
CA LEU C 142 -33.56 17.98 -33.94
C LEU C 142 -35.01 18.15 -33.52
N GLU C 143 -35.63 19.22 -34.00
CA GLU C 143 -37.02 19.46 -33.65
C GLU C 143 -37.94 18.62 -34.53
N LEU C 144 -39.07 18.19 -33.96
CA LEU C 144 -40.03 17.37 -34.69
C LEU C 144 -41.47 17.67 -34.30
N PRO C 145 -42.11 18.61 -34.99
CA PRO C 145 -43.52 18.92 -34.67
C PRO C 145 -44.48 17.90 -35.27
N PHE C 146 -45.58 17.67 -34.56
CA PHE C 146 -46.61 16.73 -34.99
C PHE C 146 -48.02 17.24 -34.72
N GLY C 147 -48.99 16.34 -34.86
CA GLY C 147 -50.38 16.68 -34.62
C GLY C 147 -51.14 15.42 -34.27
N ALA C 148 -52.09 15.53 -33.35
CA ALA C 148 -52.87 14.38 -32.93
C ALA C 148 -54.25 14.80 -32.44
N TYR C 149 -55.27 14.06 -32.89
CA TYR C 149 -56.66 14.31 -32.48
C TYR C 149 -57.37 12.99 -32.27
N VAL C 150 -58.34 13.00 -31.36
CA VAL C 150 -59.11 11.80 -31.06
C VAL C 150 -60.30 11.73 -32.01
N VAL C 151 -60.48 10.59 -32.66
CA VAL C 151 -61.59 10.39 -33.59
C VAL C 151 -62.57 9.53 -32.82
N ALA C 152 -63.82 9.50 -33.26
CA ALA C 152 -64.82 8.70 -32.59
C ALA C 152 -64.96 7.34 -33.27
N THR C 153 -65.18 6.31 -32.46
CA THR C 153 -65.36 4.96 -33.00
C THR C 153 -66.80 4.87 -33.52
N PRO C 154 -67.02 4.29 -34.70
CA PRO C 154 -68.40 4.21 -35.25
C PRO C 154 -69.38 3.28 -34.53
N GLU C 155 -68.93 2.46 -33.57
CA GLU C 155 -69.87 1.61 -32.84
C GLU C 155 -70.54 2.44 -31.75
N ALA C 156 -69.90 3.54 -31.34
CA ALA C 156 -70.42 4.42 -30.31
C ALA C 156 -70.74 5.83 -30.81
N LEU C 157 -70.43 6.15 -32.07
CA LEU C 157 -70.72 7.48 -32.59
C LEU C 157 -72.18 7.61 -33.01
N ARG C 158 -72.71 6.60 -33.71
CA ARG C 158 -74.09 6.65 -34.15
C ARG C 158 -75.06 6.34 -33.03
N THR C 159 -74.68 5.45 -32.11
CA THR C 159 -75.54 5.07 -31.00
C THR C 159 -75.49 6.04 -29.83
N LYS C 160 -74.51 6.97 -29.85
CA LYS C 160 -74.23 8.02 -28.84
C LYS C 160 -74.03 7.47 -27.42
N SER C 161 -73.34 6.34 -27.32
CA SER C 161 -73.08 5.65 -26.07
C SER C 161 -71.77 6.11 -25.40
N VAL C 162 -71.15 7.17 -25.90
CA VAL C 162 -69.89 7.67 -25.36
C VAL C 162 -70.12 8.34 -24.02
N VAL C 163 -69.52 7.78 -22.97
CA VAL C 163 -69.64 8.31 -21.61
C VAL C 163 -68.80 9.57 -21.45
N PRO C 164 -69.40 10.72 -21.07
CA PRO C 164 -68.63 11.95 -20.89
C PRO C 164 -67.87 11.93 -19.57
N GLY C 165 -66.54 11.91 -19.66
CA GLY C 165 -65.74 11.90 -18.45
C GLY C 165 -64.25 11.86 -18.67
N ASP C 166 -63.56 11.05 -17.85
CA ASP C 166 -62.11 10.93 -17.91
C ASP C 166 -61.68 9.80 -18.84
N TYR C 167 -60.65 10.07 -19.65
CA TYR C 167 -60.11 9.07 -20.56
C TYR C 167 -58.61 9.30 -20.64
N GLU C 168 -57.84 8.35 -20.09
CA GLU C 168 -56.39 8.45 -20.07
C GLU C 168 -55.77 7.64 -21.20
N ALA C 169 -54.82 8.24 -21.91
CA ALA C 169 -54.16 7.57 -23.02
C ALA C 169 -52.67 7.88 -23.00
N THR C 170 -51.86 6.83 -23.18
CA THR C 170 -50.41 6.95 -23.22
C THR C 170 -49.87 5.89 -24.16
N ALA C 171 -49.24 6.34 -25.26
CA ALA C 171 -48.69 5.44 -26.26
C ALA C 171 -47.18 5.37 -26.16
N THR C 172 -46.63 4.20 -26.44
CA THR C 172 -45.19 4.03 -26.38
C THR C 172 -44.57 4.55 -27.68
N PHE C 173 -43.28 4.87 -27.61
CA PHE C 173 -42.53 5.39 -28.75
C PHE C 173 -41.18 4.69 -28.81
N GLU C 174 -41.05 3.70 -29.69
CA GLU C 174 -39.77 3.00 -29.80
C GLU C 174 -38.74 3.79 -30.61
N LEU C 175 -37.79 4.38 -29.91
CA LEU C 175 -36.76 5.19 -30.56
C LEU C 175 -35.52 4.35 -30.79
N THR C 176 -35.65 3.40 -31.73
CA THR C 176 -34.55 2.52 -32.10
C THR C 176 -33.30 3.15 -32.70
N TYR C 177 -32.18 2.93 -32.05
CA TYR C 177 -30.91 3.46 -32.53
C TYR C 177 -30.37 2.64 -33.69
N ARG C 178 -29.98 3.32 -34.75
CA ARG C 178 -29.41 2.63 -35.90
C ARG C 178 -27.94 2.30 -35.66
N TRP D 21 71.00 -13.49 28.05
CA TRP D 21 70.48 -13.37 26.69
C TRP D 21 68.97 -13.42 26.66
N ASN D 22 68.37 -12.98 25.55
CA ASN D 22 66.92 -12.98 25.37
C ASN D 22 66.52 -13.32 23.94
N ASN D 23 66.26 -14.59 23.66
CA ASN D 23 65.85 -15.00 22.33
C ASN D 23 64.35 -15.24 22.33
N ILE D 24 63.65 -14.56 21.44
CA ILE D 24 62.18 -14.63 21.35
C ILE D 24 61.78 -14.88 19.90
N VAL D 25 61.02 -15.95 19.65
CA VAL D 25 60.48 -16.28 18.34
C VAL D 25 58.96 -16.33 18.50
N PHE D 26 58.24 -16.00 17.43
CA PHE D 26 56.78 -15.92 17.46
C PHE D 26 56.03 -17.08 16.82
N TYR D 27 54.78 -17.28 17.26
CA TYR D 27 53.87 -18.30 16.75
C TYR D 27 52.60 -17.63 16.25
N SER D 28 52.24 -17.89 15.00
CA SER D 28 51.06 -17.32 14.38
C SER D 28 50.19 -18.43 13.82
N LEU D 29 48.90 -18.41 14.15
CA LEU D 29 47.90 -19.42 13.74
C LEU D 29 47.66 -19.59 12.24
N GLY D 30 46.93 -20.64 11.90
CA GLY D 30 46.60 -20.94 10.52
C GLY D 30 45.11 -21.20 10.34
N ASP D 31 44.28 -20.45 11.04
CA ASP D 31 42.84 -20.65 11.01
C ASP D 31 42.04 -19.62 10.23
N VAL D 32 41.07 -20.11 9.47
CA VAL D 32 40.14 -19.30 8.66
C VAL D 32 38.74 -19.77 9.03
N ASN D 33 37.89 -18.84 9.46
CA ASN D 33 36.56 -19.18 9.91
C ASN D 33 35.38 -18.53 9.18
N SER D 34 34.19 -19.09 9.39
CA SER D 34 32.97 -18.56 8.81
C SER D 34 32.00 -18.16 9.91
N TYR D 35 31.08 -17.25 9.56
CA TYR D 35 30.09 -16.66 10.45
C TYR D 35 29.06 -15.89 9.61
N GLN D 36 27.82 -15.78 10.14
CA GLN D 36 26.75 -15.06 9.47
C GLN D 36 25.64 -14.55 10.39
N GLY D 37 25.28 -13.29 10.23
CA GLY D 37 24.23 -12.65 11.00
C GLY D 37 22.87 -12.76 10.35
N GLY D 38 22.81 -12.55 9.03
CA GLY D 38 21.58 -12.62 8.27
C GLY D 38 21.14 -11.25 7.77
N ASN D 39 19.86 -10.95 7.96
CA ASN D 39 19.28 -9.66 7.54
C ASN D 39 18.77 -8.85 8.73
N VAL D 40 19.46 -7.74 9.02
CA VAL D 40 19.13 -6.87 10.14
C VAL D 40 18.70 -5.52 9.54
N VAL D 41 17.68 -4.89 10.17
CA VAL D 41 17.13 -3.60 9.76
C VAL D 41 18.13 -2.57 10.29
N ILE D 42 18.20 -1.39 9.66
CA ILE D 42 19.12 -0.30 10.03
C ILE D 42 18.83 0.31 11.42
N THR D 43 17.60 0.17 11.93
CA THR D 43 17.29 0.71 13.25
C THR D 43 17.80 -0.24 14.31
N GLN D 44 17.92 -1.52 13.97
CA GLN D 44 18.42 -2.53 14.89
C GLN D 44 19.93 -2.63 14.72
N ARG D 45 20.59 -3.31 15.65
CA ARG D 45 22.03 -3.48 15.59
C ARG D 45 22.40 -4.93 15.89
N PRO D 46 23.48 -5.44 15.26
CA PRO D 46 23.85 -6.85 15.51
C PRO D 46 24.86 -7.08 16.61
N GLN D 47 25.04 -8.36 16.93
CA GLN D 47 25.99 -8.85 17.92
C GLN D 47 26.77 -9.97 17.25
N PHE D 48 28.00 -10.20 17.69
CA PHE D 48 28.79 -11.24 17.06
C PHE D 48 29.76 -11.99 17.94
N ILE D 49 29.97 -13.27 17.59
CA ILE D 49 30.90 -14.13 18.29
C ILE D 49 32.34 -13.87 17.83
N THR D 50 33.25 -13.73 18.78
CA THR D 50 34.68 -13.59 18.53
C THR D 50 35.27 -14.77 19.26
N SER D 51 35.29 -15.91 18.57
CA SER D 51 35.75 -17.17 19.15
C SER D 51 37.26 -17.29 19.26
N TRP D 52 37.74 -17.73 20.42
CA TRP D 52 39.17 -17.93 20.64
C TRP D 52 39.56 -19.23 19.95
N ARG D 53 40.68 -19.21 19.24
CA ARG D 53 41.11 -20.38 18.48
C ARG D 53 42.33 -21.15 18.95
N PRO D 54 42.17 -22.38 19.46
CA PRO D 54 43.34 -23.21 19.82
C PRO D 54 43.75 -24.08 18.63
N GLY D 55 44.19 -23.41 17.55
CA GLY D 55 44.57 -24.08 16.32
C GLY D 55 46.05 -24.37 16.19
N ILE D 56 46.47 -24.60 14.95
CA ILE D 56 47.86 -24.90 14.65
C ILE D 56 48.59 -23.59 14.34
N ALA D 57 49.72 -23.37 15.00
CA ALA D 57 50.47 -22.16 14.80
C ALA D 57 51.65 -22.40 13.85
N THR D 58 52.16 -21.31 13.30
CA THR D 58 53.27 -21.32 12.37
C THR D 58 54.25 -20.23 12.82
N VAL D 59 55.55 -20.52 12.71
CA VAL D 59 56.57 -19.57 13.10
C VAL D 59 56.70 -18.53 12.00
N THR D 60 56.82 -17.25 12.39
CA THR D 60 56.99 -16.15 11.45
C THR D 60 58.08 -15.22 11.94
N TRP D 61 58.94 -15.72 12.83
CA TRP D 61 60.01 -14.91 13.39
C TRP D 61 61.21 -15.76 13.76
N ASN D 62 62.40 -15.33 13.33
CA ASN D 62 63.63 -16.07 13.59
C ASN D 62 64.79 -15.21 14.13
N GLN D 63 64.86 -15.10 15.47
CA GLN D 63 65.91 -14.37 16.14
C GLN D 63 66.62 -15.25 17.14
N CYS D 64 67.92 -15.04 17.30
CA CYS D 64 68.73 -15.83 18.23
C CYS D 64 69.98 -15.07 18.66
N ASN D 65 70.15 -14.89 19.97
CA ASN D 65 71.30 -14.18 20.49
C ASN D 65 72.11 -15.04 21.45
N GLY D 66 71.46 -15.96 22.16
CA GLY D 66 72.15 -16.82 23.09
C GLY D 66 72.56 -18.12 22.46
N PRO D 67 72.13 -19.26 23.03
CA PRO D 67 72.48 -20.56 22.44
C PRO D 67 71.60 -20.85 21.25
N GLY D 68 72.16 -21.59 20.30
CA GLY D 68 71.43 -21.94 19.08
C GLY D 68 70.52 -23.14 19.30
N PHE D 69 71.08 -24.27 19.70
CA PHE D 69 70.30 -25.47 19.92
C PHE D 69 69.95 -25.60 21.40
N ALA D 70 68.71 -26.03 21.67
CA ALA D 70 68.24 -26.17 23.04
C ALA D 70 68.88 -27.38 23.72
N ASP D 71 69.30 -27.18 24.96
CA ASP D 71 69.92 -28.23 25.76
C ASP D 71 69.07 -28.56 26.97
N GLY D 72 68.68 -27.53 27.73
CA GLY D 72 67.84 -27.64 28.93
C GLY D 72 68.36 -28.46 30.08
N PHE D 73 69.49 -28.05 30.64
CA PHE D 73 70.08 -28.77 31.76
C PHE D 73 70.26 -27.76 32.90
N TRP D 74 70.00 -26.49 32.63
CA TRP D 74 70.07 -25.43 33.62
C TRP D 74 68.69 -24.83 33.65
N ALA D 75 68.20 -24.53 34.85
CA ALA D 75 66.86 -24.00 35.05
C ALA D 75 66.72 -22.55 34.61
N TYR D 76 66.63 -22.32 33.30
CA TYR D 76 66.50 -20.95 32.82
C TYR D 76 65.05 -20.51 32.68
N TYR D 77 64.85 -19.21 32.59
CA TYR D 77 63.54 -18.57 32.53
C TYR D 77 62.71 -18.84 31.27
N ARG D 78 61.38 -18.89 31.46
CA ARG D 78 60.35 -19.12 30.44
C ARG D 78 58.97 -18.62 30.83
N GLU D 79 58.19 -18.20 29.81
CA GLU D 79 56.81 -17.76 29.94
C GLU D 79 56.09 -17.82 28.59
N TYR D 80 54.77 -18.02 28.64
CA TYR D 80 53.98 -18.12 27.41
C TYR D 80 52.65 -17.38 27.50
N ILE D 81 52.45 -16.40 26.62
CA ILE D 81 51.23 -15.61 26.57
C ILE D 81 50.60 -15.65 25.19
N ALA D 82 49.34 -15.24 25.12
CA ALA D 82 48.59 -15.20 23.88
C ALA D 82 48.67 -13.83 23.23
N TRP D 83 48.37 -13.78 21.92
CA TRP D 83 48.40 -12.52 21.17
C TRP D 83 47.34 -12.39 20.08
N VAL D 84 46.29 -11.62 20.37
CA VAL D 84 45.22 -11.33 19.42
C VAL D 84 45.09 -9.81 19.46
N VAL D 85 45.20 -9.17 18.29
CA VAL D 85 45.17 -7.72 18.14
C VAL D 85 44.26 -7.40 16.96
N PHE D 86 43.34 -6.43 17.12
CA PHE D 86 42.41 -6.07 16.07
C PHE D 86 42.38 -4.57 15.83
N PRO D 87 42.26 -4.12 14.57
CA PRO D 87 42.23 -2.67 14.30
C PRO D 87 40.91 -2.01 14.70
N LYS D 88 41.00 -0.78 15.21
CA LYS D 88 39.79 -0.09 15.63
C LYS D 88 38.90 0.46 14.52
N LYS D 89 39.44 0.65 13.32
CA LYS D 89 38.65 1.21 12.24
C LYS D 89 38.99 0.62 10.88
N VAL D 90 37.99 0.05 10.22
CA VAL D 90 38.15 -0.56 8.90
C VAL D 90 37.29 0.12 7.83
N MET D 91 37.09 -0.57 6.71
CA MET D 91 36.32 -0.03 5.58
C MET D 91 35.39 -1.07 4.94
N THR D 92 34.37 -0.60 4.21
CA THR D 92 33.42 -1.49 3.54
C THR D 92 33.39 -1.35 2.00
N GLN D 93 32.58 -2.17 1.34
CA GLN D 93 32.41 -2.18 -0.12
C GLN D 93 32.43 -0.80 -0.82
N ASN D 94 31.75 0.17 -0.25
CA ASN D 94 31.74 1.51 -0.80
C ASN D 94 32.67 2.42 0.01
N GLY D 95 33.60 1.82 0.75
CA GLY D 95 34.57 2.55 1.53
C GLY D 95 34.05 3.27 2.76
N TYR D 96 33.02 2.73 3.42
CA TYR D 96 32.56 3.47 4.58
C TYR D 96 33.38 3.09 5.82
N PRO D 97 33.65 4.06 6.74
CA PRO D 97 34.43 3.73 7.94
C PRO D 97 33.63 2.92 8.95
N LEU D 98 34.03 1.67 9.12
CA LEU D 98 33.33 0.78 10.05
C LEU D 98 33.80 0.97 11.48
N PHE D 99 32.96 1.59 12.29
CA PHE D 99 33.30 1.83 13.69
C PHE D 99 33.09 0.55 14.50
N ILE D 100 34.19 -0.10 14.87
CA ILE D 100 34.10 -1.32 15.67
C ILE D 100 33.86 -0.93 17.12
N GLU D 101 32.73 -1.34 17.67
CA GLU D 101 32.37 -1.04 19.05
C GLU D 101 32.85 -2.15 19.98
N VAL D 102 33.43 -1.75 21.12
CA VAL D 102 33.87 -2.74 22.09
C VAL D 102 32.74 -2.93 23.11
N HIS D 103 32.27 -4.17 23.23
CA HIS D 103 31.15 -4.50 24.09
C HIS D 103 31.58 -5.14 25.41
N ASN D 104 32.33 -6.22 25.35
CA ASN D 104 32.78 -6.93 26.55
C ASN D 104 34.10 -7.63 26.31
N LYS D 105 35.16 -7.13 26.95
CA LYS D 105 36.53 -7.65 26.82
C LYS D 105 36.79 -9.06 27.37
N GLY D 106 35.84 -9.69 28.06
CA GLY D 106 36.05 -11.02 28.59
C GLY D 106 36.86 -10.90 29.87
N SER D 107 37.54 -11.99 30.21
CA SER D 107 38.39 -12.03 31.40
C SER D 107 39.83 -11.62 31.09
N TRP D 108 40.07 -10.93 29.99
CA TRP D 108 41.39 -10.56 29.51
C TRP D 108 41.84 -9.21 30.05
N SER D 109 42.98 -8.73 29.54
CA SER D 109 43.56 -7.47 29.99
C SER D 109 43.88 -6.52 28.85
N GLU D 110 42.99 -5.58 28.58
CA GLU D 110 43.17 -4.61 27.51
C GLU D 110 44.06 -3.47 27.98
N GLU D 111 45.11 -3.18 27.19
CA GLU D 111 46.07 -2.13 27.49
C GLU D 111 46.22 -1.19 26.30
N ASN D 112 47.20 -0.28 26.41
CA ASN D 112 47.59 0.74 25.42
C ASN D 112 46.45 1.66 24.98
N THR D 113 45.98 2.47 25.94
CA THR D 113 44.89 3.42 25.70
C THR D 113 45.21 4.55 24.72
N GLY D 114 46.50 4.81 24.47
CA GLY D 114 46.94 5.84 23.55
C GLY D 114 46.96 5.44 22.07
N ASP D 115 46.22 4.40 21.69
CA ASP D 115 46.14 3.98 20.31
C ASP D 115 44.74 4.35 19.83
N ASN D 116 44.58 4.49 18.52
CA ASN D 116 43.29 4.83 17.94
C ASN D 116 42.91 3.96 16.76
N ASP D 117 43.79 3.08 16.31
CA ASP D 117 43.46 2.23 15.18
C ASP D 117 43.92 0.80 15.36
N SER D 118 44.00 0.35 16.62
CA SER D 118 44.38 -1.01 17.00
C SER D 118 44.01 -1.31 18.45
N TYR D 119 43.56 -2.53 18.71
CA TYR D 119 43.19 -2.94 20.05
C TYR D 119 44.38 -3.71 20.63
N PHE D 120 44.56 -3.63 21.94
CA PHE D 120 45.69 -4.30 22.59
C PHE D 120 45.38 -5.03 23.88
N PHE D 121 45.11 -6.33 23.78
CA PHE D 121 44.83 -7.15 24.93
C PHE D 121 45.75 -8.36 24.95
N LEU D 122 46.10 -8.81 26.15
CA LEU D 122 47.03 -9.91 26.34
C LEU D 122 46.52 -10.80 27.46
N LYS D 123 47.09 -12.00 27.58
CA LYS D 123 46.70 -12.94 28.63
C LYS D 123 47.89 -13.67 29.22
N GLY D 124 48.19 -13.39 30.49
CA GLY D 124 49.27 -14.03 31.19
C GLY D 124 48.80 -15.27 31.91
N TYR D 125 49.08 -16.42 31.35
CA TYR D 125 48.65 -17.68 31.95
C TYR D 125 49.86 -18.53 32.32
N LYS D 126 50.88 -18.55 31.48
CA LYS D 126 52.09 -19.32 31.72
C LYS D 126 53.24 -18.37 32.00
N TRP D 127 53.76 -18.43 33.23
CA TRP D 127 54.87 -17.56 33.62
C TRP D 127 55.73 -18.18 34.70
N ASP D 128 56.92 -17.60 34.86
CA ASP D 128 58.03 -17.98 35.77
C ASP D 128 58.42 -19.48 35.81
N GLU D 129 58.41 -20.11 34.64
CA GLU D 129 58.76 -21.52 34.50
C GLU D 129 60.25 -21.77 34.27
N ARG D 130 60.80 -22.73 35.02
CA ARG D 130 62.20 -23.10 34.85
C ARG D 130 62.26 -24.05 33.65
N ALA D 131 63.25 -23.86 32.79
CA ALA D 131 63.35 -24.65 31.58
C ALA D 131 64.32 -25.82 31.68
N PHE D 132 63.88 -26.94 31.12
CA PHE D 132 64.69 -28.16 31.02
C PHE D 132 64.46 -28.79 29.66
N ASP D 133 64.41 -27.97 28.61
CA ASP D 133 64.12 -28.39 27.24
C ASP D 133 65.30 -28.56 26.29
N ALA D 134 65.39 -29.73 25.67
CA ALA D 134 66.43 -30.04 24.70
C ALA D 134 65.87 -29.88 23.29
N GLY D 135 66.78 -29.85 22.31
CA GLY D 135 66.39 -29.71 20.92
C GLY D 135 67.01 -28.52 20.23
N ASN D 136 66.18 -27.67 19.62
CA ASN D 136 66.64 -26.48 18.92
C ASN D 136 65.85 -25.27 19.39
N LEU D 137 66.56 -24.28 19.94
CA LEU D 137 65.89 -23.08 20.43
C LEU D 137 65.48 -22.15 19.31
N CYS D 138 66.35 -21.94 18.33
CA CYS D 138 66.12 -21.03 17.22
C CYS D 138 66.05 -21.76 15.89
N GLN D 139 64.84 -21.96 15.38
CA GLN D 139 64.62 -22.67 14.12
C GLN D 139 64.10 -21.76 13.00
N LYS D 140 63.81 -22.37 11.86
CA LYS D 140 63.30 -21.76 10.64
C LYS D 140 61.79 -21.48 10.76
N PRO D 141 61.27 -20.50 9.99
CA PRO D 141 59.82 -20.23 10.04
C PRO D 141 58.95 -21.30 9.38
N GLY D 142 59.50 -22.15 8.54
CA GLY D 142 58.69 -23.19 7.92
C GLY D 142 58.51 -24.40 8.82
N GLU D 143 57.69 -24.25 9.87
CA GLU D 143 57.45 -25.31 10.84
C GLU D 143 56.11 -25.10 11.53
N THR D 144 55.43 -26.21 11.85
CA THR D 144 54.14 -26.20 12.52
C THR D 144 54.15 -27.17 13.69
N THR D 145 53.38 -26.83 14.73
CA THR D 145 53.29 -27.65 15.94
C THR D 145 51.86 -27.79 16.42
N ARG D 146 51.55 -28.96 17.00
CA ARG D 146 50.22 -29.23 17.51
C ARG D 146 50.12 -28.83 18.98
N LEU D 147 49.28 -27.84 19.26
CA LEU D 147 49.05 -27.36 20.62
C LEU D 147 47.57 -27.15 20.86
N THR D 148 47.05 -27.77 21.92
CA THR D 148 45.64 -27.69 22.29
C THR D 148 45.44 -26.93 23.61
N GLU D 149 45.09 -25.66 23.52
CA GLU D 149 44.87 -24.83 24.71
C GLU D 149 43.66 -23.91 24.59
N LYS D 150 42.53 -24.35 25.14
CA LYS D 150 41.30 -23.59 25.11
C LYS D 150 41.23 -22.64 26.30
N PHE D 151 40.70 -21.44 26.07
CA PHE D 151 40.59 -20.41 27.09
C PHE D 151 39.24 -19.70 27.03
N ASP D 152 39.15 -18.57 27.75
CA ASP D 152 37.94 -17.75 27.83
C ASP D 152 37.51 -17.14 26.49
N ASP D 153 36.21 -17.18 26.24
CA ASP D 153 35.63 -16.65 25.01
C ASP D 153 35.16 -15.20 25.16
N ILE D 154 35.15 -14.50 24.03
CA ILE D 154 34.78 -13.09 23.92
C ILE D 154 33.51 -13.00 23.07
N ILE D 155 32.62 -12.06 23.41
CA ILE D 155 31.36 -11.81 22.70
C ILE D 155 31.30 -10.30 22.46
N PHE D 156 30.95 -9.89 21.23
CA PHE D 156 30.89 -8.47 20.94
C PHE D 156 29.63 -8.02 20.20
N LYS D 157 29.60 -6.75 19.82
CA LYS D 157 28.51 -6.12 19.06
C LYS D 157 29.17 -4.98 18.29
N VAL D 158 28.41 -4.35 17.38
CA VAL D 158 28.98 -3.26 16.58
C VAL D 158 28.03 -2.09 16.36
N ALA D 159 28.50 -0.87 16.66
CA ALA D 159 27.75 0.35 16.46
C ALA D 159 27.90 0.70 14.99
N LEU D 160 26.96 0.23 14.18
CA LEU D 160 26.96 0.44 12.75
C LEU D 160 26.50 1.86 12.40
N PRO D 161 26.94 2.41 11.25
CA PRO D 161 26.50 3.75 10.85
C PRO D 161 25.03 3.80 10.41
N ALA D 162 24.51 5.02 10.33
CA ALA D 162 23.10 5.24 9.98
C ALA D 162 22.83 5.23 8.47
N ASP D 163 23.46 6.14 7.74
CA ASP D 163 23.22 6.26 6.29
C ASP D 163 23.92 5.17 5.48
N LEU D 164 23.16 4.14 5.11
CA LEU D 164 23.65 3.01 4.32
C LEU D 164 22.77 2.83 3.10
N PRO D 165 23.36 2.48 1.95
CA PRO D 165 22.54 2.25 0.76
C PRO D 165 21.97 0.85 0.74
N LEU D 166 21.21 0.51 -0.29
CA LEU D 166 20.63 -0.81 -0.41
C LEU D 166 21.57 -1.73 -1.16
N GLY D 167 21.26 -3.02 -1.13
CA GLY D 167 22.05 -4.00 -1.82
C GLY D 167 22.69 -5.00 -0.88
N ASP D 168 23.64 -5.76 -1.43
CA ASP D 168 24.37 -6.78 -0.71
C ASP D 168 25.84 -6.40 -0.59
N TYR D 169 26.41 -6.61 0.60
CA TYR D 169 27.80 -6.26 0.87
C TYR D 169 28.59 -7.41 1.48
N SER D 170 29.87 -7.50 1.11
CA SER D 170 30.77 -8.52 1.62
C SER D 170 31.89 -7.89 2.42
N VAL D 171 31.73 -7.88 3.74
CA VAL D 171 32.70 -7.28 4.64
C VAL D 171 33.87 -8.21 4.94
N LYS D 172 35.06 -7.78 4.61
CA LYS D 172 36.29 -8.51 4.84
C LYS D 172 36.91 -8.04 6.15
N ILE D 173 37.28 -8.99 7.01
CA ILE D 173 37.84 -8.67 8.32
C ILE D 173 39.36 -8.86 8.43
N PRO D 174 40.14 -7.80 8.56
CA PRO D 174 41.58 -7.99 8.73
C PRO D 174 41.95 -8.15 10.20
N TYR D 175 42.60 -9.26 10.50
CA TYR D 175 43.00 -9.54 11.87
C TYR D 175 44.22 -10.44 12.00
N THR D 176 44.55 -10.79 13.24
CA THR D 176 45.62 -11.70 13.60
C THR D 176 45.15 -12.46 14.84
N SER D 177 45.82 -13.58 15.10
CA SER D 177 45.51 -14.46 16.23
C SER D 177 46.71 -15.35 16.48
N GLY D 178 47.33 -15.16 17.65
CA GLY D 178 48.54 -15.86 18.06
C GLY D 178 49.33 -15.05 19.09
N MET D 179 50.54 -15.50 19.44
CA MET D 179 51.39 -14.83 20.45
C MET D 179 52.88 -15.20 20.40
N GLN D 180 53.58 -15.00 21.51
CA GLN D 180 55.05 -15.01 21.56
C GLN D 180 55.68 -15.95 22.60
N ARG D 181 56.94 -16.33 22.38
CA ARG D 181 57.69 -17.21 23.28
C ARG D 181 58.82 -16.46 23.99
N HIS D 182 59.52 -17.11 24.93
CA HIS D 182 60.58 -16.46 25.69
C HIS D 182 61.58 -17.39 26.34
N PHE D 183 62.86 -17.08 26.14
CA PHE D 183 63.97 -17.83 26.71
C PHE D 183 65.03 -16.86 27.21
N ALA D 184 65.05 -16.63 28.52
CA ALA D 184 66.03 -15.75 29.15
C ALA D 184 66.90 -16.56 30.08
N SER D 185 67.80 -15.88 30.77
CA SER D 185 68.72 -16.56 31.67
C SER D 185 68.41 -16.42 33.16
N TYR D 186 67.45 -15.57 33.53
CA TYR D 186 67.18 -15.40 34.94
C TYR D 186 65.73 -15.11 35.31
N LEU D 187 65.38 -15.50 36.54
CA LEU D 187 64.04 -15.28 37.08
C LEU D 187 63.83 -13.80 37.39
N GLY D 188 62.78 -13.23 36.82
CA GLY D 188 62.49 -11.82 37.04
C GLY D 188 62.93 -10.93 35.89
N ALA D 189 62.66 -11.37 34.66
CA ALA D 189 63.02 -10.61 33.46
C ALA D 189 61.72 -10.21 32.75
N ARG D 190 61.14 -9.08 33.14
CA ARG D 190 59.90 -8.60 32.54
C ARG D 190 60.19 -7.91 31.21
N PHE D 191 60.34 -8.70 30.17
CA PHE D 191 60.61 -8.18 28.84
C PHE D 191 59.31 -7.80 28.15
N LYS D 192 59.35 -6.72 27.37
CA LYS D 192 58.20 -6.24 26.64
C LYS D 192 58.52 -6.18 25.15
N ILE D 193 57.51 -6.47 24.33
CA ILE D 193 57.63 -6.50 22.88
C ILE D 193 56.95 -5.24 22.34
N PRO D 194 57.60 -4.47 21.45
CA PRO D 194 56.97 -3.27 20.91
C PRO D 194 55.86 -3.60 19.92
N TYR D 195 54.96 -2.63 19.74
CA TYR D 195 53.80 -2.80 18.88
C TYR D 195 53.98 -2.45 17.43
N ASN D 196 54.98 -1.62 17.10
CA ASN D 196 55.21 -1.24 15.70
C ASN D 196 55.83 -2.41 14.94
N VAL D 197 56.68 -3.18 15.62
CA VAL D 197 57.33 -4.35 15.03
C VAL D 197 56.30 -5.48 14.95
N ALA D 198 55.26 -5.44 15.79
CA ALA D 198 54.20 -6.45 15.73
C ALA D 198 53.21 -6.11 14.62
N LYS D 199 52.91 -4.82 14.45
CA LYS D 199 51.94 -4.41 13.45
C LYS D 199 52.53 -4.31 12.05
N THR D 200 53.87 -4.32 11.90
CA THR D 200 54.43 -4.27 10.55
C THR D 200 54.48 -5.62 9.85
N LEU D 201 54.13 -6.69 10.56
CA LEU D 201 54.10 -8.06 10.09
C LEU D 201 53.00 -8.28 9.04
N PRO D 202 53.14 -9.28 8.16
CA PRO D 202 52.08 -9.54 7.17
C PRO D 202 50.84 -10.17 7.79
N ARG D 203 49.75 -10.13 7.05
CA ARG D 203 48.47 -10.65 7.53
C ARG D 203 47.99 -11.87 6.75
N GLU D 204 47.67 -12.93 7.50
CA GLU D 204 47.19 -14.19 6.92
C GLU D 204 45.85 -14.70 7.48
N ASN D 205 45.62 -14.49 8.78
CA ASN D 205 44.44 -15.01 9.48
C ASN D 205 43.10 -14.42 9.11
N GLU D 206 42.26 -15.27 8.48
CA GLU D 206 40.83 -15.11 8.04
C GLU D 206 39.97 -13.82 7.92
N MET D 207 39.28 -13.67 6.77
CA MET D 207 38.20 -12.68 6.59
C MET D 207 36.83 -13.25 6.15
N LEU D 208 35.71 -12.91 6.83
CA LEU D 208 34.36 -13.44 6.46
C LEU D 208 32.95 -12.85 6.86
N PHE D 209 32.49 -11.72 6.31
CA PHE D 209 31.13 -11.31 6.56
C PHE D 209 30.45 -11.02 5.23
N LEU D 210 29.16 -11.31 5.18
CA LEU D 210 28.32 -11.08 4.04
C LEU D 210 27.05 -10.52 4.63
N PHE D 211 26.51 -9.49 3.98
CA PHE D 211 25.31 -8.85 4.50
C PHE D 211 24.53 -8.22 3.36
N LYS D 212 23.22 -8.21 3.52
CA LYS D 212 22.31 -7.59 2.58
C LYS D 212 21.45 -6.63 3.37
N ASN D 213 21.28 -5.42 2.86
CA ASN D 213 20.51 -4.41 3.56
C ASN D 213 19.01 -4.52 3.36
N ILE D 214 18.26 -4.45 4.47
CA ILE D 214 16.81 -4.51 4.39
C ILE D 214 16.33 -3.12 4.03
N GLY D 215 16.75 -2.13 4.81
CA GLY D 215 16.38 -0.74 4.60
C GLY D 215 15.43 -0.27 5.70
N GLY D 216 15.37 1.05 5.85
CA GLY D 216 14.52 1.65 6.85
C GLY D 216 13.46 2.57 6.29
N CYS D 217 13.46 2.76 4.97
CA CYS D 217 12.49 3.59 4.30
C CYS D 217 11.75 2.77 3.26
N ARG D 218 10.58 2.26 3.61
CA ARG D 218 9.79 1.45 2.71
C ARG D 218 8.36 1.97 2.64
N PRO D 219 7.87 2.36 1.43
CA PRO D 219 6.49 2.86 1.32
C PRO D 219 5.40 1.83 1.53
N SER D 220 4.16 2.30 1.49
CA SER D 220 2.99 1.46 1.74
C SER D 220 2.60 0.40 0.71
N ALA D 221 2.24 0.83 -0.51
CA ALA D 221 1.73 -0.10 -1.51
C ALA D 221 2.79 -0.77 -2.38
N GLN D 222 3.59 0.05 -3.10
CA GLN D 222 4.63 -0.34 -4.09
C GLN D 222 4.11 -1.21 -5.23
N SER D 223 2.86 -1.00 -5.62
CA SER D 223 2.23 -1.74 -6.71
C SER D 223 1.60 -0.76 -7.70
N LEU D 224 1.33 0.47 -7.25
CA LEU D 224 0.85 1.66 -7.97
C LEU D 224 -0.33 1.50 -8.92
N GLU D 225 -1.50 1.13 -8.41
CA GLU D 225 -2.66 0.95 -9.25
C GLU D 225 -3.59 2.15 -9.17
N ILE D 226 -3.78 2.83 -10.31
CA ILE D 226 -4.63 4.00 -10.43
C ILE D 226 -5.63 3.68 -11.53
N LYS D 227 -6.93 3.86 -11.25
CA LYS D 227 -7.96 3.55 -12.22
C LYS D 227 -9.15 4.51 -12.23
N HIS D 228 -9.80 4.61 -13.39
CA HIS D 228 -10.99 5.43 -13.64
C HIS D 228 -11.67 4.97 -14.92
N GLY D 229 -13.01 4.85 -14.87
CA GLY D 229 -13.76 4.39 -16.02
C GLY D 229 -14.39 5.38 -16.97
N ASP D 230 -15.52 4.97 -17.55
CA ASP D 230 -16.27 5.73 -18.54
C ASP D 230 -17.02 6.95 -17.98
N LEU D 231 -17.23 7.94 -18.84
CA LEU D 231 -17.92 9.22 -18.58
C LEU D 231 -18.25 9.92 -19.90
N SER D 232 -18.72 11.16 -19.82
CA SER D 232 -19.07 11.95 -21.01
C SER D 232 -17.86 12.73 -21.54
N ILE D 233 -18.08 13.67 -22.45
CA ILE D 233 -16.98 14.46 -23.01
C ILE D 233 -16.86 15.79 -22.27
N ASN D 234 -17.99 16.50 -22.11
CA ASN D 234 -18.05 17.80 -21.45
C ASN D 234 -17.69 17.76 -19.97
N SER D 235 -18.05 16.67 -19.29
CA SER D 235 -17.70 16.47 -17.90
C SER D 235 -16.21 16.18 -17.80
N ALA D 236 -15.67 15.40 -18.75
CA ALA D 236 -14.26 15.01 -18.80
C ALA D 236 -13.30 16.15 -19.10
N ASN D 237 -13.80 17.19 -19.78
CA ASN D 237 -12.98 18.36 -20.09
C ASN D 237 -12.68 19.12 -18.79
N ASN D 238 -11.38 19.16 -18.46
CA ASN D 238 -10.78 19.75 -17.25
C ASN D 238 -11.32 19.09 -15.98
N HIS D 239 -11.45 17.77 -16.02
CA HIS D 239 -11.95 16.98 -14.91
C HIS D 239 -10.78 16.56 -14.04
N TYR D 240 -11.06 16.08 -12.83
CA TYR D 240 -10.05 15.64 -11.89
C TYR D 240 -10.45 14.34 -11.21
N ALA D 241 -9.50 13.43 -11.12
CA ALA D 241 -9.67 12.15 -10.45
C ALA D 241 -8.43 11.95 -9.59
N ALA D 242 -8.63 11.68 -8.30
CA ALA D 242 -7.52 11.53 -7.37
C ALA D 242 -7.21 10.10 -7.01
N GLN D 243 -6.08 9.93 -6.32
CA GLN D 243 -5.54 8.66 -5.85
C GLN D 243 -4.53 8.97 -4.76
N THR D 244 -4.63 8.29 -3.62
CA THR D 244 -3.71 8.55 -2.52
C THR D 244 -2.63 7.49 -2.33
N LEU D 245 -1.47 7.94 -1.85
CA LEU D 245 -0.33 7.07 -1.60
C LEU D 245 0.44 7.51 -0.37
N SER D 246 0.67 6.57 0.55
CA SER D 246 1.40 6.82 1.78
C SER D 246 2.78 6.19 1.77
N VAL D 247 3.62 6.62 2.72
CA VAL D 247 4.99 6.13 2.86
C VAL D 247 5.36 6.22 4.35
N SER D 248 6.01 5.17 4.88
CA SER D 248 6.38 5.13 6.29
C SER D 248 7.83 4.73 6.55
N CYS D 249 8.49 5.52 7.40
CA CYS D 249 9.86 5.24 7.80
C CYS D 249 9.95 5.57 9.29
N ASP D 250 11.14 5.45 9.87
CA ASP D 250 11.26 5.75 11.29
C ASP D 250 12.54 6.49 11.66
N VAL D 251 13.27 7.02 10.68
CA VAL D 251 14.51 7.74 10.96
C VAL D 251 14.33 9.19 10.49
N PRO D 252 14.64 10.19 11.35
CA PRO D 252 14.49 11.59 10.93
C PRO D 252 15.53 12.07 9.93
N ALA D 253 15.12 12.26 8.68
CA ALA D 253 16.02 12.70 7.63
C ALA D 253 15.25 13.48 6.57
N ASN D 254 15.99 14.09 5.65
CA ASN D 254 15.39 14.87 4.58
C ASN D 254 15.28 13.99 3.33
N ILE D 255 14.05 13.56 3.02
CA ILE D 255 13.81 12.66 1.89
C ILE D 255 13.23 13.39 0.67
N ARG D 256 13.71 13.01 -0.52
CA ARG D 256 13.27 13.58 -1.78
C ARG D 256 12.82 12.46 -2.70
N PHE D 257 12.41 12.82 -3.92
CA PHE D 257 11.93 11.87 -4.92
C PHE D 257 12.10 12.44 -6.31
N MET D 258 11.80 11.61 -7.31
CA MET D 258 11.93 12.01 -8.71
C MET D 258 10.88 11.34 -9.58
N LEU D 259 10.28 12.12 -10.49
CA LEU D 259 9.30 11.62 -11.44
C LEU D 259 9.98 11.47 -12.78
N LEU D 260 9.98 10.25 -13.32
CA LEU D 260 10.61 9.97 -14.60
C LEU D 260 9.64 10.07 -15.77
N ARG D 261 10.12 10.61 -16.88
CA ARG D 261 9.30 10.74 -18.07
C ARG D 261 9.31 9.44 -18.86
N ASN D 262 8.16 8.79 -18.97
CA ASN D 262 8.04 7.54 -19.68
C ASN D 262 7.50 7.77 -21.10
N THR D 263 6.35 8.44 -21.20
CA THR D 263 5.74 8.73 -22.49
C THR D 263 6.25 10.06 -23.06
N THR D 264 5.58 10.57 -24.09
CA THR D 264 5.96 11.83 -24.68
C THR D 264 4.73 12.70 -24.90
N PRO D 265 4.82 14.00 -24.64
CA PRO D 265 3.65 14.88 -24.84
C PRO D 265 3.60 15.39 -26.28
N THR D 266 2.39 15.78 -26.69
CA THR D 266 2.17 16.31 -28.02
C THR D 266 2.43 17.81 -28.06
N TYR D 267 1.69 18.57 -27.26
CA TYR D 267 1.88 20.01 -27.22
C TYR D 267 2.95 20.40 -26.20
N SER D 268 3.33 21.67 -26.24
CA SER D 268 4.30 22.22 -25.31
C SER D 268 3.55 23.01 -24.25
N HIS D 269 3.81 22.71 -22.98
CA HIS D 269 3.10 23.39 -21.91
C HIS D 269 4.03 23.96 -20.85
N GLY D 270 5.34 23.79 -20.98
CA GLY D 270 6.26 24.35 -20.02
C GLY D 270 6.58 23.55 -18.77
N LYS D 271 6.32 24.16 -17.61
CA LYS D 271 6.60 23.58 -16.30
C LYS D 271 5.74 22.37 -15.97
N LYS D 272 4.55 22.27 -16.56
CA LYS D 272 3.63 21.17 -16.26
C LYS D 272 4.05 19.82 -16.81
N PHE D 273 4.17 18.84 -15.92
CA PHE D 273 4.54 17.49 -16.29
C PHE D 273 3.30 16.83 -16.88
N SER D 274 3.18 16.88 -18.20
CA SER D 274 2.04 16.30 -18.89
C SER D 274 2.45 14.94 -19.43
N VAL D 275 1.70 13.91 -19.06
CA VAL D 275 1.97 12.54 -19.46
C VAL D 275 1.09 12.25 -20.66
N GLY D 276 1.70 11.82 -21.77
CA GLY D 276 0.95 11.52 -22.97
C GLY D 276 0.22 10.20 -22.85
N LEU D 277 -1.11 10.23 -22.81
CA LEU D 277 -1.88 9.02 -22.69
C LEU D 277 -2.32 8.51 -24.06
N GLY D 278 -1.87 9.15 -25.12
CA GLY D 278 -2.21 8.74 -26.47
C GLY D 278 -3.39 9.55 -27.01
N HIS D 279 -3.52 9.45 -28.36
CA HIS D 279 -4.56 10.07 -29.21
C HIS D 279 -4.66 11.60 -29.06
N GLY D 280 -3.54 12.25 -28.74
CA GLY D 280 -3.56 13.69 -28.55
C GLY D 280 -4.04 14.10 -27.18
N TRP D 281 -3.78 13.29 -26.16
CA TRP D 281 -4.20 13.60 -24.80
C TRP D 281 -3.05 13.58 -23.81
N ASP D 282 -2.57 14.76 -23.44
CA ASP D 282 -1.49 14.89 -22.49
C ASP D 282 -2.09 15.37 -21.18
N SER D 283 -2.44 14.45 -20.29
CA SER D 283 -3.05 14.82 -19.02
C SER D 283 -2.02 15.34 -18.05
N ILE D 284 -2.25 16.53 -17.54
CA ILE D 284 -1.33 17.17 -16.60
C ILE D 284 -1.58 16.57 -15.23
N VAL D 285 -0.50 16.33 -14.49
CA VAL D 285 -0.58 15.72 -13.19
C VAL D 285 -0.68 16.73 -12.06
N SER D 286 -1.15 16.26 -10.90
CA SER D 286 -1.35 17.12 -9.73
C SER D 286 -0.59 16.62 -8.51
N VAL D 287 0.55 17.23 -8.20
CA VAL D 287 1.29 16.81 -7.01
C VAL D 287 0.69 17.61 -5.87
N ASN D 288 -0.40 17.05 -5.31
CA ASN D 288 -1.24 17.61 -4.24
C ASN D 288 -1.75 19.05 -4.44
N GLY D 289 -2.03 19.42 -5.69
CA GLY D 289 -2.55 20.72 -6.03
C GLY D 289 -1.76 21.48 -7.09
N VAL D 290 -0.46 21.24 -7.18
CA VAL D 290 0.36 21.96 -8.14
C VAL D 290 1.19 20.97 -8.95
N ASP D 291 1.52 21.33 -10.19
CA ASP D 291 2.33 20.51 -11.08
C ASP D 291 3.76 20.99 -10.94
N THR D 292 4.46 20.46 -9.93
CA THR D 292 5.84 20.86 -9.67
C THR D 292 6.82 19.74 -9.99
N GLY D 293 6.33 18.51 -10.18
CA GLY D 293 7.22 17.40 -10.48
C GLY D 293 7.78 16.73 -9.24
N GLU D 294 8.58 17.46 -8.47
CA GLU D 294 9.16 16.93 -7.25
C GLU D 294 9.28 18.02 -6.20
N THR D 295 9.31 17.60 -4.93
CA THR D 295 9.43 18.53 -3.81
C THR D 295 10.48 18.04 -2.83
N THR D 296 10.56 18.69 -1.67
CA THR D 296 11.51 18.36 -0.63
C THR D 296 10.87 18.55 0.74
N MET D 297 10.94 17.52 1.57
CA MET D 297 10.36 17.57 2.91
C MET D 297 11.33 16.95 3.91
N ARG D 298 11.14 17.29 5.18
CA ARG D 298 12.00 16.80 6.26
C ARG D 298 11.23 15.96 7.27
N TRP D 299 11.97 15.14 8.00
CA TRP D 299 11.45 14.32 9.08
C TRP D 299 12.23 14.71 10.32
N TYR D 300 11.52 14.91 11.42
CA TYR D 300 12.16 15.25 12.68
C TYR D 300 11.85 14.17 13.70
N LYS D 301 10.87 13.33 13.42
CA LYS D 301 10.45 12.25 14.30
C LYS D 301 10.17 11.04 13.40
N ALA D 302 9.54 10.03 13.96
CA ALA D 302 9.18 8.84 13.20
C ALA D 302 7.74 8.99 12.72
N GLY D 303 7.19 7.96 12.08
CA GLY D 303 5.81 8.03 11.64
C GLY D 303 5.55 7.76 10.17
N THR D 304 4.56 8.46 9.62
CA THR D 304 4.13 8.37 8.22
C THR D 304 3.30 9.59 7.88
N GLN D 305 2.96 9.72 6.60
CA GLN D 305 2.12 10.80 6.08
C GLN D 305 1.16 10.20 5.07
N ASN D 306 0.52 11.08 4.31
CA ASN D 306 -0.38 10.66 3.26
C ASN D 306 -0.16 11.66 2.14
N LEU D 307 -0.19 11.17 0.90
CA LEU D 307 0.11 12.02 -0.25
C LEU D 307 -0.75 11.65 -1.45
N THR D 308 -1.82 12.42 -1.64
CA THR D 308 -2.80 12.22 -2.71
C THR D 308 -2.42 12.75 -4.08
N ILE D 309 -2.01 11.86 -4.98
CA ILE D 309 -1.61 12.23 -6.32
C ILE D 309 -2.71 11.96 -7.34
N GLY D 310 -3.30 13.03 -7.85
CA GLY D 310 -4.31 12.91 -8.86
C GLY D 310 -3.78 13.55 -10.14
N SER D 311 -4.65 13.81 -11.10
CA SER D 311 -4.27 14.46 -12.34
C SER D 311 -5.47 15.13 -12.98
N ARG D 312 -5.22 16.25 -13.67
CA ARG D 312 -6.30 16.95 -14.34
C ARG D 312 -6.52 16.16 -15.62
N LEU D 313 -7.79 15.95 -15.96
CA LEU D 313 -8.11 15.13 -17.14
C LEU D 313 -8.25 15.92 -18.43
N TYR D 314 -7.59 17.08 -18.54
CA TYR D 314 -7.62 17.86 -19.76
C TYR D 314 -6.35 17.56 -20.55
N GLY D 315 -6.51 16.94 -21.71
CA GLY D 315 -5.34 16.60 -22.51
C GLY D 315 -5.38 17.05 -23.96
N GLU D 316 -6.55 17.45 -24.45
CA GLU D 316 -6.71 17.86 -25.83
C GLU D 316 -7.18 19.30 -25.95
N SER D 317 -6.47 20.10 -26.76
CA SER D 317 -6.74 21.51 -27.04
C SER D 317 -7.94 21.79 -27.95
N SER D 318 -9.13 21.36 -27.52
CA SER D 318 -10.47 21.45 -28.13
C SER D 318 -10.71 20.84 -29.52
N LYS D 319 -9.70 20.18 -30.09
CA LYS D 319 -9.85 19.41 -31.32
C LYS D 319 -9.96 17.97 -30.83
N ILE D 320 -11.05 17.69 -30.12
CA ILE D 320 -11.27 16.45 -29.39
C ILE D 320 -11.30 15.15 -30.19
N GLN D 321 -10.28 14.32 -29.97
CA GLN D 321 -10.12 12.99 -30.56
C GLN D 321 -9.94 12.02 -29.41
N PRO D 322 -11.01 11.59 -28.75
CA PRO D 322 -10.86 10.70 -27.60
C PRO D 322 -10.83 9.21 -27.95
N GLY D 323 -10.16 8.44 -27.10
CA GLY D 323 -10.02 7.01 -27.29
C GLY D 323 -9.77 6.34 -25.96
N VAL D 324 -9.44 5.05 -26.04
CA VAL D 324 -9.13 4.25 -24.85
C VAL D 324 -7.68 4.59 -24.51
N LEU D 325 -7.45 5.21 -23.36
CA LEU D 325 -6.12 5.65 -22.95
C LEU D 325 -5.55 4.95 -21.72
N SER D 326 -4.32 4.46 -21.85
CA SER D 326 -3.59 3.81 -20.77
C SER D 326 -2.13 4.25 -20.69
N GLY D 327 -1.89 5.57 -20.72
CA GLY D 327 -0.53 6.08 -20.64
C GLY D 327 0.13 5.87 -19.29
N SER D 328 1.45 5.78 -19.30
CA SER D 328 2.22 5.52 -18.09
C SER D 328 3.30 6.53 -17.70
N ALA D 329 3.76 6.39 -16.47
CA ALA D 329 4.80 7.22 -15.87
C ALA D 329 5.50 6.38 -14.81
N THR D 330 6.55 6.95 -14.22
CA THR D 330 7.32 6.23 -13.20
C THR D 330 7.91 7.20 -12.18
N LEU D 331 7.57 7.02 -10.90
CA LEU D 331 8.09 7.85 -9.83
C LEU D 331 8.82 6.98 -8.83
N LEU D 332 10.04 7.38 -8.49
CA LEU D 332 10.85 6.67 -7.52
C LEU D 332 11.38 7.65 -6.47
N MET D 333 11.86 7.10 -5.36
CA MET D 333 12.36 7.86 -4.24
C MET D 333 13.88 7.82 -4.17
N ILE D 334 14.50 8.99 -3.98
CA ILE D 334 15.94 9.12 -3.85
C ILE D 334 16.36 9.34 -2.39
N LEU D 335 17.29 8.51 -1.92
CA LEU D 335 17.80 8.59 -0.56
C LEU D 335 18.69 9.83 -0.37
N PRO D 336 18.75 10.39 0.86
CA PRO D 336 19.62 11.55 1.09
C PRO D 336 21.11 11.20 1.10
#